data_4QKU
#
_entry.id   4QKU
#
_cell.length_a   73.640
_cell.length_b   110.550
_cell.length_c   116.160
_cell.angle_alpha   90.000
_cell.angle_beta   106.610
_cell.angle_gamma   90.000
#
_symmetry.space_group_name_H-M   'P 1 21 1'
#
loop_
_entity.id
_entity.type
_entity.pdbx_description
1 polymer hydrolase
2 non-polymer 'SODIUM ION'
3 non-polymer 1,2-ETHANEDIOL
4 non-polymer 'SULFATE ION'
5 water water
#
_entity_poly.entity_id   1
_entity_poly.type   'polypeptide(L)'
_entity_poly.pdbx_seq_one_letter_code
;MAHHHHHHMSDTQDWRATLDPARKSWIETANDPACDFPIQNLPFGIFSDAKGARRPGVALGDQIVDLAALARAGLVTLPA
GADVLAAPTLNAFIALGRDAWRSVRVQLSALFSRDDATLRDDAALRAQVLVAQRDATLHLPVEIPGYTDFYSSKEHATNV
GSMFRDPKNALLPNWSEMPIGYNGRASSVVVSGTPVRRPNGQLKLPDQERPVFGACRKLDIELETGFIVGKGNALGEPIA
CEDAEAHIFGMVLLNDWSARDIQQWEYVPLGPFNSKGFATTISPWIVTLDALEPFRVAQPEQSPQPLAYLRHAGKHAFDI
ALEVTLRAEGAAEATSICRTNFRHMYWTMAQQLAHHTVAGCNTRVGDLMGSGTISGPTKDSFGSLLELTWNGKEPVALNG
GGSRTFIEDGDELTLAGWCQGDGYRVGFGTCAGRILPARSA
;
_entity_poly.pdbx_strand_id   A,B,C,D
#
loop_
_chem_comp.id
_chem_comp.type
_chem_comp.name
_chem_comp.formula
EDO non-polymer 1,2-ETHANEDIOL 'C2 H6 O2'
NA non-polymer 'SODIUM ION' 'Na 1'
SO4 non-polymer 'SULFATE ION' 'O4 S -2'
#
# COMPACT_ATOMS: atom_id res chain seq x y z
N TRP A 15 46.49 33.71 15.05
CA TRP A 15 45.20 33.06 15.46
C TRP A 15 45.28 32.26 16.75
N ARG A 16 46.49 31.85 17.13
CA ARG A 16 46.65 31.08 18.35
C ARG A 16 46.40 31.91 19.61
N ALA A 17 46.49 33.24 19.45
CA ALA A 17 46.13 34.19 20.53
C ALA A 17 44.64 34.16 20.86
N THR A 18 43.83 33.81 19.86
CA THR A 18 42.38 33.66 20.05
C THR A 18 42.01 32.43 20.89
N LEU A 19 42.98 31.56 21.19
CA LEU A 19 42.71 30.38 22.05
C LEU A 19 43.01 30.65 23.51
N ASP A 20 43.50 31.86 23.80
CA ASP A 20 43.88 32.25 25.17
C ASP A 20 42.70 32.12 26.15
N PRO A 21 42.82 31.20 27.14
CA PRO A 21 41.76 31.02 28.14
C PRO A 21 41.45 32.25 28.98
N ALA A 22 42.38 33.18 29.08
CA ALA A 22 42.19 34.41 29.83
C ALA A 22 41.32 35.41 29.08
N ARG A 23 41.14 35.23 27.78
CA ARG A 23 40.39 36.20 27.00
C ARG A 23 38.89 36.13 27.37
N LYS A 24 38.24 37.30 27.37
CA LYS A 24 36.84 37.44 27.77
C LYS A 24 36.17 38.46 26.89
N SER A 25 34.83 38.39 26.83
CA SER A 25 34.02 39.31 26.03
C SER A 25 33.21 40.32 26.85
N TRP A 26 32.90 41.46 26.23
CA TRP A 26 31.94 42.42 26.77
C TRP A 26 30.48 41.93 26.58
N ILE A 27 30.30 40.88 25.79
CA ILE A 27 29.07 40.10 25.83
C ILE A 27 29.21 39.15 27.01
N GLU A 28 28.63 39.58 28.13
CA GLU A 28 28.90 38.98 29.43
C GLU A 28 28.48 37.52 29.51
N THR A 29 27.43 37.15 28.78
CA THR A 29 26.95 35.77 28.84
C THR A 29 27.99 34.77 28.32
N ALA A 30 28.93 35.27 27.53
CA ALA A 30 30.00 34.44 26.99
C ALA A 30 30.96 34.00 28.06
N ASN A 31 31.09 34.84 29.08
CA ASN A 31 32.06 34.60 30.16
C ASN A 31 31.51 33.74 31.31
N ASP A 32 30.27 33.26 31.18
CA ASP A 32 29.81 32.25 32.09
C ASP A 32 30.60 30.94 31.81
N PRO A 33 31.17 30.31 32.87
CA PRO A 33 31.96 29.10 32.70
C PRO A 33 31.23 27.99 31.99
N ALA A 34 29.91 27.95 32.16
CA ALA A 34 29.07 26.91 31.55
C ALA A 34 28.63 27.16 30.10
N CYS A 35 28.85 28.37 29.60
CA CYS A 35 28.38 28.75 28.26
C CYS A 35 29.16 27.97 27.22
N ASP A 36 28.43 27.35 26.29
CA ASP A 36 29.03 26.66 25.14
C ASP A 36 29.77 27.59 24.19
N PHE A 37 29.45 28.89 24.24
CA PHE A 37 29.87 29.82 23.22
C PHE A 37 30.69 30.96 23.79
N PRO A 38 31.81 30.64 24.49
CA PRO A 38 32.69 31.70 24.95
C PRO A 38 33.40 32.36 23.78
N ILE A 39 34.24 33.35 24.06
CA ILE A 39 34.99 34.01 23.01
C ILE A 39 36.07 33.08 22.41
N GLN A 40 36.46 32.04 23.17
CA GLN A 40 37.40 31.03 22.69
C GLN A 40 36.85 30.10 21.59
N ASN A 41 35.54 30.04 21.45
CA ASN A 41 34.90 29.09 20.52
C ASN A 41 34.64 29.74 19.15
N LEU A 42 33.58 30.54 19.02
CA LEU A 42 33.24 31.21 17.78
C LEU A 42 32.93 30.25 16.62
N PRO A 43 31.91 29.40 16.78
CA PRO A 43 31.50 28.49 15.71
C PRO A 43 30.69 29.23 14.65
N PHE A 44 30.62 28.66 13.45
CA PHE A 44 29.90 29.29 12.35
C PHE A 44 28.57 28.58 12.12
N GLY A 45 27.56 29.36 11.74
CA GLY A 45 26.28 28.80 11.44
C GLY A 45 25.48 29.66 10.49
N ILE A 46 24.24 29.23 10.27
CA ILE A 46 23.30 29.91 9.42
C ILE A 46 22.03 30.10 10.21
N PHE A 47 21.53 31.34 10.22
CA PHE A 47 20.38 31.69 11.01
C PHE A 47 19.51 32.68 10.28
N SER A 48 18.23 32.66 10.63
CA SER A 48 17.33 33.68 10.19
C SER A 48 16.59 34.23 11.38
N ASP A 49 16.04 35.41 11.18
CA ASP A 49 15.21 36.06 12.17
C ASP A 49 14.17 36.88 11.39
N ALA A 50 13.36 37.65 12.10
CA ALA A 50 12.44 38.58 11.45
C ALA A 50 13.17 39.73 10.70
N LYS A 51 14.40 40.05 11.11
CA LYS A 51 15.19 41.08 10.43
C LYS A 51 15.59 40.67 9.01
N GLY A 52 15.78 39.37 8.76
CA GLY A 52 16.24 38.93 7.44
C GLY A 52 16.29 37.43 7.17
N ALA A 53 16.52 37.10 5.91
CA ALA A 53 16.57 35.72 5.44
C ALA A 53 17.81 35.02 5.95
N ARG A 54 17.83 33.69 5.85
CA ARG A 54 18.92 32.93 6.43
C ARG A 54 20.27 33.38 5.87
N ARG A 55 21.26 33.48 6.75
CA ARG A 55 22.54 34.04 6.40
C ARG A 55 23.56 33.63 7.46
N PRO A 56 24.85 33.84 7.17
CA PRO A 56 25.91 33.42 8.10
C PRO A 56 25.95 34.15 9.41
N GLY A 57 26.20 33.40 10.47
CA GLY A 57 26.39 33.96 11.80
C GLY A 57 27.40 33.21 12.65
N VAL A 58 27.81 33.83 13.77
CA VAL A 58 28.71 33.23 14.74
C VAL A 58 28.10 33.38 16.14
N ALA A 59 28.09 32.28 16.90
CA ALA A 59 27.53 32.28 18.24
C ALA A 59 28.53 32.86 19.22
N LEU A 60 28.02 33.66 20.15
CA LEU A 60 28.83 34.23 21.22
C LEU A 60 27.91 34.53 22.38
N GLY A 61 28.19 33.91 23.52
CA GLY A 61 27.27 33.99 24.65
C GLY A 61 25.89 33.53 24.21
N ASP A 62 24.86 34.30 24.50
CA ASP A 62 23.49 33.97 24.15
C ASP A 62 23.05 34.74 22.90
N GLN A 63 24.04 35.31 22.20
CA GLN A 63 23.80 36.12 21.00
C GLN A 63 24.33 35.43 19.74
N ILE A 64 24.02 36.04 18.60
CA ILE A 64 24.62 35.68 17.31
C ILE A 64 25.13 36.92 16.63
N VAL A 65 26.35 36.80 16.10
CA VAL A 65 26.95 37.84 15.29
C VAL A 65 26.51 37.70 13.83
N ASP A 66 25.88 38.75 13.34
CA ASP A 66 25.39 38.83 11.98
C ASP A 66 26.55 39.25 11.13
N LEU A 67 27.22 38.29 10.50
CA LEU A 67 28.44 38.58 9.71
C LEU A 67 28.21 39.57 8.56
N ALA A 68 27.13 39.42 7.83
CA ALA A 68 26.83 40.34 6.72
C ALA A 68 26.72 41.78 7.22
N ALA A 69 25.94 41.96 8.29
CA ALA A 69 25.71 43.28 8.91
C ALA A 69 27.00 43.86 9.44
N LEU A 70 27.83 43.00 10.01
CA LEU A 70 29.13 43.43 10.50
C LEU A 70 30.02 43.90 9.33
N ALA A 71 29.93 43.19 8.21
CA ALA A 71 30.70 43.56 7.02
C ALA A 71 30.24 44.89 6.43
N ARG A 72 28.92 45.09 6.33
CA ARG A 72 28.39 46.35 5.83
C ARG A 72 28.86 47.54 6.67
N ALA A 73 28.96 47.35 7.98
CA ALA A 73 29.49 48.37 8.90
C ALA A 73 31.01 48.53 8.86
N GLY A 74 31.70 47.75 8.03
CA GLY A 74 33.15 47.84 7.91
C GLY A 74 33.94 47.21 9.04
N LEU A 75 33.28 46.49 9.94
CA LEU A 75 33.93 45.95 11.13
C LEU A 75 34.47 44.51 10.94
N VAL A 76 34.28 43.92 9.77
CA VAL A 76 34.94 42.66 9.42
C VAL A 76 35.15 42.68 7.93
N THR A 77 36.34 42.30 7.48
CA THR A 77 36.62 42.34 6.06
C THR A 77 37.12 40.98 5.59
N LEU A 78 36.80 40.66 4.34
CA LEU A 78 37.16 39.40 3.74
C LEU A 78 37.96 39.71 2.47
N PRO A 79 38.57 38.68 1.84
CA PRO A 79 39.19 38.89 0.53
C PRO A 79 38.24 39.63 -0.40
N ALA A 80 38.76 40.56 -1.19
CA ALA A 80 37.97 41.16 -2.26
C ALA A 80 37.41 40.03 -3.14
N GLY A 81 36.14 40.13 -3.51
CA GLY A 81 35.54 39.14 -4.39
C GLY A 81 34.03 39.12 -4.29
N ALA A 82 33.43 37.99 -4.66
CA ALA A 82 31.98 37.81 -4.57
C ALA A 82 31.58 37.77 -3.09
N ASP A 83 30.37 38.21 -2.79
CA ASP A 83 29.94 38.36 -1.40
C ASP A 83 29.44 37.04 -0.82
N VAL A 84 30.27 36.39 -0.02
CA VAL A 84 29.95 35.07 0.53
C VAL A 84 28.99 35.15 1.73
N LEU A 85 28.72 36.36 2.21
CA LEU A 85 27.91 36.52 3.41
C LEU A 85 26.47 36.86 3.07
N ALA A 86 26.14 36.93 1.79
CA ALA A 86 24.76 37.03 1.33
C ALA A 86 24.16 35.64 1.14
N ALA A 87 25.00 34.61 1.23
CA ALA A 87 24.62 33.26 0.84
C ALA A 87 23.83 32.59 1.93
N PRO A 88 22.85 31.79 1.56
CA PRO A 88 22.05 31.07 2.53
C PRO A 88 22.75 29.87 3.16
N THR A 89 23.97 29.57 2.71
CA THR A 89 24.78 28.56 3.34
C THR A 89 26.19 29.10 3.52
N LEU A 90 26.99 28.36 4.29
CA LEU A 90 28.36 28.74 4.57
C LEU A 90 29.36 28.23 3.50
N ASN A 91 28.88 27.44 2.54
CA ASN A 91 29.77 26.81 1.55
C ASN A 91 30.71 27.79 0.88
N ALA A 92 30.17 28.90 0.38
CA ALA A 92 31.00 29.90 -0.32
C ALA A 92 32.06 30.48 0.61
N PHE A 93 31.68 30.82 1.83
CA PHE A 93 32.63 31.30 2.78
C PHE A 93 33.70 30.24 3.02
N ILE A 94 33.29 29.01 3.28
CA ILE A 94 34.26 27.94 3.56
C ILE A 94 35.22 27.77 2.38
N ALA A 95 34.69 27.79 1.18
CA ALA A 95 35.54 27.62 -0.02
C ALA A 95 36.72 28.61 -0.07
N LEU A 96 36.56 29.80 0.51
CA LEU A 96 37.64 30.79 0.55
C LEU A 96 38.93 30.32 1.24
N GLY A 97 38.87 29.27 2.04
CA GLY A 97 40.09 28.65 2.58
C GLY A 97 40.48 29.10 3.98
N ARG A 98 41.48 28.40 4.51
CA ARG A 98 41.87 28.55 5.90
C ARG A 98 42.36 29.93 6.30
N ASP A 99 43.05 30.62 5.42
CA ASP A 99 43.51 31.96 5.73
C ASP A 99 42.31 32.86 6.02
N ALA A 100 41.24 32.71 5.25
CA ALA A 100 40.04 33.49 5.45
C ALA A 100 39.35 33.14 6.78
N TRP A 101 39.25 31.84 7.07
CA TRP A 101 38.58 31.37 8.29
C TRP A 101 39.27 32.00 9.48
N ARG A 102 40.58 31.96 9.45
CA ARG A 102 41.39 32.52 10.52
C ARG A 102 41.27 34.03 10.56
N SER A 103 41.41 34.67 9.40
CA SER A 103 41.29 36.12 9.38
C SER A 103 40.00 36.56 10.05
N VAL A 104 38.90 35.93 9.67
CA VAL A 104 37.61 36.31 10.25
C VAL A 104 37.60 36.03 11.75
N ARG A 105 38.08 34.85 12.15
CA ARG A 105 38.16 34.52 13.57
C ARG A 105 38.95 35.56 14.37
N VAL A 106 40.09 36.00 13.83
CA VAL A 106 40.95 36.97 14.50
C VAL A 106 40.26 38.32 14.63
N GLN A 107 39.54 38.72 13.60
CA GLN A 107 38.87 40.02 13.67
C GLN A 107 37.72 39.99 14.68
N LEU A 108 37.01 38.86 14.72
CA LEU A 108 35.92 38.72 15.67
C LEU A 108 36.44 38.68 17.11
N SER A 109 37.44 37.83 17.36
CA SER A 109 38.02 37.76 18.70
C SER A 109 38.47 39.12 19.21
N ALA A 110 39.05 39.92 18.32
CA ALA A 110 39.56 41.24 18.71
C ALA A 110 38.42 42.19 19.00
N LEU A 111 37.43 42.21 18.12
CA LEU A 111 36.31 43.11 18.24
C LEU A 111 35.45 42.86 19.49
N PHE A 112 35.30 41.60 19.87
CA PHE A 112 34.40 41.25 20.96
C PHE A 112 35.13 41.02 22.26
N SER A 113 36.43 41.25 22.25
CA SER A 113 37.24 41.29 23.48
C SER A 113 36.80 42.43 24.37
N ARG A 114 36.72 42.12 25.65
CA ARG A 114 36.09 43.00 26.64
C ARG A 114 36.53 44.46 26.55
N ASP A 115 37.81 44.67 26.21
CA ASP A 115 38.43 45.99 26.21
C ASP A 115 38.32 46.77 24.90
N ASP A 116 37.81 46.15 23.82
CA ASP A 116 37.64 46.86 22.55
C ASP A 116 36.30 47.57 22.61
N ALA A 117 36.36 48.90 22.61
CA ALA A 117 35.18 49.75 22.75
C ALA A 117 34.42 49.94 21.45
N THR A 118 35.05 49.63 20.31
CA THR A 118 34.55 50.00 18.99
C THR A 118 33.06 49.64 18.79
N LEU A 119 32.73 48.36 18.92
CA LEU A 119 31.32 47.94 18.80
C LEU A 119 30.62 47.96 20.16
N ARG A 120 31.34 47.67 21.24
CA ARG A 120 30.69 47.53 22.56
C ARG A 120 29.98 48.84 22.97
N ASP A 121 30.59 50.00 22.71
CA ASP A 121 30.00 51.29 23.14
C ASP A 121 29.11 51.95 22.09
N ASP A 122 28.89 51.28 20.96
CA ASP A 122 28.02 51.77 19.90
C ASP A 122 26.66 51.03 19.99
N ALA A 123 25.82 51.45 20.92
CA ALA A 123 24.54 50.79 21.19
C ALA A 123 23.68 50.62 19.95
N ALA A 124 23.58 51.67 19.13
CA ALA A 124 22.76 51.64 17.92
C ALA A 124 23.20 50.53 16.98
N LEU A 125 24.51 50.40 16.81
CA LEU A 125 25.06 49.44 15.87
C LEU A 125 25.01 48.01 16.44
N ARG A 126 25.17 47.86 17.75
CA ARG A 126 24.97 46.57 18.42
C ARG A 126 23.59 46.00 18.20
N ALA A 127 22.60 46.87 18.15
CA ALA A 127 21.23 46.44 17.91
C ALA A 127 21.01 46.02 16.46
N GLN A 128 21.91 46.43 15.57
CA GLN A 128 21.86 46.03 14.16
C GLN A 128 22.65 44.77 13.85
N VAL A 129 23.70 44.47 14.62
CA VAL A 129 24.62 43.39 14.23
C VAL A 129 24.57 42.17 15.13
N LEU A 130 23.84 42.26 16.23
CA LEU A 130 23.70 41.15 17.15
C LEU A 130 22.24 40.77 17.24
N VAL A 131 22.02 39.46 17.31
CA VAL A 131 20.68 38.92 17.34
C VAL A 131 20.68 37.87 18.42
N ALA A 132 19.71 37.95 19.33
CA ALA A 132 19.64 36.98 20.40
C ALA A 132 19.29 35.63 19.80
N GLN A 133 19.95 34.57 20.29
CA GLN A 133 19.67 33.21 19.87
C GLN A 133 18.19 32.88 20.07
N ARG A 134 17.63 33.40 21.16
CA ARG A 134 16.21 33.32 21.47
C ARG A 134 15.30 33.78 20.34
N ASP A 135 15.73 34.78 19.55
CA ASP A 135 14.91 35.29 18.44
C ASP A 135 15.35 34.82 17.05
N ALA A 136 16.13 33.75 16.98
CA ALA A 136 16.68 33.33 15.71
C ALA A 136 16.25 31.92 15.44
N THR A 137 16.29 31.56 14.17
CA THR A 137 16.00 30.22 13.76
C THR A 137 17.24 29.72 13.07
N LEU A 138 17.68 28.52 13.45
CA LEU A 138 18.90 27.96 12.91
C LEU A 138 18.60 26.91 11.85
N HIS A 139 19.42 26.92 10.81
CA HIS A 139 19.23 26.05 9.66
C HIS A 139 20.50 25.25 9.44
N LEU A 140 20.43 24.29 8.54
CA LEU A 140 21.60 23.54 8.13
C LEU A 140 22.70 24.51 7.74
N PRO A 141 23.89 24.39 8.37
CA PRO A 141 24.96 25.36 8.14
C PRO A 141 25.54 25.30 6.74
N VAL A 142 25.52 24.13 6.14
CA VAL A 142 26.01 23.96 4.76
C VAL A 142 25.05 23.19 3.89
N GLU A 143 25.19 23.39 2.58
CA GLU A 143 24.64 22.47 1.59
C GLU A 143 25.58 21.28 1.57
N ILE A 144 25.07 20.10 1.89
CA ILE A 144 25.88 18.88 1.96
C ILE A 144 25.90 18.18 0.59
N PRO A 145 27.02 18.23 -0.13
CA PRO A 145 27.06 17.56 -1.42
C PRO A 145 27.11 16.04 -1.27
N GLY A 146 27.81 15.57 -0.25
CA GLY A 146 27.85 14.14 0.05
C GLY A 146 27.96 13.93 1.55
N TYR A 147 27.48 12.79 2.00
CA TYR A 147 27.54 12.39 3.39
C TYR A 147 28.06 10.95 3.45
N THR A 148 29.18 10.78 4.13
CA THR A 148 29.80 9.50 4.35
C THR A 148 29.79 9.24 5.83
N ASP A 149 29.66 7.98 6.23
CA ASP A 149 29.58 7.62 7.61
C ASP A 149 30.48 6.44 7.92
N PHE A 150 31.32 6.61 8.93
CA PHE A 150 32.34 5.61 9.24
C PHE A 150 31.91 4.68 10.35
N TYR A 151 32.84 4.02 10.99
CA TYR A 151 32.48 2.93 11.90
C TYR A 151 33.59 2.73 12.91
N SER A 152 34.13 3.83 13.41
CA SER A 152 35.49 3.84 13.98
C SER A 152 35.62 3.65 15.52
N SER A 153 34.51 3.39 16.22
CA SER A 153 34.60 3.02 17.63
C SER A 153 34.77 1.50 17.75
N LYS A 154 35.94 1.07 18.21
CA LYS A 154 36.18 -0.35 18.45
C LYS A 154 35.11 -0.99 19.35
N GLU A 155 34.76 -0.30 20.46
CA GLU A 155 33.80 -0.82 21.44
C GLU A 155 32.42 -0.96 20.79
N HIS A 156 31.98 0.04 20.01
CA HIS A 156 30.71 -0.08 19.28
C HIS A 156 30.70 -1.25 18.31
N ALA A 157 31.75 -1.36 17.50
CA ALA A 157 31.85 -2.40 16.49
C ALA A 157 31.92 -3.79 17.15
N THR A 158 32.59 -3.88 18.28
CA THR A 158 32.68 -5.15 19.02
C THR A 158 31.32 -5.52 19.63
N ASN A 159 30.59 -4.54 20.19
CA ASN A 159 29.26 -4.77 20.73
C ASN A 159 28.33 -5.29 19.64
N VAL A 160 28.28 -4.57 18.52
CA VAL A 160 27.34 -4.90 17.46
C VAL A 160 27.67 -6.26 16.84
N GLY A 161 28.91 -6.47 16.45
CA GLY A 161 29.34 -7.76 15.91
C GLY A 161 29.13 -8.94 16.85
N SER A 162 29.04 -8.67 18.15
CA SER A 162 28.87 -9.73 19.15
C SER A 162 27.41 -10.19 19.15
N MET A 163 26.50 -9.42 18.56
CA MET A 163 25.11 -9.86 18.39
C MET A 163 24.85 -10.67 17.13
N PHE A 164 25.69 -10.51 16.10
CA PHE A 164 25.44 -11.13 14.79
C PHE A 164 26.77 -11.49 14.13
N ALA A 170 33.80 -11.36 16.43
CA ALA A 170 32.98 -10.11 16.57
C ALA A 170 33.54 -8.98 15.72
N LEU A 171 34.81 -8.65 15.95
CA LEU A 171 35.58 -7.71 15.12
C LEU A 171 36.24 -8.46 13.94
N LEU A 172 35.78 -8.19 12.73
CA LEU A 172 36.40 -8.78 11.55
C LEU A 172 37.77 -8.14 11.30
N PRO A 173 38.75 -8.93 10.82
CA PRO A 173 40.12 -8.46 10.63
C PRO A 173 40.23 -7.14 9.89
N ASN A 174 39.40 -6.95 8.86
CA ASN A 174 39.50 -5.74 8.05
C ASN A 174 39.18 -4.47 8.80
N TRP A 175 38.33 -4.58 9.84
CA TRP A 175 38.00 -3.44 10.68
C TRP A 175 39.25 -2.77 11.25
N SER A 176 40.24 -3.56 11.63
CA SER A 176 41.46 -3.03 12.22
C SER A 176 42.51 -2.65 11.17
N GLU A 177 42.27 -2.98 9.92
CA GLU A 177 43.21 -2.64 8.83
C GLU A 177 42.81 -1.34 8.11
N MET A 178 41.57 -0.92 8.26
CA MET A 178 41.11 0.26 7.56
C MET A 178 39.89 0.84 8.30
N PRO A 179 39.66 2.15 8.16
CA PRO A 179 38.44 2.76 8.67
C PRO A 179 37.24 2.45 7.77
N ILE A 180 36.65 1.27 7.99
CA ILE A 180 35.37 0.85 7.42
C ILE A 180 34.36 2.01 7.37
N GLY A 181 33.66 2.14 6.25
CA GLY A 181 32.68 3.20 6.03
C GLY A 181 31.69 2.89 4.90
N TYR A 182 30.62 3.67 4.82
CA TYR A 182 29.67 3.58 3.74
C TYR A 182 29.19 5.01 3.36
N ASN A 183 28.51 5.09 2.21
CA ASN A 183 27.90 6.32 1.74
C ASN A 183 26.57 6.49 2.45
N GLY A 184 26.39 7.62 3.10
CA GLY A 184 25.11 7.97 3.70
C GLY A 184 24.28 8.75 2.72
N ARG A 185 23.07 9.06 3.15
CA ARG A 185 22.11 9.80 2.36
C ARG A 185 22.10 11.27 2.77
N ALA A 186 22.66 12.10 1.91
CA ALA A 186 22.74 13.54 2.14
C ALA A 186 21.42 14.26 2.30
N SER A 187 20.47 13.91 1.44
CA SER A 187 19.20 14.62 1.33
C SER A 187 18.41 14.70 2.63
N SER A 188 18.51 13.64 3.44
CA SER A 188 17.74 13.50 4.64
C SER A 188 18.50 13.92 5.89
N VAL A 189 19.68 14.56 5.72
CA VAL A 189 20.34 15.19 6.86
C VAL A 189 19.65 16.49 7.15
N VAL A 190 19.24 16.66 8.40
CA VAL A 190 18.47 17.82 8.85
C VAL A 190 19.08 18.42 10.09
N VAL A 191 18.72 19.68 10.32
CA VAL A 191 19.24 20.45 11.42
C VAL A 191 18.51 20.12 12.73
N SER A 192 19.23 20.28 13.84
CA SER A 192 18.68 20.14 15.21
C SER A 192 17.34 20.82 15.34
N GLY A 193 16.41 20.15 15.98
CA GLY A 193 15.07 20.71 16.16
C GLY A 193 14.02 20.14 15.22
N THR A 194 14.44 19.55 14.09
CA THR A 194 13.54 18.99 13.12
C THR A 194 12.87 17.75 13.68
N PRO A 195 11.52 17.72 13.63
CA PRO A 195 10.89 16.50 14.08
C PRO A 195 11.16 15.38 13.08
N VAL A 196 11.26 14.17 13.59
CA VAL A 196 11.66 13.01 12.84
C VAL A 196 10.54 11.99 12.89
N ARG A 197 9.95 11.67 11.73
CA ARG A 197 8.85 10.73 11.68
C ARG A 197 9.30 9.26 11.74
N ARG A 198 8.71 8.47 12.64
CA ARG A 198 9.06 7.06 12.73
C ARG A 198 8.82 6.44 11.38
N PRO A 199 9.79 5.67 10.89
CA PRO A 199 9.68 5.07 9.56
C PRO A 199 8.90 3.77 9.56
N ASN A 200 8.19 3.54 8.46
CA ASN A 200 7.65 2.23 8.09
C ASN A 200 8.59 1.49 7.19
N GLY A 201 8.47 0.16 7.16
CA GLY A 201 9.28 -0.66 6.27
C GLY A 201 9.12 -2.12 6.58
N GLN A 202 9.93 -2.95 5.92
CA GLN A 202 9.85 -4.39 6.07
C GLN A 202 10.47 -4.86 7.36
N LEU A 203 9.72 -5.63 8.13
CA LEU A 203 10.17 -6.16 9.38
C LEU A 203 10.14 -7.68 9.34
N LYS A 204 11.26 -8.32 9.67
CA LYS A 204 11.33 -9.77 9.76
C LYS A 204 11.08 -10.20 11.19
N LEU A 205 10.00 -10.91 11.43
CA LEU A 205 9.72 -11.45 12.75
C LEU A 205 10.29 -12.87 12.88
N PRO A 206 10.80 -13.21 14.07
CA PRO A 206 11.48 -14.51 14.28
C PRO A 206 10.63 -15.75 13.99
N ASP A 207 9.31 -15.66 14.22
CA ASP A 207 8.39 -16.79 14.05
C ASP A 207 7.63 -16.86 12.70
N GLN A 208 7.93 -15.96 11.75
CA GLN A 208 7.28 -15.95 10.43
C GLN A 208 8.27 -16.09 9.29
N GLU A 209 7.95 -16.95 8.32
CA GLU A 209 8.79 -17.15 7.16
C GLU A 209 8.99 -15.84 6.41
N ARG A 210 7.94 -15.02 6.30
CA ARG A 210 8.00 -13.82 5.43
C ARG A 210 7.96 -12.52 6.22
N PRO A 211 8.62 -11.48 5.67
CA PRO A 211 8.57 -10.17 6.33
C PRO A 211 7.18 -9.58 6.28
N VAL A 212 6.88 -8.70 7.22
CA VAL A 212 5.66 -7.92 7.18
C VAL A 212 6.02 -6.48 6.99
N PHE A 213 5.06 -5.65 6.64
CA PHE A 213 5.30 -4.23 6.50
C PHE A 213 4.66 -3.54 7.67
N GLY A 214 5.39 -2.66 8.31
CA GLY A 214 4.81 -1.88 9.38
C GLY A 214 5.77 -0.86 9.96
N ALA A 215 5.27 -0.22 11.01
CA ALA A 215 6.01 0.76 11.79
C ALA A 215 7.17 0.11 12.47
N CYS A 216 8.34 0.66 12.23
CA CYS A 216 9.51 0.38 13.00
C CYS A 216 9.20 0.23 14.50
N ARG A 217 9.70 -0.85 15.09
CA ARG A 217 9.56 -1.13 16.53
C ARG A 217 10.85 -0.94 17.32
N LYS A 218 11.98 -0.74 16.64
CA LYS A 218 13.26 -0.55 17.28
C LYS A 218 13.98 0.69 16.78
N LEU A 219 13.30 1.82 16.90
CA LEU A 219 13.86 3.09 16.53
C LEU A 219 14.93 3.46 17.56
N ASP A 220 16.05 3.98 17.07
CA ASP A 220 17.24 4.16 17.88
C ASP A 220 17.97 5.42 17.46
N ILE A 221 18.81 5.89 18.34
CA ILE A 221 19.76 6.96 18.04
C ILE A 221 21.11 6.34 17.73
N GLU A 222 21.99 7.15 17.17
CA GLU A 222 23.40 6.81 17.10
C GLU A 222 24.20 8.05 17.41
N LEU A 223 24.80 8.09 18.59
CA LEU A 223 25.70 9.19 18.96
C LEU A 223 26.98 9.22 18.11
N GLU A 224 27.17 10.30 17.38
CA GLU A 224 28.33 10.46 16.52
C GLU A 224 28.70 11.93 16.48
N THR A 225 29.89 12.19 15.94
CA THR A 225 30.22 13.49 15.45
C THR A 225 30.46 13.37 13.94
N GLY A 226 30.36 14.50 13.26
CA GLY A 226 30.69 14.52 11.86
C GLY A 226 31.57 15.71 11.58
N PHE A 227 32.47 15.58 10.63
CA PHE A 227 33.25 16.75 10.24
C PHE A 227 32.85 17.29 8.87
N ILE A 228 33.04 18.59 8.70
CA ILE A 228 32.69 19.29 7.49
C ILE A 228 33.97 19.54 6.70
N VAL A 229 33.99 19.10 5.45
CA VAL A 229 35.13 19.31 4.62
C VAL A 229 35.21 20.78 4.20
N GLY A 230 36.41 21.36 4.34
CA GLY A 230 36.68 22.75 3.98
C GLY A 230 37.43 23.01 2.70
N LYS A 231 38.14 21.99 2.20
CA LYS A 231 38.83 22.03 0.90
C LYS A 231 38.69 20.64 0.30
N GLY A 232 38.23 20.55 -0.93
CA GLY A 232 38.03 19.27 -1.55
C GLY A 232 39.28 18.75 -2.19
N ASN A 233 39.10 17.70 -2.98
CA ASN A 233 40.19 17.16 -3.78
C ASN A 233 39.65 16.69 -5.10
N ALA A 234 40.48 16.76 -6.12
CA ALA A 234 40.06 16.42 -7.45
C ALA A 234 39.94 14.91 -7.57
N LEU A 235 38.97 14.50 -8.37
CA LEU A 235 38.78 13.11 -8.72
C LEU A 235 40.10 12.56 -9.26
N GLY A 236 40.53 11.42 -8.71
CA GLY A 236 41.79 10.79 -9.05
C GLY A 236 43.01 11.26 -8.27
N GLU A 237 42.86 12.26 -7.39
CA GLU A 237 43.99 12.77 -6.55
C GLU A 237 43.72 12.60 -5.05
N PRO A 238 44.22 11.51 -4.47
CA PRO A 238 44.06 11.25 -3.04
C PRO A 238 44.57 12.37 -2.12
N ILE A 239 44.03 12.43 -0.91
CA ILE A 239 44.54 13.31 0.13
C ILE A 239 45.41 12.46 1.03
N ALA A 240 46.68 12.87 1.15
CA ALA A 240 47.63 12.18 1.98
C ALA A 240 47.14 12.32 3.42
N CYS A 241 47.28 11.25 4.20
CA CYS A 241 46.88 11.30 5.59
C CYS A 241 47.41 12.54 6.31
N GLU A 242 48.67 12.89 6.05
CA GLU A 242 49.36 14.00 6.73
C GLU A 242 48.82 15.39 6.34
N ASP A 243 48.19 15.50 5.17
CA ASP A 243 47.60 16.75 4.74
C ASP A 243 46.10 16.82 5.09
N ALA A 244 45.53 15.72 5.59
CA ALA A 244 44.07 15.59 5.67
C ALA A 244 43.39 16.65 6.52
N GLU A 245 43.91 16.92 7.69
CA GLU A 245 43.26 17.84 8.61
C GLU A 245 43.16 19.24 8.03
N ALA A 246 44.12 19.64 7.22
CA ALA A 246 44.04 20.94 6.58
C ALA A 246 42.82 21.05 5.69
N HIS A 247 42.30 19.92 5.22
CA HIS A 247 41.06 19.90 4.43
C HIS A 247 39.76 19.97 5.22
N ILE A 248 39.83 19.97 6.55
CA ILE A 248 38.67 19.90 7.42
C ILE A 248 38.36 21.27 8.00
N PHE A 249 37.13 21.73 7.86
CA PHE A 249 36.74 23.03 8.39
C PHE A 249 36.38 22.94 9.85
N GLY A 250 35.54 21.99 10.20
CA GLY A 250 35.05 21.92 11.57
C GLY A 250 34.18 20.70 11.84
N MET A 251 33.58 20.67 13.02
CA MET A 251 32.84 19.51 13.48
C MET A 251 31.46 19.91 13.96
N VAL A 252 30.57 18.91 13.98
CA VAL A 252 29.23 19.04 14.52
C VAL A 252 28.85 17.73 15.20
N LEU A 253 27.75 17.75 15.94
CA LEU A 253 27.21 16.55 16.54
C LEU A 253 26.27 15.95 15.52
N LEU A 254 26.15 14.61 15.55
CA LEU A 254 25.44 13.89 14.50
C LEU A 254 24.68 12.71 15.07
N ASN A 255 23.37 12.74 14.90
CA ASN A 255 22.52 11.66 15.36
C ASN A 255 22.11 10.92 14.14
N ASP A 256 22.66 9.72 14.00
CA ASP A 256 22.32 8.91 12.83
C ASP A 256 21.20 8.01 13.21
N TRP A 257 20.00 8.56 13.21
CA TRP A 257 18.80 7.80 13.56
C TRP A 257 18.78 6.51 12.76
N SER A 258 18.47 5.40 13.45
CA SER A 258 18.54 4.07 12.87
C SER A 258 17.27 3.28 13.22
N ALA A 259 16.67 2.62 12.24
CA ALA A 259 15.61 1.69 12.51
C ALA A 259 16.19 0.27 12.51
N ARG A 260 16.38 -0.30 13.69
CA ARG A 260 17.16 -1.56 13.82
C ARG A 260 16.50 -2.77 13.21
N ASP A 261 15.17 -2.81 13.26
CA ASP A 261 14.42 -3.97 12.73
C ASP A 261 14.39 -3.98 11.21
N ILE A 262 14.27 -2.79 10.62
CA ILE A 262 14.37 -2.59 9.20
C ILE A 262 15.77 -2.96 8.73
N GLN A 263 16.76 -2.52 9.50
CA GLN A 263 18.18 -2.68 9.14
C GLN A 263 18.59 -4.16 9.05
N GLN A 264 18.34 -4.92 10.12
CA GLN A 264 18.73 -6.31 10.20
C GLN A 264 18.30 -7.03 8.94
N TRP A 265 17.06 -6.79 8.51
CA TRP A 265 16.46 -7.52 7.39
C TRP A 265 17.01 -7.11 6.02
N GLU A 266 17.44 -5.85 5.88
CA GLU A 266 17.81 -5.31 4.56
C GLU A 266 19.31 -5.33 4.25
N TYR A 267 20.14 -5.32 5.29
CA TYR A 267 21.53 -4.82 5.19
C TYR A 267 22.54 -5.75 4.52
N VAL A 268 22.25 -7.04 4.45
CA VAL A 268 23.14 -7.98 3.80
C VAL A 268 22.75 -8.09 2.33
N PRO A 269 23.72 -7.93 1.41
CA PRO A 269 25.16 -7.66 1.54
C PRO A 269 25.58 -6.22 1.30
N LEU A 270 24.66 -5.34 0.86
CA LEU A 270 25.04 -4.02 0.41
C LEU A 270 25.07 -2.96 1.48
N GLY A 271 24.83 -3.35 2.73
CA GLY A 271 24.86 -2.41 3.84
C GLY A 271 23.52 -1.80 4.15
N PRO A 272 23.47 -0.97 5.20
CA PRO A 272 22.24 -0.28 5.56
C PRO A 272 21.86 0.77 4.52
N PHE A 273 20.56 0.96 4.34
CA PHE A 273 20.01 1.80 3.31
C PHE A 273 18.81 2.57 3.90
N ASN A 274 17.58 2.04 3.76
CA ASN A 274 16.39 2.71 4.27
C ASN A 274 16.44 2.92 5.77
N SER A 275 17.01 1.94 6.44
CA SER A 275 17.10 1.94 7.89
CA SER A 275 17.11 1.96 7.86
C SER A 275 17.82 3.15 8.44
N LYS A 276 18.67 3.80 7.63
CA LYS A 276 19.38 4.99 8.10
C LYS A 276 19.04 6.24 7.30
N GLY A 277 18.35 6.10 6.16
CA GLY A 277 18.23 7.22 5.24
C GLY A 277 17.04 8.08 5.49
N PHE A 278 16.17 7.66 6.40
CA PHE A 278 14.94 8.38 6.67
C PHE A 278 15.17 9.72 7.36
N ALA A 279 16.24 9.77 8.16
CA ALA A 279 16.64 11.01 8.84
C ALA A 279 17.99 10.90 9.56
N THR A 280 18.73 11.98 9.49
CA THR A 280 20.01 12.12 10.18
C THR A 280 20.03 13.57 10.60
N THR A 281 20.36 13.83 11.86
CA THR A 281 20.28 15.15 12.42
C THR A 281 21.67 15.59 12.81
N ILE A 282 21.99 16.85 12.51
CA ILE A 282 23.24 17.41 12.92
C ILE A 282 22.96 18.70 13.68
N SER A 283 23.85 19.06 14.61
CA SER A 283 23.75 20.33 15.33
C SER A 283 24.02 21.48 14.35
N PRO A 284 23.50 22.68 14.66
CA PRO A 284 23.59 23.76 13.68
C PRO A 284 24.92 24.49 13.65
N TRP A 285 25.65 24.53 14.77
CA TRP A 285 26.88 25.33 14.86
C TRP A 285 28.14 24.52 14.51
N ILE A 286 28.89 24.95 13.50
CA ILE A 286 30.13 24.28 13.20
C ILE A 286 31.22 24.78 14.09
N VAL A 287 31.73 23.91 14.96
CA VAL A 287 32.87 24.26 15.77
C VAL A 287 34.16 24.05 14.94
N THR A 288 34.88 25.14 14.67
CA THR A 288 36.08 25.06 13.85
C THR A 288 37.15 24.23 14.50
N LEU A 289 37.93 23.59 13.67
CA LEU A 289 39.04 22.76 14.09
C LEU A 289 40.11 23.58 14.86
N ASP A 290 40.27 24.83 14.45
CA ASP A 290 41.14 25.75 15.15
C ASP A 290 40.71 25.97 16.61
N ALA A 291 39.40 26.15 16.83
CA ALA A 291 38.89 26.29 18.17
C ALA A 291 39.11 25.02 18.99
N LEU A 292 39.15 23.86 18.35
CA LEU A 292 39.43 22.61 19.08
C LEU A 292 40.90 22.34 19.34
N GLU A 293 41.78 23.22 18.87
CA GLU A 293 43.22 23.00 19.00
C GLU A 293 43.67 22.70 20.45
N PRO A 294 43.21 23.48 21.45
CA PRO A 294 43.64 23.20 22.82
C PRO A 294 43.22 21.84 23.37
N PHE A 295 42.31 21.13 22.68
CA PHE A 295 41.79 19.86 23.17
C PHE A 295 42.26 18.69 22.33
N ARG A 296 43.27 18.95 21.51
CA ARG A 296 43.91 17.91 20.74
C ARG A 296 44.62 16.96 21.69
N VAL A 297 44.39 15.67 21.58
CA VAL A 297 45.07 14.70 22.47
C VAL A 297 45.53 13.48 21.69
N ALA A 298 46.30 12.62 22.36
CA ALA A 298 46.86 11.43 21.71
C ALA A 298 45.77 10.42 21.42
N GLN A 299 45.66 9.99 20.18
CA GLN A 299 44.69 8.95 19.79
C GLN A 299 45.10 7.62 20.41
N PRO A 300 44.20 6.64 20.43
CA PRO A 300 44.58 5.34 20.97
C PRO A 300 45.67 4.69 20.15
N GLU A 301 46.40 3.79 20.78
CA GLU A 301 47.42 3.01 20.08
C GLU A 301 46.68 2.11 19.10
N GLN A 302 47.24 1.91 17.91
CA GLN A 302 46.64 1.02 16.93
C GLN A 302 47.48 -0.22 16.83
N SER A 303 46.83 -1.37 16.91
CA SER A 303 47.51 -2.64 16.78
C SER A 303 46.56 -3.59 16.04
N PRO A 304 46.99 -4.13 14.89
CA PRO A 304 48.35 -3.97 14.30
C PRO A 304 48.58 -2.60 13.67
N GLN A 305 49.85 -2.30 13.43
CA GLN A 305 50.23 -1.01 12.83
C GLN A 305 49.70 -0.96 11.40
N PRO A 306 48.93 0.09 11.08
CA PRO A 306 48.24 0.12 9.79
C PRO A 306 49.19 0.29 8.63
N LEU A 307 48.70 0.05 7.43
CA LEU A 307 49.51 0.31 6.26
C LEU A 307 49.96 1.78 6.26
N ALA A 308 51.09 2.00 5.60
CA ALA A 308 51.74 3.30 5.54
C ALA A 308 50.84 4.48 5.19
N TYR A 309 49.95 4.30 4.23
CA TYR A 309 49.13 5.41 3.75
C TYR A 309 48.25 5.95 4.86
N LEU A 310 48.00 5.12 5.90
CA LEU A 310 47.09 5.50 6.99
C LEU A 310 47.80 6.01 8.25
N ARG A 311 49.13 6.00 8.26
CA ARG A 311 49.84 6.43 9.46
C ARG A 311 49.89 7.94 9.52
N HIS A 312 49.86 8.49 10.74
CA HIS A 312 50.26 9.92 10.95
C HIS A 312 50.96 10.18 12.28
N ALA A 313 51.88 11.14 12.25
CA ALA A 313 52.60 11.62 13.43
C ALA A 313 51.72 12.55 14.22
N GLY A 314 51.89 12.54 15.53
CA GLY A 314 51.32 13.56 16.38
C GLY A 314 49.97 13.16 16.94
N LYS A 315 49.27 14.17 17.42
CA LYS A 315 48.04 13.99 18.17
C LYS A 315 46.91 14.40 17.26
N HIS A 316 45.99 13.48 17.02
CA HIS A 316 44.91 13.73 16.09
C HIS A 316 43.54 13.36 16.63
N ALA A 317 43.46 13.07 17.93
CA ALA A 317 42.19 12.83 18.60
C ALA A 317 41.78 14.12 19.26
N PHE A 318 40.51 14.23 19.64
CA PHE A 318 40.04 15.40 20.37
C PHE A 318 39.23 14.99 21.59
N ASP A 319 39.39 15.78 22.65
CA ASP A 319 38.83 15.49 23.96
C ASP A 319 37.47 16.18 24.03
N ILE A 320 36.45 15.47 23.59
CA ILE A 320 35.13 16.07 23.53
C ILE A 320 34.25 15.18 24.36
N ALA A 321 33.84 15.68 25.53
CA ALA A 321 32.83 15.00 26.35
C ALA A 321 31.52 15.01 25.59
N LEU A 322 30.84 13.86 25.58
CA LEU A 322 29.59 13.71 24.86
C LEU A 322 28.52 13.15 25.77
N GLU A 323 27.28 13.58 25.57
CA GLU A 323 26.16 13.07 26.36
C GLU A 323 24.91 12.95 25.51
N VAL A 324 24.14 11.91 25.80
CA VAL A 324 22.79 11.76 25.21
C VAL A 324 21.73 11.78 26.29
N THR A 325 20.67 12.56 26.08
CA THR A 325 19.50 12.53 26.95
C THR A 325 18.22 12.12 26.19
N LEU A 326 17.26 11.56 26.94
CA LEU A 326 15.96 11.16 26.42
C LEU A 326 14.88 11.70 27.34
N ARG A 327 13.95 12.49 26.78
CA ARG A 327 12.83 13.04 27.53
C ARG A 327 11.53 12.55 26.94
N ALA A 328 10.75 11.80 27.71
CA ALA A 328 9.42 11.37 27.29
C ALA A 328 8.53 12.60 27.09
N GLU A 329 7.52 12.48 26.26
CA GLU A 329 6.61 13.58 26.01
C GLU A 329 6.00 14.04 27.34
N GLY A 330 6.15 15.34 27.61
CA GLY A 330 5.64 15.95 28.82
C GLY A 330 6.44 15.72 30.09
N ALA A 331 7.62 15.09 30.01
CA ALA A 331 8.42 14.90 31.22
C ALA A 331 9.14 16.21 31.57
N ALA A 332 9.22 16.49 32.86
CA ALA A 332 9.86 17.72 33.37
C ALA A 332 11.38 17.69 33.23
N GLU A 333 11.98 16.49 33.22
CA GLU A 333 13.41 16.35 33.12
C GLU A 333 13.77 15.24 32.15
N ALA A 334 14.90 15.43 31.45
CA ALA A 334 15.45 14.40 30.59
C ALA A 334 16.25 13.37 31.40
N THR A 335 16.42 12.18 30.84
CA THR A 335 17.29 11.16 31.41
C THR A 335 18.60 11.11 30.62
N SER A 336 19.73 11.22 31.32
CA SER A 336 21.06 11.03 30.73
C SER A 336 21.26 9.55 30.50
N ILE A 337 21.38 9.12 29.25
CA ILE A 337 21.51 7.69 28.97
C ILE A 337 22.89 7.28 28.50
N CYS A 338 23.70 8.25 28.10
CA CYS A 338 25.05 7.94 27.64
C CYS A 338 25.98 9.08 27.98
N ARG A 339 27.12 8.75 28.57
CA ARG A 339 28.21 9.71 28.73
C ARG A 339 29.45 9.07 28.14
N THR A 340 30.08 9.73 27.18
CA THR A 340 31.29 9.17 26.63
C THR A 340 32.20 10.30 26.15
N ASN A 341 33.25 9.96 25.40
CA ASN A 341 34.18 10.96 24.89
C ASN A 341 34.71 10.59 23.50
N PHE A 342 34.88 11.61 22.68
CA PHE A 342 35.37 11.44 21.30
C PHE A 342 36.79 10.89 21.18
N ARG A 343 37.61 11.15 22.18
CA ARG A 343 39.02 10.79 22.16
C ARG A 343 39.31 9.29 21.99
N HIS A 344 38.32 8.44 22.26
CA HIS A 344 38.48 6.98 22.23
C HIS A 344 38.31 6.35 20.85
N MET A 345 38.02 7.16 19.85
CA MET A 345 37.79 6.63 18.50
C MET A 345 39.08 6.01 17.96
N TYR A 346 38.98 4.83 17.37
CA TYR A 346 40.15 4.07 16.96
C TYR A 346 40.79 4.62 15.70
N TRP A 347 39.98 5.09 14.79
CA TRP A 347 40.47 5.77 13.60
C TRP A 347 40.19 7.26 13.74
N THR A 348 41.12 8.09 13.32
CA THR A 348 40.95 9.54 13.39
C THR A 348 40.29 10.11 12.18
N MET A 349 39.90 11.38 12.28
CA MET A 349 39.37 12.11 11.13
C MET A 349 40.33 12.14 9.95
N ALA A 350 41.60 12.37 10.24
CA ALA A 350 42.59 12.36 9.20
C ALA A 350 42.64 11.04 8.46
N GLN A 351 42.62 9.93 9.20
CA GLN A 351 42.73 8.59 8.60
C GLN A 351 41.47 8.26 7.81
N GLN A 352 40.33 8.69 8.31
CA GLN A 352 39.09 8.46 7.59
C GLN A 352 39.13 9.20 6.26
N LEU A 353 39.63 10.44 6.27
CA LEU A 353 39.59 11.26 5.07
C LEU A 353 40.60 10.73 4.05
N ALA A 354 41.74 10.31 4.55
CA ALA A 354 42.74 9.66 3.70
C ALA A 354 42.16 8.40 3.07
N HIS A 355 41.49 7.59 3.88
CA HIS A 355 40.99 6.33 3.35
C HIS A 355 39.87 6.55 2.33
N HIS A 356 39.02 7.54 2.59
CA HIS A 356 37.98 7.94 1.64
C HIS A 356 38.55 8.25 0.27
N THR A 357 39.75 8.82 0.21
CA THR A 357 40.28 9.34 -1.04
C THR A 357 41.39 8.53 -1.64
N VAL A 358 41.71 7.41 -1.03
CA VAL A 358 42.90 6.67 -1.42
C VAL A 358 42.79 6.06 -2.80
N ALA A 359 41.57 5.77 -3.22
CA ALA A 359 41.28 5.20 -4.53
C ALA A 359 40.93 6.26 -5.56
N GLY A 360 40.90 7.51 -5.16
CA GLY A 360 40.69 8.59 -6.11
C GLY A 360 39.43 9.38 -5.93
N CYS A 361 38.53 8.93 -5.03
CA CYS A 361 37.23 9.54 -4.90
C CYS A 361 37.44 10.97 -4.49
N ASN A 362 36.66 11.88 -5.07
CA ASN A 362 36.79 13.29 -4.74
C ASN A 362 35.87 13.65 -3.56
N THR A 363 36.32 14.61 -2.75
CA THR A 363 35.47 15.28 -1.77
C THR A 363 35.25 16.76 -2.17
N ARG A 364 34.20 17.35 -1.62
CA ARG A 364 33.79 18.70 -1.97
C ARG A 364 33.50 19.52 -0.71
N VAL A 365 33.58 20.83 -0.84
CA VAL A 365 33.32 21.72 0.26
C VAL A 365 31.92 21.46 0.77
N GLY A 366 31.79 21.28 2.08
CA GLY A 366 30.51 20.98 2.69
C GLY A 366 30.24 19.50 2.91
N ASP A 367 31.11 18.61 2.44
CA ASP A 367 30.88 17.18 2.66
C ASP A 367 30.80 16.89 4.13
N LEU A 368 29.85 16.03 4.50
CA LEU A 368 29.67 15.59 5.87
C LEU A 368 30.22 14.18 6.09
N MET A 369 31.08 14.05 7.09
CA MET A 369 31.68 12.76 7.40
C MET A 369 31.47 12.35 8.85
N GLY A 370 30.70 11.29 9.03
CA GLY A 370 30.34 10.82 10.34
C GLY A 370 31.40 9.91 10.91
N SER A 371 31.60 10.01 12.21
CA SER A 371 32.54 9.20 12.95
C SER A 371 32.16 7.72 13.07
N GLY A 372 30.88 7.40 12.97
CA GLY A 372 30.37 6.14 13.46
C GLY A 372 29.99 6.27 14.93
N THR A 373 29.11 5.37 15.36
CA THR A 373 28.60 5.40 16.72
C THR A 373 29.74 5.38 17.70
N ILE A 374 29.74 6.35 18.61
CA ILE A 374 30.77 6.50 19.64
C ILE A 374 30.38 5.77 20.94
N SER A 375 31.15 4.74 21.29
CA SER A 375 30.88 3.96 22.48
C SER A 375 32.17 3.81 23.25
N GLY A 376 32.09 4.11 24.55
CA GLY A 376 33.17 3.84 25.47
C GLY A 376 33.13 2.41 26.03
N PRO A 377 34.01 2.12 26.98
CA PRO A 377 34.12 0.77 27.52
C PRO A 377 33.03 0.38 28.52
N THR A 378 32.44 1.36 29.21
CA THR A 378 31.50 1.06 30.29
C THR A 378 30.06 1.06 29.79
N LYS A 379 29.19 0.38 30.54
CA LYS A 379 27.79 0.18 30.16
C LYS A 379 27.01 1.50 30.07
N ASP A 380 27.52 2.57 30.69
CA ASP A 380 26.85 3.88 30.61
C ASP A 380 27.51 4.82 29.59
N SER A 381 28.37 4.27 28.73
CA SER A 381 29.03 5.07 27.71
C SER A 381 28.79 4.56 26.28
N PHE A 382 27.80 3.68 26.10
CA PHE A 382 27.49 3.16 24.77
C PHE A 382 26.60 4.14 24.05
N GLY A 383 26.85 4.37 22.77
CA GLY A 383 26.22 5.45 22.02
C GLY A 383 24.92 5.13 21.30
N SER A 384 24.30 4.01 21.61
CA SER A 384 22.95 3.72 21.06
C SER A 384 22.14 2.90 22.04
N LEU A 385 20.83 2.89 21.87
CA LEU A 385 19.99 2.08 22.76
C LEU A 385 20.12 0.60 22.47
N LEU A 386 20.38 0.27 21.20
CA LEU A 386 20.69 -1.10 20.84
C LEU A 386 21.74 -1.64 21.79
N GLU A 387 22.82 -0.88 21.98
CA GLU A 387 23.89 -1.27 22.89
C GLU A 387 23.45 -1.14 24.36
N LEU A 388 22.89 0.01 24.73
CA LEU A 388 22.59 0.28 26.14
C LEU A 388 21.63 -0.73 26.71
N THR A 389 20.66 -1.17 25.91
CA THR A 389 19.63 -2.11 26.39
C THR A 389 19.84 -3.52 25.87
N TRP A 390 21.00 -3.73 25.24
CA TRP A 390 21.34 -5.03 24.64
C TRP A 390 20.18 -5.59 23.83
N ASN A 391 19.81 -4.83 22.82
CA ASN A 391 18.76 -5.21 21.91
C ASN A 391 17.38 -5.40 22.55
N GLY A 392 17.09 -4.59 23.56
CA GLY A 392 15.79 -4.59 24.22
C GLY A 392 15.62 -5.59 25.35
N LYS A 393 16.74 -6.13 25.84
CA LYS A 393 16.70 -7.08 26.95
C LYS A 393 16.87 -6.47 28.34
N GLU A 394 17.69 -5.43 28.45
CA GLU A 394 17.86 -4.70 29.71
C GLU A 394 17.35 -3.27 29.53
N PRO A 395 16.07 -3.02 29.85
CA PRO A 395 15.55 -1.67 29.63
C PRO A 395 16.23 -0.60 30.51
N VAL A 396 16.23 0.65 30.02
CA VAL A 396 16.79 1.80 30.74
C VAL A 396 15.71 2.44 31.59
N ALA A 397 15.98 2.61 32.88
CA ALA A 397 15.10 3.34 33.79
C ALA A 397 15.16 4.85 33.51
N LEU A 398 14.02 5.52 33.46
CA LEU A 398 14.00 6.97 33.24
C LEU A 398 13.88 7.80 34.53
N ASN A 399 14.65 8.88 34.58
CA ASN A 399 14.52 9.88 35.59
C ASN A 399 13.08 10.39 35.54
N GLY A 400 12.36 10.20 36.64
CA GLY A 400 10.97 10.60 36.76
C GLY A 400 9.98 9.46 36.67
N GLY A 401 10.50 8.22 36.64
CA GLY A 401 9.67 7.03 36.42
C GLY A 401 9.60 6.58 34.96
N GLY A 402 9.30 5.31 34.79
CA GLY A 402 9.11 4.74 33.46
C GLY A 402 10.41 4.15 32.96
N SER A 403 10.34 3.53 31.79
CA SER A 403 11.50 2.85 31.24
C SER A 403 11.40 2.74 29.72
N ARG A 404 12.53 2.46 29.09
CA ARG A 404 12.62 2.35 27.66
C ARG A 404 13.51 1.18 27.25
N THR A 405 13.14 0.56 26.12
CA THR A 405 14.08 -0.20 25.29
C THR A 405 14.45 0.69 24.10
N PHE A 406 13.59 0.77 23.09
CA PHE A 406 13.84 1.69 21.97
C PHE A 406 12.95 2.93 22.07
N ILE A 407 13.13 3.87 21.16
CA ILE A 407 12.49 5.18 21.28
C ILE A 407 11.01 5.10 20.98
N GLU A 408 10.24 5.86 21.77
CA GLU A 408 8.79 5.87 21.69
C GLU A 408 8.27 7.21 21.20
N ASP A 409 7.14 7.15 20.53
CA ASP A 409 6.56 8.33 19.91
C ASP A 409 6.49 9.44 20.95
N GLY A 410 6.84 10.65 20.53
CA GLY A 410 6.85 11.78 21.43
C GLY A 410 8.16 12.00 22.15
N ASP A 411 9.00 10.96 22.30
CA ASP A 411 10.29 11.12 22.97
C ASP A 411 11.15 12.12 22.23
N GLU A 412 11.90 12.90 22.99
CA GLU A 412 12.90 13.83 22.47
C GLU A 412 14.27 13.31 22.85
N LEU A 413 15.10 13.11 21.83
CA LEU A 413 16.50 12.67 22.00
C LEU A 413 17.44 13.84 21.72
N THR A 414 18.38 14.08 22.63
CA THR A 414 19.30 15.20 22.50
C THR A 414 20.74 14.73 22.65
N LEU A 415 21.59 15.18 21.71
CA LEU A 415 23.04 14.99 21.80
C LEU A 415 23.60 16.31 22.23
N ALA A 416 24.55 16.26 23.16
CA ALA A 416 25.30 17.44 23.56
C ALA A 416 26.78 17.09 23.59
N GLY A 417 27.62 18.09 23.41
CA GLY A 417 29.07 17.85 23.41
C GLY A 417 29.84 19.10 23.73
N TRP A 418 30.99 18.94 24.37
CA TRP A 418 31.76 20.08 24.80
C TRP A 418 33.17 19.68 25.21
N CYS A 419 34.09 20.62 25.06
CA CYS A 419 35.46 20.45 25.48
C CYS A 419 35.68 21.27 26.75
N GLN A 420 36.14 20.62 27.81
CA GLN A 420 36.31 21.24 29.11
C GLN A 420 37.68 21.90 29.28
N GLY A 421 37.73 23.23 29.26
CA GLY A 421 38.95 23.98 29.59
C GLY A 421 38.92 24.40 31.05
N ASP A 422 39.98 25.08 31.50
CA ASP A 422 40.07 25.61 32.88
C ASP A 422 39.23 26.90 33.01
N GLY A 423 38.02 26.75 33.56
CA GLY A 423 37.08 27.85 33.77
C GLY A 423 36.26 28.28 32.55
N TYR A 424 36.26 27.46 31.50
CA TYR A 424 35.45 27.71 30.34
C TYR A 424 35.28 26.42 29.59
N ARG A 425 34.41 26.43 28.58
CA ARG A 425 34.28 25.29 27.67
C ARG A 425 33.97 25.74 26.28
N VAL A 426 34.46 24.97 25.33
CA VAL A 426 34.10 25.12 23.93
C VAL A 426 33.03 24.06 23.64
N GLY A 427 31.81 24.50 23.41
CA GLY A 427 30.70 23.57 23.32
C GLY A 427 30.05 23.55 21.96
N PHE A 428 29.33 22.46 21.70
CA PHE A 428 28.72 22.21 20.38
C PHE A 428 27.24 22.61 20.29
N GLY A 429 26.67 23.08 21.40
CA GLY A 429 25.24 23.30 21.46
C GLY A 429 24.53 21.96 21.53
N THR A 430 23.35 21.87 20.93
CA THR A 430 22.63 20.61 20.95
C THR A 430 22.24 20.13 19.58
N CYS A 431 21.98 18.83 19.56
CA CYS A 431 21.53 18.13 18.37
C CYS A 431 20.28 17.32 18.74
N ALA A 432 19.12 17.93 18.56
CA ALA A 432 17.84 17.40 19.13
C ALA A 432 16.86 16.96 18.08
N GLY A 433 15.89 16.15 18.51
CA GLY A 433 14.74 15.83 17.68
C GLY A 433 13.68 15.05 18.41
N ARG A 434 12.41 15.38 18.12
CA ARG A 434 11.25 14.69 18.69
C ARG A 434 10.64 13.74 17.63
N ILE A 435 10.26 12.55 18.07
CA ILE A 435 9.73 11.54 17.18
C ILE A 435 8.23 11.69 16.94
N LEU A 436 7.85 11.79 15.68
CA LEU A 436 6.46 11.80 15.27
C LEU A 436 6.01 10.38 14.94
N PRO A 437 4.72 10.07 15.21
CA PRO A 437 4.18 8.77 14.84
C PRO A 437 4.40 8.43 13.36
N ALA A 438 4.54 7.15 13.08
CA ALA A 438 4.57 6.65 11.70
C ALA A 438 3.27 6.94 10.97
N ARG A 439 3.40 7.24 9.68
CA ARG A 439 2.25 7.35 8.78
C ARG A 439 1.50 6.05 8.81
N SER A 440 0.20 6.16 8.84
CA SER A 440 -0.69 5.03 8.98
C SER A 440 -1.61 5.04 7.78
N ASP B 14 -1.77 14.64 -26.47
CA ASP B 14 -1.03 15.63 -27.32
C ASP B 14 0.34 15.10 -27.69
N TRP B 15 1.02 14.57 -26.67
CA TRP B 15 2.41 14.20 -26.75
C TRP B 15 2.57 12.81 -27.31
N ARG B 16 1.48 12.04 -27.31
CA ARG B 16 1.55 10.70 -27.86
C ARG B 16 1.70 10.71 -29.38
N ALA B 17 1.33 11.83 -30.01
CA ALA B 17 1.56 12.04 -31.46
C ALA B 17 3.05 12.14 -31.82
N THR B 18 3.86 12.59 -30.86
CA THR B 18 5.30 12.67 -31.03
C THR B 18 5.96 11.29 -31.03
N LEU B 19 5.22 10.22 -30.70
CA LEU B 19 5.78 8.86 -30.75
C LEU B 19 5.52 8.18 -32.10
N ASP B 20 4.82 8.87 -32.99
CA ASP B 20 4.45 8.33 -34.31
C ASP B 20 5.67 7.89 -35.13
N PRO B 21 5.77 6.59 -35.43
CA PRO B 21 6.94 6.08 -36.18
C PRO B 21 7.06 6.62 -37.59
N ALA B 22 5.96 7.11 -38.13
CA ALA B 22 5.92 7.70 -39.47
C ALA B 22 6.51 9.10 -39.50
N ARG B 23 6.64 9.74 -38.35
CA ARG B 23 7.14 11.09 -38.32
C ARG B 23 8.63 11.11 -38.69
N LYS B 24 9.03 12.17 -39.40
CA LYS B 24 10.41 12.35 -39.88
C LYS B 24 10.80 13.80 -39.77
N SER B 25 12.12 14.06 -39.80
CA SER B 25 12.65 15.42 -39.75
C SER B 25 13.28 15.90 -41.07
N TRP B 26 13.29 17.23 -41.23
CA TRP B 26 14.04 17.86 -42.32
C TRP B 26 15.57 17.93 -41.99
N ILE B 27 15.92 17.58 -40.76
CA ILE B 27 17.27 17.18 -40.44
C ILE B 27 17.40 15.73 -40.84
N GLU B 28 17.96 15.52 -42.03
CA GLU B 28 17.93 14.23 -42.70
C GLU B 28 18.68 13.12 -41.97
N THR B 29 19.73 13.46 -41.24
CA THR B 29 20.48 12.43 -40.51
C THR B 29 19.64 11.75 -39.43
N ALA B 30 18.58 12.41 -39.00
CA ALA B 30 17.68 11.84 -38.01
C ALA B 30 16.91 10.67 -38.57
N ASN B 31 16.67 10.70 -39.87
CA ASN B 31 15.83 9.70 -40.50
C ASN B 31 16.61 8.47 -40.93
N ASP B 32 17.91 8.44 -40.64
CA ASP B 32 18.65 7.21 -40.83
C ASP B 32 18.12 6.18 -39.81
N PRO B 33 17.78 4.96 -40.28
CA PRO B 33 17.26 3.94 -39.39
C PRO B 33 18.16 3.61 -38.23
N ALA B 34 19.47 3.77 -38.42
CA ALA B 34 20.49 3.47 -37.40
C ALA B 34 20.78 4.60 -36.41
N CYS B 35 20.25 5.80 -36.68
CA CYS B 35 20.52 6.96 -35.84
C CYS B 35 19.85 6.79 -34.49
N ASP B 36 20.63 7.00 -33.43
CA ASP B 36 20.11 6.99 -32.06
C ASP B 36 19.15 8.13 -31.78
N PHE B 37 19.20 9.18 -32.58
CA PHE B 37 18.50 10.40 -32.27
C PHE B 37 17.51 10.81 -33.35
N PRO B 38 16.55 9.92 -33.68
CA PRO B 38 15.48 10.30 -34.59
C PRO B 38 14.57 11.33 -33.94
N ILE B 39 13.57 11.77 -34.70
CA ILE B 39 12.64 12.74 -34.15
C ILE B 39 11.77 12.15 -33.04
N GLN B 40 11.67 10.82 -33.00
CA GLN B 40 10.90 10.11 -31.99
C GLN B 40 11.55 10.12 -30.62
N ASN B 41 12.83 10.45 -30.55
CA ASN B 41 13.59 10.38 -29.30
C ASN B 41 13.60 11.70 -28.60
N LEU B 42 14.45 12.62 -29.04
CA LEU B 42 14.55 13.97 -28.44
C LEU B 42 14.99 13.98 -26.95
N PRO B 43 16.19 13.44 -26.68
CA PRO B 43 16.70 13.40 -25.30
C PRO B 43 17.26 14.75 -24.95
N PHE B 44 17.35 15.03 -23.65
CA PHE B 44 17.87 16.29 -23.18
C PHE B 44 19.30 16.14 -22.69
N GLY B 45 20.10 17.18 -22.90
CA GLY B 45 21.49 17.17 -22.41
C GLY B 45 22.05 18.56 -22.23
N ILE B 46 23.33 18.61 -21.86
CA ILE B 46 24.04 19.85 -21.62
C ILE B 46 25.29 19.81 -22.45
N PHE B 47 25.52 20.88 -23.20
CA PHE B 47 26.63 20.92 -24.15
C PHE B 47 27.24 22.30 -24.20
N SER B 48 28.50 22.34 -24.59
CA SER B 48 29.13 23.59 -24.89
C SER B 48 29.79 23.48 -26.26
N ASP B 49 30.07 24.64 -26.83
CA ASP B 49 30.80 24.74 -28.07
C ASP B 49 31.62 26.02 -28.01
N ALA B 50 32.28 26.37 -29.10
CA ALA B 50 32.96 27.65 -29.21
C ALA B 50 31.99 28.86 -29.18
N LYS B 51 30.74 28.67 -29.57
CA LYS B 51 29.74 29.76 -29.49
C LYS B 51 29.46 30.17 -28.04
N GLY B 52 29.50 29.23 -27.10
CA GLY B 52 29.07 29.54 -25.73
C GLY B 52 29.31 28.49 -24.66
N ALA B 53 29.06 28.91 -23.43
CA ALA B 53 29.24 28.08 -22.26
C ALA B 53 28.18 26.99 -22.18
N ARG B 54 28.42 25.99 -21.34
CA ARG B 54 27.55 24.85 -21.28
C ARG B 54 26.10 25.27 -21.02
N ARG B 55 25.16 24.64 -21.72
CA ARG B 55 23.75 25.01 -21.65
C ARG B 55 22.90 23.88 -22.23
N PRO B 56 21.57 23.94 -22.03
CA PRO B 56 20.70 22.84 -22.41
C PRO B 56 20.57 22.65 -23.88
N GLY B 57 20.58 21.38 -24.30
CA GLY B 57 20.36 21.01 -25.70
C GLY B 57 19.61 19.70 -25.88
N VAL B 58 19.14 19.47 -27.10
CA VAL B 58 18.39 18.25 -27.47
C VAL B 58 19.01 17.68 -28.75
N ALA B 59 19.32 16.39 -28.73
CA ALA B 59 19.96 15.72 -29.83
C ALA B 59 18.92 15.42 -30.88
N LEU B 60 19.30 15.62 -32.14
CA LEU B 60 18.47 15.25 -33.27
C LEU B 60 19.40 15.01 -34.44
N GLY B 61 19.34 13.79 -35.01
CA GLY B 61 20.27 13.40 -36.07
C GLY B 61 21.68 13.57 -35.53
N ASP B 62 22.54 14.22 -36.31
CA ASP B 62 23.92 14.46 -35.92
C ASP B 62 24.10 15.86 -35.35
N GLN B 63 22.99 16.53 -35.05
CA GLN B 63 22.96 17.91 -34.59
C GLN B 63 22.50 17.99 -33.13
N ILE B 64 22.61 19.20 -32.57
CA ILE B 64 22.03 19.54 -31.29
C ILE B 64 21.22 20.82 -31.41
N VAL B 65 20.01 20.77 -30.86
CA VAL B 65 19.17 21.92 -30.74
C VAL B 65 19.59 22.75 -29.49
N ASP B 66 19.96 24.00 -29.75
CA ASP B 66 20.30 24.94 -28.73
C ASP B 66 19.01 25.51 -28.20
N LEU B 67 18.53 24.97 -27.09
CA LEU B 67 17.26 25.42 -26.51
C LEU B 67 17.18 26.93 -26.16
N ALA B 68 18.24 27.48 -25.55
CA ALA B 68 18.27 28.90 -25.20
C ALA B 68 18.10 29.76 -26.42
N ALA B 69 18.90 29.45 -27.45
CA ALA B 69 18.84 30.16 -28.74
C ALA B 69 17.49 30.05 -29.39
N LEU B 70 16.89 28.88 -29.30
CA LEU B 70 15.56 28.65 -29.86
C LEU B 70 14.53 29.50 -29.12
N ALA B 71 14.71 29.63 -27.79
CA ALA B 71 13.79 30.43 -26.97
C ALA B 71 13.94 31.93 -27.28
N ARG B 72 15.17 32.40 -27.42
CA ARG B 72 15.42 33.80 -27.79
C ARG B 72 14.75 34.15 -29.12
N ALA B 73 14.76 33.20 -30.06
CA ALA B 73 14.08 33.38 -31.36
C ALA B 73 12.56 33.19 -31.32
N GLY B 74 12.00 32.91 -30.16
CA GLY B 74 10.55 32.76 -30.02
C GLY B 74 9.98 31.45 -30.52
N LEU B 75 10.85 30.50 -30.84
CA LEU B 75 10.41 29.25 -31.44
C LEU B 75 10.19 28.11 -30.43
N VAL B 76 10.42 28.38 -29.15
CA VAL B 76 10.01 27.45 -28.11
C VAL B 76 9.70 28.28 -26.88
N THR B 77 8.59 27.98 -26.23
CA THR B 77 8.17 28.78 -25.11
C THR B 77 7.92 27.90 -23.90
N LEU B 78 8.20 28.45 -22.72
CA LEU B 78 8.06 27.76 -21.47
C LEU B 78 7.16 28.58 -20.54
N PRO B 79 6.74 27.98 -19.40
CA PRO B 79 6.04 28.78 -18.39
C PRO B 79 6.77 30.07 -18.12
N ALA B 80 6.04 31.16 -17.98
CA ALA B 80 6.67 32.40 -17.52
C ALA B 80 7.40 32.12 -16.20
N GLY B 81 8.60 32.67 -16.04
CA GLY B 81 9.31 32.53 -14.78
C GLY B 81 10.79 32.80 -14.93
N ALA B 82 11.59 32.21 -14.03
CA ALA B 82 13.04 32.30 -14.13
C ALA B 82 13.51 31.53 -15.37
N ASP B 83 14.62 31.96 -15.96
CA ASP B 83 15.11 31.39 -17.21
C ASP B 83 15.93 30.11 -16.99
N VAL B 84 15.31 28.97 -17.21
CA VAL B 84 15.93 27.68 -16.92
C VAL B 84 16.91 27.24 -17.99
N LEU B 85 16.96 27.97 -19.10
CA LEU B 85 17.80 27.57 -20.24
C LEU B 85 19.12 28.34 -20.26
N ALA B 86 19.32 29.22 -19.29
CA ALA B 86 20.63 29.85 -19.05
C ALA B 86 21.48 28.99 -18.13
N ALA B 87 20.89 27.94 -17.56
CA ALA B 87 21.53 27.19 -16.50
C ALA B 87 22.50 26.20 -17.08
N PRO B 88 23.63 25.98 -16.40
CA PRO B 88 24.61 24.99 -16.83
C PRO B 88 24.19 23.54 -16.59
N THR B 89 23.03 23.31 -15.97
CA THR B 89 22.48 21.99 -15.81
C THR B 89 21.02 22.01 -16.18
N LEU B 90 20.43 20.83 -16.33
CA LEU B 90 19.02 20.70 -16.65
C LEU B 90 18.11 20.72 -15.43
N ASN B 91 18.66 20.73 -14.23
CA ASN B 91 17.84 20.61 -12.99
C ASN B 91 16.65 21.58 -12.95
N ALA B 92 16.92 22.85 -13.23
CA ALA B 92 15.89 23.89 -13.18
C ALA B 92 14.80 23.63 -14.19
N PHE B 93 15.19 23.25 -15.39
CA PHE B 93 14.22 22.86 -16.37
C PHE B 93 13.40 21.68 -15.85
N ILE B 94 14.06 20.63 -15.38
CA ILE B 94 13.36 19.42 -14.94
C ILE B 94 12.36 19.76 -13.85
N ALA B 95 12.80 20.57 -12.91
CA ALA B 95 11.96 20.96 -11.77
C ALA B 95 10.61 21.53 -12.23
N LEU B 96 10.55 22.15 -13.39
CA LEU B 96 9.29 22.70 -13.89
C LEU B 96 8.17 21.66 -14.04
N GLY B 97 8.51 20.36 -14.08
CA GLY B 97 7.48 19.31 -14.10
C GLY B 97 7.10 18.77 -15.47
N ARG B 98 6.29 17.72 -15.43
CA ARG B 98 5.97 16.96 -16.62
C ARG B 98 5.21 17.72 -17.71
N ASP B 99 4.35 18.64 -17.34
CA ASP B 99 3.64 19.43 -18.34
C ASP B 99 4.61 20.22 -19.17
N ALA B 100 5.64 20.76 -18.53
CA ALA B 100 6.68 21.49 -19.24
C ALA B 100 7.54 20.57 -20.15
N TRP B 101 7.91 19.39 -19.65
CA TRP B 101 8.70 18.45 -20.42
C TRP B 101 7.98 18.13 -21.71
N ARG B 102 6.68 17.85 -21.57
CA ARG B 102 5.87 17.49 -22.70
C ARG B 102 5.66 18.69 -23.60
N SER B 103 5.31 19.84 -23.03
CA SER B 103 5.13 21.02 -23.85
C SER B 103 6.37 21.25 -24.74
N VAL B 104 7.56 21.20 -24.16
CA VAL B 104 8.76 21.41 -24.95
C VAL B 104 8.91 20.32 -25.99
N ARG B 105 8.70 19.07 -25.60
CA ARG B 105 8.80 17.96 -26.55
C ARG B 105 7.86 18.15 -27.73
N VAL B 106 6.64 18.56 -27.46
CA VAL B 106 5.64 18.78 -28.50
C VAL B 106 6.04 19.91 -29.44
N GLN B 107 6.61 20.99 -28.91
CA GLN B 107 7.00 22.10 -29.75
C GLN B 107 8.16 21.71 -30.67
N LEU B 108 9.11 20.94 -30.11
CA LEU B 108 10.27 20.53 -30.85
C LEU B 108 9.88 19.56 -31.94
N SER B 109 9.10 18.54 -31.59
CA SER B 109 8.61 17.60 -32.59
C SER B 109 7.91 18.29 -33.77
N ALA B 110 7.11 19.32 -33.47
CA ALA B 110 6.36 20.02 -34.50
C ALA B 110 7.28 20.84 -35.37
N LEU B 111 8.18 21.56 -34.74
CA LEU B 111 9.11 22.42 -35.45
C LEU B 111 10.08 21.69 -36.38
N PHE B 112 10.53 20.50 -35.96
CA PHE B 112 11.54 19.78 -36.70
C PHE B 112 10.98 18.70 -37.57
N SER B 113 9.64 18.62 -37.60
CA SER B 113 8.93 17.77 -38.55
C SER B 113 9.15 18.24 -39.99
N ARG B 114 9.38 17.28 -40.88
CA ARG B 114 9.85 17.57 -42.23
C ARG B 114 9.10 18.69 -42.95
N ASP B 115 7.80 18.79 -42.68
CA ASP B 115 6.91 19.68 -43.41
C ASP B 115 6.72 21.06 -42.79
N ASP B 116 7.30 21.31 -41.62
CA ASP B 116 7.23 22.61 -40.99
C ASP B 116 8.37 23.40 -41.59
N ALA B 117 8.01 24.44 -42.34
CA ALA B 117 8.98 25.28 -43.02
C ALA B 117 9.60 26.38 -42.12
N THR B 118 8.98 26.66 -40.97
CA THR B 118 9.32 27.82 -40.15
C THR B 118 10.81 27.97 -39.87
N LEU B 119 11.43 26.96 -39.28
CA LEU B 119 12.87 26.98 -39.05
C LEU B 119 13.66 26.36 -40.21
N ARG B 120 13.10 25.35 -40.85
CA ARG B 120 13.80 24.64 -41.93
C ARG B 120 14.26 25.56 -43.06
N ASP B 121 13.40 26.46 -43.47
CA ASP B 121 13.71 27.35 -44.59
C ASP B 121 14.34 28.68 -44.19
N ASP B 122 14.64 28.85 -42.91
CA ASP B 122 15.33 30.04 -42.38
C ASP B 122 16.82 29.69 -42.13
N ALA B 123 17.60 29.69 -43.21
CA ALA B 123 18.99 29.26 -43.16
C ALA B 123 19.79 30.02 -42.14
N ALA B 124 19.59 31.33 -42.07
CA ALA B 124 20.36 32.17 -41.17
C ALA B 124 20.13 31.75 -39.73
N LEU B 125 18.88 31.48 -39.39
CA LEU B 125 18.52 31.13 -38.03
C LEU B 125 18.91 29.70 -37.67
N ARG B 126 18.85 28.78 -38.64
CA ARG B 126 19.37 27.43 -38.47
C ARG B 126 20.84 27.38 -38.09
N ALA B 127 21.61 28.30 -38.66
CA ALA B 127 23.04 28.39 -38.34
C ALA B 127 23.27 28.93 -36.94
N GLN B 128 22.27 29.58 -36.35
CA GLN B 128 22.38 30.09 -34.98
C GLN B 128 21.78 29.14 -33.91
N VAL B 129 20.87 28.23 -34.27
CA VAL B 129 20.20 27.41 -33.26
C VAL B 129 20.55 25.92 -33.29
N LEU B 130 21.30 25.51 -34.28
CA LEU B 130 21.75 24.14 -34.37
C LEU B 130 23.26 24.10 -34.31
N VAL B 131 23.76 23.08 -33.64
CA VAL B 131 25.18 22.89 -33.48
C VAL B 131 25.48 21.42 -33.75
N ALA B 132 26.46 21.16 -34.60
CA ALA B 132 26.81 19.78 -34.91
C ALA B 132 27.39 19.13 -33.65
N GLN B 133 27.00 17.88 -33.40
CA GLN B 133 27.53 17.13 -32.27
C GLN B 133 29.04 17.04 -32.35
N ARG B 134 29.55 16.90 -33.58
CA ARG B 134 30.98 16.90 -33.88
C ARG B 134 31.71 18.15 -33.34
N ASP B 135 31.04 19.30 -33.25
CA ASP B 135 31.66 20.54 -32.70
C ASP B 135 31.24 20.89 -31.27
N ALA B 136 30.72 19.94 -30.52
CA ALA B 136 30.19 20.24 -29.21
C ALA B 136 30.88 19.38 -28.21
N THR B 137 30.84 19.82 -26.96
CA THR B 137 31.38 19.04 -25.86
C THR B 137 30.24 18.80 -24.91
N LEU B 138 30.09 17.55 -24.49
CA LEU B 138 28.97 17.18 -23.65
C LEU B 138 29.39 17.01 -22.22
N HIS B 139 28.52 17.44 -21.31
CA HIS B 139 28.81 17.48 -19.90
C HIS B 139 27.73 16.72 -19.15
N LEU B 140 27.95 16.48 -17.87
CA LEU B 140 26.91 15.91 -17.03
C LEU B 140 25.61 16.67 -17.19
N PRO B 141 24.51 15.97 -17.53
CA PRO B 141 23.27 16.65 -17.84
C PRO B 141 22.63 17.30 -16.62
N VAL B 142 22.84 16.73 -15.44
CA VAL B 142 22.30 17.30 -14.22
C VAL B 142 23.34 17.40 -13.11
N GLU B 143 23.07 18.27 -12.15
CA GLU B 143 23.71 18.22 -10.86
C GLU B 143 23.03 17.10 -10.11
N ILE B 144 23.79 16.08 -9.71
CA ILE B 144 23.26 14.94 -9.02
C ILE B 144 23.30 15.20 -7.50
N PRO B 145 22.12 15.40 -6.86
CA PRO B 145 22.13 15.61 -5.42
C PRO B 145 22.43 14.31 -4.68
N GLY B 146 21.91 13.20 -5.17
CA GLY B 146 22.17 11.91 -4.56
C GLY B 146 22.21 10.85 -5.64
N TYR B 147 22.93 9.76 -5.38
CA TYR B 147 23.06 8.65 -6.29
C TYR B 147 22.87 7.37 -5.48
N THR B 148 21.84 6.62 -5.85
CA THR B 148 21.51 5.37 -5.24
C THR B 148 21.68 4.32 -6.28
N ASP B 149 22.11 3.14 -5.88
CA ASP B 149 22.37 2.06 -6.80
C ASP B 149 21.74 0.76 -6.30
N PHE B 150 20.92 0.14 -7.16
CA PHE B 150 20.18 -1.01 -6.76
C PHE B 150 20.87 -2.29 -7.17
N TYR B 151 20.14 -3.39 -7.20
CA TYR B 151 20.80 -4.68 -7.31
C TYR B 151 19.82 -5.67 -7.95
N SER B 152 19.09 -5.20 -8.95
CA SER B 152 17.80 -5.82 -9.31
C SER B 152 17.82 -6.90 -10.43
N SER B 153 19.00 -7.27 -10.93
CA SER B 153 19.10 -8.41 -11.86
C SER B 153 19.28 -9.70 -11.07
N LYS B 154 18.28 -10.57 -11.13
CA LYS B 154 18.34 -11.86 -10.44
C LYS B 154 19.58 -12.65 -10.83
N GLU B 155 19.88 -12.66 -12.14
CA GLU B 155 21.00 -13.44 -12.71
C GLU B 155 22.32 -12.89 -12.19
N HIS B 156 22.48 -11.57 -12.17
CA HIS B 156 23.69 -10.97 -11.61
C HIS B 156 23.86 -11.33 -10.13
N ALA B 157 22.79 -11.17 -9.35
CA ALA B 157 22.85 -11.38 -7.92
C ALA B 157 23.13 -12.84 -7.62
N THR B 158 22.60 -13.72 -8.42
CA THR B 158 22.85 -15.14 -8.23
C THR B 158 24.31 -15.47 -8.59
N ASN B 159 24.83 -14.89 -9.68
CA ASN B 159 26.24 -15.12 -10.07
C ASN B 159 27.18 -14.67 -8.96
N VAL B 160 27.00 -13.44 -8.49
CA VAL B 160 27.91 -12.88 -7.52
C VAL B 160 27.82 -13.60 -6.17
N GLY B 161 26.62 -13.81 -5.64
CA GLY B 161 26.43 -14.61 -4.43
C GLY B 161 27.01 -16.04 -4.51
N SER B 162 27.19 -16.56 -5.73
CA SER B 162 27.75 -17.90 -5.94
C SER B 162 29.21 -17.94 -5.67
N MET B 163 29.85 -16.79 -5.72
CA MET B 163 31.27 -16.69 -5.42
C MET B 163 31.54 -16.56 -3.92
N PHE B 164 30.51 -16.21 -3.14
CA PHE B 164 30.58 -16.19 -1.66
C PHE B 164 29.86 -17.33 -0.92
N ARG B 165 28.83 -17.92 -1.52
CA ARG B 165 28.02 -18.93 -0.86
C ARG B 165 27.72 -20.08 -1.80
N ASP B 166 27.53 -21.29 -1.24
CA ASP B 166 27.19 -22.45 -2.05
C ASP B 166 25.88 -22.17 -2.81
N PRO B 167 25.64 -22.88 -3.94
CA PRO B 167 24.52 -22.59 -4.88
C PRO B 167 23.17 -22.37 -4.18
N LYS B 168 22.81 -23.29 -3.27
CA LYS B 168 21.58 -23.16 -2.47
C LYS B 168 21.48 -21.83 -1.69
N ASN B 169 22.61 -21.25 -1.29
CA ASN B 169 22.62 -20.05 -0.47
C ASN B 169 22.90 -18.74 -1.25
N ALA B 170 23.04 -18.82 -2.57
CA ALA B 170 23.49 -17.71 -3.42
C ALA B 170 22.61 -16.43 -3.38
N LEU B 171 21.31 -16.60 -3.66
CA LEU B 171 20.30 -15.56 -3.50
C LEU B 171 19.75 -15.59 -2.08
N LEU B 172 20.04 -14.56 -1.31
CA LEU B 172 19.46 -14.46 0.04
C LEU B 172 17.98 -14.13 -0.05
N PRO B 173 17.17 -14.70 0.84
CA PRO B 173 15.73 -14.48 0.84
C PRO B 173 15.28 -13.03 0.70
N ASN B 174 15.95 -12.12 1.35
CA ASN B 174 15.50 -10.73 1.35
C ASN B 174 15.56 -10.12 -0.05
N TRP B 175 16.48 -10.63 -0.89
CA TRP B 175 16.64 -10.12 -2.24
C TRP B 175 15.33 -10.19 -2.99
N SER B 176 14.56 -11.25 -2.76
CA SER B 176 13.28 -11.42 -3.47
C SER B 176 12.11 -10.73 -2.78
N GLU B 177 12.33 -10.19 -1.59
CA GLU B 177 11.28 -9.50 -0.85
C GLU B 177 11.34 -7.99 -1.06
N MET B 178 12.50 -7.50 -1.51
CA MET B 178 12.66 -6.06 -1.68
C MET B 178 13.77 -5.77 -2.68
N PRO B 179 13.68 -4.63 -3.37
CA PRO B 179 14.77 -4.18 -4.20
C PRO B 179 15.93 -3.65 -3.36
N ILE B 180 16.76 -4.58 -2.91
CA ILE B 180 18.07 -4.31 -2.30
C ILE B 180 18.79 -3.15 -3.00
N GLY B 181 19.38 -2.26 -2.20
CA GLY B 181 20.12 -1.11 -2.73
C GLY B 181 21.03 -0.45 -1.71
N TYR B 182 21.94 0.39 -2.18
CA TYR B 182 22.83 1.14 -1.31
C TYR B 182 22.94 2.57 -1.85
N ASN B 183 23.48 3.45 -1.04
CA ASN B 183 23.81 4.79 -1.43
C ASN B 183 25.13 4.75 -2.22
N GLY B 184 25.13 5.27 -3.42
CA GLY B 184 26.38 5.49 -4.16
C GLY B 184 27.00 6.85 -3.84
N ARG B 185 28.18 7.09 -4.40
CA ARG B 185 28.89 8.34 -4.29
C ARG B 185 28.62 9.28 -5.49
N ALA B 186 27.84 10.32 -5.23
CA ALA B 186 27.45 11.30 -6.24
C ALA B 186 28.58 12.05 -6.87
N SER B 187 29.55 12.46 -6.04
CA SER B 187 30.61 13.38 -6.45
C SER B 187 31.46 12.86 -7.60
N SER B 188 31.69 11.55 -7.61
CA SER B 188 32.52 10.89 -8.56
C SER B 188 31.75 10.34 -9.77
N VAL B 189 30.47 10.70 -9.92
CA VAL B 189 29.78 10.38 -11.19
C VAL B 189 30.22 11.38 -12.26
N VAL B 190 30.68 10.87 -13.39
CA VAL B 190 31.21 11.69 -14.48
C VAL B 190 30.57 11.29 -15.81
N VAL B 191 30.66 12.22 -16.77
CA VAL B 191 30.06 12.06 -18.07
C VAL B 191 30.93 11.19 -18.97
N SER B 192 30.27 10.51 -19.91
CA SER B 192 30.93 9.73 -20.97
C SER B 192 32.11 10.46 -21.54
N GLY B 193 33.19 9.74 -21.77
CA GLY B 193 34.40 10.34 -22.35
C GLY B 193 35.49 10.69 -21.34
N THR B 194 35.12 10.80 -20.06
CA THR B 194 36.06 11.14 -19.00
C THR B 194 37.00 9.96 -18.75
N PRO B 195 38.31 10.23 -18.83
CA PRO B 195 39.24 9.15 -18.54
C PRO B 195 39.15 8.80 -17.06
N VAL B 196 39.35 7.53 -16.76
CA VAL B 196 39.13 6.99 -15.45
C VAL B 196 40.42 6.37 -14.96
N ARG B 197 40.98 6.92 -13.89
CA ARG B 197 42.24 6.45 -13.38
C ARG B 197 42.10 5.17 -12.54
N ARG B 198 42.93 4.17 -12.83
CA ARG B 198 42.90 2.93 -12.05
C ARG B 198 43.17 3.28 -10.60
N PRO B 199 42.36 2.75 -9.70
CA PRO B 199 42.51 3.07 -8.30
C PRO B 199 43.52 2.23 -7.60
N ASN B 200 44.16 2.83 -6.59
CA ASN B 200 44.93 2.13 -5.58
C ASN B 200 44.11 1.89 -4.34
N GLY B 201 44.52 0.89 -3.55
CA GLY B 201 43.84 0.56 -2.30
C GLY B 201 44.35 -0.73 -1.70
N GLN B 202 43.70 -1.16 -0.63
CA GLN B 202 44.12 -2.36 0.08
C GLN B 202 43.69 -3.62 -0.65
N LEU B 203 44.65 -4.52 -0.84
CA LEU B 203 44.42 -5.76 -1.54
C LEU B 203 44.77 -6.90 -0.63
N LYS B 204 43.85 -7.83 -0.46
CA LYS B 204 44.10 -9.00 0.36
C LYS B 204 44.56 -10.13 -0.54
N LEU B 205 45.80 -10.57 -0.38
CA LEU B 205 46.30 -11.71 -1.13
C LEU B 205 46.04 -13.00 -0.33
N PRO B 206 45.67 -14.08 -1.04
CA PRO B 206 45.27 -15.32 -0.36
C PRO B 206 46.29 -15.89 0.61
N ASP B 207 47.58 -15.72 0.29
CA ASP B 207 48.63 -16.36 1.07
C ASP B 207 49.38 -15.44 2.07
N GLN B 208 48.87 -14.22 2.28
CA GLN B 208 49.45 -13.29 3.29
C GLN B 208 48.42 -12.92 4.34
N GLU B 209 48.86 -12.95 5.59
CA GLU B 209 48.01 -12.64 6.71
C GLU B 209 47.44 -11.23 6.53
N ARG B 210 48.27 -10.30 6.06
CA ARG B 210 47.88 -8.90 6.04
C ARG B 210 47.69 -8.34 4.63
N PRO B 211 46.77 -7.39 4.48
CA PRO B 211 46.60 -6.73 3.20
C PRO B 211 47.83 -5.92 2.79
N VAL B 212 48.02 -5.73 1.50
CA VAL B 212 49.06 -4.82 0.98
C VAL B 212 48.38 -3.66 0.32
N PHE B 213 49.12 -2.60 0.04
CA PHE B 213 48.56 -1.47 -0.66
C PHE B 213 49.12 -1.46 -2.07
N GLY B 214 48.25 -1.28 -3.06
CA GLY B 214 48.70 -1.17 -4.41
C GLY B 214 47.61 -0.90 -5.41
N ALA B 215 48.04 -0.90 -6.66
CA ALA B 215 47.16 -0.78 -7.83
C ALA B 215 46.21 -1.96 -7.93
N CYS B 216 44.93 -1.64 -7.98
CA CYS B 216 43.90 -2.55 -8.35
C CYS B 216 44.35 -3.48 -9.49
N ARG B 217 44.14 -4.78 -9.32
CA ARG B 217 44.47 -5.79 -10.33
C ARG B 217 43.19 -6.38 -11.00
N LYS B 218 42.00 -6.06 -10.50
CA LYS B 218 40.74 -6.56 -11.05
C LYS B 218 39.74 -5.45 -11.28
N LEU B 219 40.15 -4.48 -12.10
CA LEU B 219 39.30 -3.40 -12.50
C LEU B 219 38.24 -3.92 -13.50
N ASP B 220 37.01 -3.45 -13.31
CA ASP B 220 35.87 -4.04 -13.97
C ASP B 220 34.85 -2.96 -14.30
N ILE B 221 33.97 -3.30 -15.22
CA ILE B 221 32.80 -2.48 -15.54
C ILE B 221 31.61 -3.06 -14.86
N GLU B 222 30.54 -2.28 -14.83
CA GLU B 222 29.22 -2.81 -14.46
C GLU B 222 28.18 -2.16 -15.36
N LEU B 223 27.67 -2.96 -16.30
CA LEU B 223 26.59 -2.51 -17.18
C LEU B 223 25.25 -2.28 -16.41
N GLU B 224 24.77 -1.05 -16.46
CA GLU B 224 23.58 -0.64 -15.76
C GLU B 224 22.91 0.46 -16.54
N THR B 225 21.68 0.74 -16.16
CA THR B 225 21.03 1.99 -16.50
C THR B 225 20.68 2.71 -15.21
N GLY B 226 20.49 4.02 -15.32
CA GLY B 226 20.11 4.79 -14.17
C GLY B 226 19.02 5.72 -14.57
N PHE B 227 18.09 5.96 -13.67
CA PHE B 227 17.06 6.94 -13.99
C PHE B 227 17.28 8.24 -13.20
N ILE B 228 16.81 9.33 -13.79
CA ILE B 228 16.90 10.64 -13.23
C ILE B 228 15.54 11.01 -12.67
N VAL B 229 15.52 11.41 -11.41
CA VAL B 229 14.28 11.82 -10.77
C VAL B 229 13.87 13.20 -11.26
N GLY B 230 12.58 13.32 -11.64
CA GLY B 230 12.04 14.56 -12.16
C GLY B 230 11.16 15.36 -11.23
N LYS B 231 10.61 14.70 -10.21
CA LYS B 231 9.86 15.36 -9.10
C LYS B 231 10.25 14.62 -7.85
N GLY B 232 10.62 15.37 -6.83
CA GLY B 232 11.02 14.79 -5.59
C GLY B 232 9.83 14.47 -4.70
N ASN B 233 10.14 14.14 -3.45
CA ASN B 233 9.12 13.98 -2.44
C ASN B 233 9.64 14.51 -1.12
N ALA B 234 8.74 14.96 -0.29
CA ALA B 234 9.12 15.54 0.98
C ALA B 234 9.57 14.45 1.95
N LEU B 235 10.53 14.81 2.76
CA LEU B 235 11.00 13.98 3.86
C LEU B 235 9.80 13.58 4.71
N GLY B 236 9.67 12.28 4.95
CA GLY B 236 8.54 11.70 5.67
C GLY B 236 7.31 11.31 4.83
N GLU B 237 7.29 11.63 3.53
CA GLU B 237 6.13 11.30 2.64
C GLU B 237 6.55 10.36 1.51
N PRO B 238 6.35 9.07 1.71
CA PRO B 238 6.66 8.08 0.67
C PRO B 238 5.98 8.29 -0.67
N ILE B 239 6.58 7.76 -1.73
CA ILE B 239 5.96 7.74 -3.07
C ILE B 239 5.35 6.38 -3.28
N ALA B 240 4.03 6.35 -3.50
CA ALA B 240 3.28 5.12 -3.72
C ALA B 240 3.77 4.48 -4.99
N CYS B 241 3.92 3.16 -4.99
CA CYS B 241 4.46 2.47 -6.15
C CYS B 241 3.76 2.88 -7.44
N GLU B 242 2.45 3.06 -7.38
CA GLU B 242 1.64 3.43 -8.54
C GLU B 242 1.87 4.87 -9.05
N ASP B 243 2.37 5.76 -8.19
CA ASP B 243 2.63 7.13 -8.60
C ASP B 243 4.07 7.30 -9.01
N ALA B 244 4.90 6.26 -8.82
CA ALA B 244 6.36 6.41 -8.91
C ALA B 244 6.87 6.90 -10.23
N GLU B 245 6.36 6.34 -11.30
CA GLU B 245 6.88 6.67 -12.61
C GLU B 245 6.65 8.13 -12.98
N ALA B 246 5.57 8.71 -12.49
CA ALA B 246 5.34 10.13 -12.72
C ALA B 246 6.48 10.96 -12.16
N HIS B 247 7.21 10.42 -11.19
CA HIS B 247 8.36 11.14 -10.60
C HIS B 247 9.66 11.02 -11.37
N ILE B 248 9.68 10.25 -12.45
CA ILE B 248 10.89 9.92 -13.19
C ILE B 248 10.97 10.73 -14.46
N PHE B 249 12.08 11.41 -14.67
CA PHE B 249 12.26 12.22 -15.88
C PHE B 249 12.74 11.38 -17.06
N GLY B 250 13.77 10.61 -16.86
CA GLY B 250 14.35 9.86 -17.95
C GLY B 250 15.44 8.93 -17.49
N MET B 251 16.13 8.34 -18.47
CA MET B 251 17.12 7.31 -18.23
C MET B 251 18.42 7.62 -18.96
N VAL B 252 19.50 7.03 -18.46
CA VAL B 252 20.80 7.10 -19.06
C VAL B 252 21.48 5.75 -18.89
N LEU B 253 22.61 5.57 -19.58
CA LEU B 253 23.43 4.39 -19.37
C LEU B 253 24.39 4.70 -18.26
N LEU B 254 24.80 3.66 -17.53
CA LEU B 254 25.57 3.85 -16.31
C LEU B 254 26.61 2.73 -16.16
N ASN B 255 27.89 3.13 -16.13
CA ASN B 255 28.96 2.21 -15.92
C ASN B 255 29.43 2.43 -14.51
N ASP B 256 29.13 1.46 -13.65
CA ASP B 256 29.54 1.55 -12.27
C ASP B 256 30.87 0.85 -12.13
N TRP B 257 31.92 1.55 -12.51
CA TRP B 257 33.26 1.00 -12.45
C TRP B 257 33.52 0.44 -11.07
N SER B 258 34.08 -0.76 -11.01
CA SER B 258 34.29 -1.48 -9.77
C SER B 258 35.70 -2.06 -9.67
N ALA B 259 36.36 -1.90 -8.53
CA ALA B 259 37.64 -2.55 -8.28
C ALA B 259 37.40 -3.79 -7.43
N ARG B 260 37.41 -4.97 -8.04
CA ARG B 260 36.92 -6.18 -7.38
C ARG B 260 37.80 -6.67 -6.25
N ASP B 261 39.10 -6.45 -6.36
CA ASP B 261 40.01 -6.90 -5.30
C ASP B 261 39.92 -6.02 -4.06
N ILE B 262 39.73 -4.72 -4.29
CA ILE B 262 39.51 -3.75 -3.23
C ILE B 262 38.18 -4.03 -2.52
N GLN B 263 37.18 -4.34 -3.32
CA GLN B 263 35.82 -4.59 -2.86
C GLN B 263 35.73 -5.78 -1.89
N GLN B 264 36.20 -6.94 -2.35
CA GLN B 264 36.12 -8.19 -1.56
C GLN B 264 36.64 -7.95 -0.13
N TRP B 265 37.77 -7.24 -0.03
CA TRP B 265 38.42 -7.00 1.27
C TRP B 265 37.71 -5.97 2.19
N GLU B 266 36.99 -5.00 1.62
CA GLU B 266 36.43 -3.88 2.40
C GLU B 266 34.92 -4.00 2.77
N TYR B 267 34.17 -4.79 1.98
CA TYR B 267 32.72 -4.61 1.86
C TYR B 267 31.86 -5.16 3.00
N VAL B 268 32.39 -6.10 3.78
CA VAL B 268 31.69 -6.62 4.95
C VAL B 268 32.00 -5.73 6.16
N PRO B 269 30.97 -5.25 6.89
CA PRO B 269 29.54 -5.42 6.71
C PRO B 269 28.83 -4.25 6.07
N LEU B 270 29.53 -3.12 5.87
CA LEU B 270 28.84 -1.88 5.48
C LEU B 270 28.68 -1.68 4.00
N GLY B 271 29.06 -2.68 3.21
CA GLY B 271 28.90 -2.63 1.77
C GLY B 271 30.11 -2.08 1.06
N PRO B 272 30.07 -2.07 -0.28
CA PRO B 272 31.12 -1.45 -1.06
C PRO B 272 31.18 0.08 -0.89
N PHE B 273 32.42 0.59 -0.92
CA PHE B 273 32.71 1.96 -0.59
C PHE B 273 33.74 2.48 -1.59
N ASN B 274 35.04 2.40 -1.25
CA ASN B 274 36.12 2.85 -2.17
C ASN B 274 36.12 2.12 -3.49
N SER B 275 35.80 0.83 -3.43
CA SER B 275 35.83 -0.03 -4.59
C SER B 275 34.87 0.47 -5.68
N LYS B 276 33.88 1.29 -5.35
CA LYS B 276 32.98 1.83 -6.36
C LYS B 276 32.99 3.34 -6.47
N GLY B 277 33.60 4.04 -5.53
CA GLY B 277 33.40 5.48 -5.43
C GLY B 277 34.39 6.27 -6.24
N PHE B 278 35.38 5.59 -6.79
CA PHE B 278 36.45 6.25 -7.51
C PHE B 278 36.02 6.84 -8.84
N ALA B 279 35.00 6.21 -9.44
CA ALA B 279 34.39 6.71 -10.65
C ALA B 279 33.14 5.92 -11.05
N THR B 280 32.17 6.65 -11.58
CA THR B 280 30.98 6.08 -12.13
C THR B 280 30.69 6.99 -13.31
N THR B 281 30.40 6.39 -14.45
CA THR B 281 30.23 7.12 -15.68
C THR B 281 28.80 6.94 -16.18
N ILE B 282 28.20 8.05 -16.65
CA ILE B 282 26.88 7.99 -17.23
C ILE B 282 26.95 8.62 -18.60
N SER B 283 26.06 8.17 -19.50
CA SER B 283 25.95 8.77 -20.82
C SER B 283 25.35 10.15 -20.70
N PRO B 284 25.62 11.02 -21.69
CA PRO B 284 25.26 12.43 -21.51
C PRO B 284 23.82 12.76 -21.78
N TRP B 285 23.16 11.99 -22.64
CA TRP B 285 21.82 12.33 -23.09
C TRP B 285 20.75 11.64 -22.27
N ILE B 286 19.86 12.41 -21.68
CA ILE B 286 18.76 11.80 -20.94
C ILE B 286 17.62 11.44 -21.86
N VAL B 287 17.36 10.14 -22.03
CA VAL B 287 16.23 9.71 -22.82
C VAL B 287 14.96 9.77 -21.94
N THR B 288 14.01 10.62 -22.30
CA THR B 288 12.81 10.80 -21.50
C THR B 288 11.96 9.53 -21.52
N LEU B 289 11.28 9.33 -20.41
CA LEU B 289 10.42 8.19 -20.21
C LEU B 289 9.29 8.17 -21.24
N ASP B 290 8.82 9.36 -21.60
CA ASP B 290 7.79 9.50 -22.61
C ASP B 290 8.28 8.93 -23.92
N ALA B 291 9.52 9.22 -24.29
CA ALA B 291 10.11 8.66 -25.50
C ALA B 291 10.22 7.13 -25.43
N LEU B 292 10.39 6.55 -24.24
CA LEU B 292 10.41 5.09 -24.08
C LEU B 292 9.04 4.43 -24.05
N GLU B 293 7.97 5.22 -24.14
CA GLU B 293 6.62 4.66 -23.99
C GLU B 293 6.34 3.50 -24.96
N PRO B 294 6.77 3.61 -26.23
CA PRO B 294 6.45 2.54 -27.17
C PRO B 294 7.19 1.25 -26.88
N PHE B 295 8.16 1.29 -25.96
CA PHE B 295 8.94 0.09 -25.65
C PHE B 295 8.63 -0.46 -24.27
N ARG B 296 7.52 -0.01 -23.69
CA ARG B 296 7.05 -0.50 -22.40
C ARG B 296 6.61 -1.93 -22.57
N VAL B 297 7.11 -2.85 -21.73
CA VAL B 297 6.71 -4.26 -21.82
C VAL B 297 6.45 -4.86 -20.45
N ALA B 298 5.91 -6.07 -20.44
CA ALA B 298 5.59 -6.78 -19.21
C ALA B 298 6.88 -7.16 -18.48
N GLN B 299 6.99 -6.74 -17.22
CA GLN B 299 8.11 -7.14 -16.35
C GLN B 299 8.03 -8.62 -16.03
N PRO B 300 9.13 -9.22 -15.54
CA PRO B 300 9.07 -10.65 -15.21
C PRO B 300 8.09 -10.92 -14.10
N GLU B 301 7.60 -12.15 -14.04
CA GLU B 301 6.73 -12.58 -12.95
C GLU B 301 7.59 -12.54 -11.68
N GLN B 302 7.00 -12.13 -10.57
CA GLN B 302 7.72 -12.11 -9.29
C GLN B 302 7.16 -13.20 -8.40
N SER B 303 8.06 -13.98 -7.83
CA SER B 303 7.66 -15.06 -6.96
C SER B 303 8.71 -15.19 -5.86
N PRO B 304 8.30 -15.04 -4.59
CA PRO B 304 6.92 -14.83 -4.12
C PRO B 304 6.37 -13.42 -4.40
N GLN B 305 5.05 -13.28 -4.30
CA GLN B 305 4.37 -12.03 -4.53
C GLN B 305 4.80 -11.06 -3.45
N PRO B 306 5.29 -9.89 -3.84
CA PRO B 306 5.86 -8.97 -2.86
C PRO B 306 4.82 -8.36 -1.94
N LEU B 307 5.28 -7.70 -0.88
CA LEU B 307 4.35 -6.98 -0.01
C LEU B 307 3.61 -5.92 -0.81
N ALA B 308 2.41 -5.60 -0.35
CA ALA B 308 1.48 -4.68 -1.01
C ALA B 308 2.09 -3.37 -1.50
N TYR B 309 2.93 -2.76 -0.68
CA TYR B 309 3.46 -1.46 -1.02
C TYR B 309 4.34 -1.50 -2.29
N LEU B 310 4.83 -2.69 -2.65
CA LEU B 310 5.66 -2.86 -3.83
C LEU B 310 4.92 -3.32 -5.08
N ARG B 311 3.62 -3.59 -4.99
CA ARG B 311 2.89 -4.13 -6.15
C ARG B 311 2.46 -3.03 -7.10
N HIS B 312 2.47 -3.32 -8.39
CA HIS B 312 1.83 -2.44 -9.39
C HIS B 312 1.22 -3.20 -10.55
N ALA B 313 0.07 -2.71 -11.01
CA ALA B 313 -0.63 -3.22 -12.19
C ALA B 313 0.04 -2.69 -13.44
N GLY B 314 -0.02 -3.49 -14.50
CA GLY B 314 0.40 -3.04 -15.81
C GLY B 314 1.84 -3.35 -16.12
N LYS B 315 2.35 -2.69 -17.15
CA LYS B 315 3.64 -2.97 -17.71
C LYS B 315 4.58 -1.89 -17.26
N HIS B 316 5.66 -2.28 -16.60
CA HIS B 316 6.60 -1.32 -16.09
C HIS B 316 8.05 -1.63 -16.41
N ALA B 317 8.28 -2.59 -17.32
CA ALA B 317 9.62 -2.87 -17.81
C ALA B 317 9.84 -2.17 -19.14
N PHE B 318 11.08 -2.04 -19.61
CA PHE B 318 11.36 -1.43 -20.91
C PHE B 318 12.31 -2.28 -21.70
N ASP B 319 12.05 -2.34 -23.01
CA ASP B 319 12.76 -3.19 -23.96
C ASP B 319 13.94 -2.41 -24.51
N ILE B 320 15.07 -2.49 -23.82
CA ILE B 320 16.25 -1.72 -24.20
C ILE B 320 17.36 -2.72 -24.41
N ALA B 321 17.72 -2.92 -25.68
CA ALA B 321 18.88 -3.74 -26.03
C ALA B 321 20.15 -3.03 -25.51
N LEU B 322 21.05 -3.80 -24.91
CA LEU B 322 22.25 -3.22 -24.30
C LEU B 322 23.45 -3.98 -24.79
N GLU B 323 24.55 -3.27 -24.97
CA GLU B 323 25.79 -3.90 -25.38
C GLU B 323 26.99 -3.23 -24.72
N VAL B 324 27.98 -4.05 -24.40
CA VAL B 324 29.27 -3.54 -23.92
C VAL B 324 30.37 -3.94 -24.90
N THR B 325 31.23 -2.99 -25.23
CA THR B 325 32.44 -3.29 -26.01
C THR B 325 33.71 -2.90 -25.24
N LEU B 326 34.80 -3.56 -25.59
CA LEU B 326 36.14 -3.27 -25.04
C LEU B 326 37.12 -3.15 -26.20
N ARG B 327 37.83 -2.02 -26.27
CA ARG B 327 38.87 -1.80 -27.29
C ARG B 327 40.21 -1.57 -26.59
N ALA B 328 41.18 -2.44 -26.84
CA ALA B 328 42.55 -2.24 -26.35
C ALA B 328 43.12 -1.00 -26.98
N GLU B 329 44.10 -0.41 -26.32
CA GLU B 329 44.72 0.78 -26.84
C GLU B 329 45.31 0.48 -28.23
N GLY B 330 44.93 1.32 -29.20
CA GLY B 330 45.37 1.17 -30.57
C GLY B 330 44.70 0.08 -31.41
N ALA B 331 43.69 -0.61 -30.90
CA ALA B 331 43.00 -1.64 -31.69
C ALA B 331 42.05 -0.95 -32.67
N ALA B 332 41.98 -1.50 -33.88
CA ALA B 332 41.15 -0.94 -34.96
C ALA B 332 39.66 -1.18 -34.72
N GLU B 333 39.31 -2.25 -34.00
CA GLU B 333 37.91 -2.57 -33.72
C GLU B 333 37.74 -2.97 -32.26
N ALA B 334 36.58 -2.63 -31.69
CA ALA B 334 36.21 -3.04 -30.35
C ALA B 334 35.70 -4.48 -30.33
N THR B 335 35.75 -5.13 -29.17
CA THR B 335 35.18 -6.44 -28.99
C THR B 335 33.85 -6.31 -28.24
N SER B 336 32.77 -6.86 -28.80
CA SER B 336 31.49 -6.97 -28.12
C SER B 336 31.60 -8.07 -27.05
N ILE B 337 31.46 -7.71 -25.79
CA ILE B 337 31.63 -8.69 -24.72
C ILE B 337 30.33 -9.03 -24.02
N CYS B 338 29.30 -8.20 -24.18
CA CYS B 338 28.03 -8.45 -23.50
C CYS B 338 26.90 -7.93 -24.35
N ARG B 339 25.89 -8.76 -24.55
CA ARG B 339 24.65 -8.34 -25.16
C ARG B 339 23.54 -8.76 -24.22
N THR B 340 22.71 -7.83 -23.81
CA THR B 340 21.62 -8.21 -22.95
C THR B 340 20.47 -7.22 -23.15
N ASN B 341 19.49 -7.25 -22.27
CA ASN B 341 18.35 -6.35 -22.38
C ASN B 341 17.85 -5.92 -21.00
N PHE B 342 17.38 -4.67 -20.91
CA PHE B 342 16.84 -4.11 -19.69
C PHE B 342 15.56 -4.78 -19.17
N ARG B 343 14.75 -5.31 -20.08
CA ARG B 343 13.44 -5.85 -19.76
C ARG B 343 13.46 -7.01 -18.75
N HIS B 344 14.61 -7.65 -18.55
CA HIS B 344 14.74 -8.80 -17.64
C HIS B 344 14.96 -8.44 -16.15
N MET B 345 15.01 -7.15 -15.81
CA MET B 345 15.26 -6.75 -14.44
C MET B 345 14.09 -7.20 -13.57
N TYR B 346 14.40 -7.79 -12.41
CA TYR B 346 13.40 -8.39 -11.55
C TYR B 346 12.58 -7.34 -10.79
N TRP B 347 13.22 -6.25 -10.37
CA TRP B 347 12.51 -5.12 -9.78
C TRP B 347 12.49 -3.96 -10.78
N THR B 348 11.34 -3.28 -10.88
CA THR B 348 11.20 -2.18 -11.80
C THR B 348 11.67 -0.88 -11.18
N MET B 349 11.76 0.13 -12.03
CA MET B 349 12.07 1.49 -11.57
C MET B 349 11.05 1.98 -10.56
N ALA B 350 9.78 1.74 -10.83
CA ALA B 350 8.74 2.14 -9.93
C ALA B 350 8.94 1.52 -8.58
N GLN B 351 9.26 0.22 -8.54
CA GLN B 351 9.38 -0.50 -7.27
C GLN B 351 10.61 -0.04 -6.52
N GLN B 352 11.67 0.25 -7.26
CA GLN B 352 12.86 0.75 -6.61
C GLN B 352 12.55 2.09 -5.97
N LEU B 353 11.84 2.96 -6.68
CA LEU B 353 11.62 4.32 -6.19
C LEU B 353 10.67 4.26 -5.00
N ALA B 354 9.66 3.39 -5.09
CA ALA B 354 8.75 3.19 -3.95
C ALA B 354 9.53 2.69 -2.72
N HIS B 355 10.43 1.74 -2.94
CA HIS B 355 11.17 1.16 -1.81
C HIS B 355 12.12 2.18 -1.21
N HIS B 356 12.75 2.98 -2.05
CA HIS B 356 13.62 4.07 -1.60
C HIS B 356 12.91 5.00 -0.63
N THR B 357 11.63 5.23 -0.84
CA THR B 357 10.91 6.26 -0.11
C THR B 357 9.96 5.72 0.94
N VAL B 358 9.95 4.41 1.14
CA VAL B 358 8.91 3.80 1.97
C VAL B 358 9.06 4.15 3.43
N ALA B 359 10.30 4.44 3.83
CA ALA B 359 10.61 4.81 5.21
C ALA B 359 10.63 6.31 5.42
N GLY B 360 10.41 7.07 4.35
CA GLY B 360 10.30 8.53 4.49
C GLY B 360 11.40 9.31 3.83
N CYS B 361 12.44 8.64 3.32
CA CYS B 361 13.58 9.33 2.75
C CYS B 361 13.08 10.18 1.60
N ASN B 362 13.60 11.39 1.49
CA ASN B 362 13.22 12.32 0.40
C ASN B 362 14.14 12.16 -0.85
N THR B 363 13.54 12.24 -2.05
CA THR B 363 14.29 12.31 -3.28
C THR B 363 14.19 13.73 -3.83
N ARG B 364 15.17 14.09 -4.67
CA ARG B 364 15.28 15.45 -5.18
C ARG B 364 15.49 15.41 -6.67
N VAL B 365 15.15 16.51 -7.33
CA VAL B 365 15.30 16.61 -8.78
C VAL B 365 16.76 16.39 -9.13
N GLY B 366 17.01 15.51 -10.08
CA GLY B 366 18.36 15.20 -10.51
C GLY B 366 18.94 13.95 -9.87
N ASP B 367 18.26 13.36 -8.88
CA ASP B 367 18.79 12.17 -8.23
C ASP B 367 19.05 11.12 -9.27
N LEU B 368 20.16 10.41 -9.12
CA LEU B 368 20.49 9.31 -9.98
C LEU B 368 20.22 7.96 -9.30
N MET B 369 19.48 7.10 -9.99
CA MET B 369 19.19 5.76 -9.48
C MET B 369 19.57 4.64 -10.43
N GLY B 370 20.56 3.86 -9.99
CA GLY B 370 21.15 2.82 -10.79
C GLY B 370 20.35 1.56 -10.65
N SER B 371 20.24 0.84 -11.76
CA SER B 371 19.51 -0.41 -11.82
C SER B 371 20.21 -1.56 -11.08
N GLY B 372 21.52 -1.46 -10.92
CA GLY B 372 22.28 -2.65 -10.62
C GLY B 372 22.76 -3.30 -11.91
N THR B 373 23.85 -4.03 -11.81
CA THR B 373 24.44 -4.73 -12.95
C THR B 373 23.37 -5.57 -13.63
N ILE B 374 23.21 -5.36 -14.92
CA ILE B 374 22.23 -6.05 -15.76
C ILE B 374 22.89 -7.30 -16.37
N SER B 375 22.40 -8.47 -15.99
CA SER B 375 22.89 -9.73 -16.51
C SER B 375 21.71 -10.57 -16.97
N GLY B 376 21.80 -11.09 -18.19
CA GLY B 376 20.84 -12.06 -18.70
C GLY B 376 21.20 -13.49 -18.30
N PRO B 377 20.44 -14.46 -18.78
CA PRO B 377 20.66 -15.87 -18.40
C PRO B 377 21.86 -16.55 -19.08
N THR B 378 22.28 -16.07 -20.26
CA THR B 378 23.35 -16.74 -21.03
C THR B 378 24.72 -16.14 -20.72
N LYS B 379 25.76 -16.93 -20.98
CA LYS B 379 27.16 -16.56 -20.70
C LYS B 379 27.62 -15.34 -21.48
N ASP B 380 26.95 -14.98 -22.58
CA ASP B 380 27.32 -13.77 -23.34
C ASP B 380 26.44 -12.55 -22.99
N SER B 381 25.68 -12.64 -21.90
CA SER B 381 24.79 -11.56 -21.52
C SER B 381 25.04 -11.05 -20.10
N PHE B 382 26.16 -11.43 -19.51
CA PHE B 382 26.48 -11.01 -18.16
C PHE B 382 27.11 -9.63 -18.24
N GLY B 383 26.74 -8.74 -17.32
CA GLY B 383 27.08 -7.33 -17.39
C GLY B 383 28.36 -6.87 -16.71
N SER B 384 29.23 -7.82 -16.35
CA SER B 384 30.55 -7.45 -15.86
C SER B 384 31.58 -8.48 -16.25
N LEU B 385 32.86 -8.12 -16.24
CA LEU B 385 33.91 -9.09 -16.54
C LEU B 385 34.08 -10.12 -15.43
N LEU B 386 33.86 -9.68 -14.19
CA LEU B 386 33.81 -10.61 -13.08
C LEU B 386 32.93 -11.81 -13.46
N GLU B 387 31.74 -11.54 -13.99
CA GLU B 387 30.82 -12.60 -14.40
C GLU B 387 31.27 -13.27 -15.71
N LEU B 388 31.59 -12.49 -16.74
CA LEU B 388 31.94 -13.02 -18.05
C LEU B 388 33.14 -13.94 -18.03
N THR B 389 34.14 -13.62 -17.21
CA THR B 389 35.34 -14.44 -17.13
C THR B 389 35.37 -15.33 -15.89
N TRP B 390 34.26 -15.34 -15.15
CA TRP B 390 34.18 -16.03 -13.87
C TRP B 390 35.40 -15.78 -12.99
N ASN B 391 35.55 -14.52 -12.62
CA ASN B 391 36.62 -14.08 -11.75
C ASN B 391 38.02 -14.38 -12.29
N GLY B 392 38.17 -14.30 -13.60
CA GLY B 392 39.47 -14.43 -14.25
C GLY B 392 39.87 -15.84 -14.66
N LYS B 393 38.91 -16.78 -14.66
CA LYS B 393 39.17 -18.20 -14.97
C LYS B 393 38.95 -18.54 -16.44
N GLU B 394 37.95 -17.93 -17.07
CA GLU B 394 37.77 -18.08 -18.53
C GLU B 394 37.98 -16.71 -19.20
N PRO B 395 39.22 -16.43 -19.65
CA PRO B 395 39.44 -15.13 -20.30
C PRO B 395 38.64 -14.92 -21.59
N VAL B 396 38.36 -13.66 -21.91
CA VAL B 396 37.60 -13.29 -23.10
C VAL B 396 38.58 -13.04 -24.24
N ALA B 397 38.36 -13.72 -25.38
CA ALA B 397 39.14 -13.48 -26.59
C ALA B 397 38.74 -12.16 -27.21
N LEU B 398 39.71 -11.37 -27.65
CA LEU B 398 39.41 -10.09 -28.30
C LEU B 398 39.46 -10.16 -29.84
N ASN B 399 38.48 -9.52 -30.45
CA ASN B 399 38.49 -9.24 -31.87
C ASN B 399 39.78 -8.51 -32.20
N GLY B 400 40.60 -9.15 -33.05
CA GLY B 400 41.86 -8.58 -33.48
C GLY B 400 43.07 -9.21 -32.80
N GLY B 401 42.84 -10.26 -32.02
CA GLY B 401 43.89 -10.88 -31.21
C GLY B 401 43.91 -10.42 -29.75
N GLY B 402 44.44 -11.28 -28.89
CA GLY B 402 44.66 -10.95 -27.51
C GLY B 402 43.49 -11.39 -26.68
N SER B 403 43.59 -11.18 -25.38
CA SER B 403 42.57 -11.63 -24.46
C SER B 403 42.59 -10.79 -23.18
N ARG B 404 41.50 -10.90 -22.42
CA ARG B 404 41.35 -10.17 -21.18
C ARG B 404 40.70 -11.04 -20.12
N THR B 405 41.12 -10.83 -18.86
CA THR B 405 40.29 -11.14 -17.70
C THR B 405 39.68 -9.82 -17.21
N PHE B 406 40.44 -9.00 -16.50
CA PHE B 406 39.95 -7.69 -16.11
C PHE B 406 40.54 -6.59 -16.97
N ILE B 407 40.09 -5.36 -16.79
CA ILE B 407 40.48 -4.26 -17.67
C ILE B 407 41.94 -3.87 -17.47
N GLU B 408 42.59 -3.56 -18.59
CA GLU B 408 43.97 -3.19 -18.62
C GLU B 408 44.12 -1.71 -19.00
N ASP B 409 45.21 -1.11 -18.52
CA ASP B 409 45.51 0.27 -18.78
C ASP B 409 45.43 0.55 -20.28
N GLY B 410 44.79 1.66 -20.64
CA GLY B 410 44.62 2.00 -22.04
C GLY B 410 43.32 1.48 -22.64
N ASP B 411 42.72 0.43 -22.08
CA ASP B 411 41.46 -0.12 -22.64
C ASP B 411 40.38 0.93 -22.58
N GLU B 412 39.52 0.95 -23.60
CA GLU B 412 38.33 1.77 -23.63
C GLU B 412 37.12 0.84 -23.53
N LEU B 413 36.27 1.10 -22.53
CA LEU B 413 35.01 0.37 -22.30
C LEU B 413 33.86 1.24 -22.69
N THR B 414 32.96 0.70 -23.51
CA THR B 414 31.80 1.46 -23.98
C THR B 414 30.49 0.71 -23.71
N LEU B 415 29.52 1.42 -23.17
CA LEU B 415 28.16 0.93 -23.03
C LEU B 415 27.35 1.60 -24.11
N ALA B 416 26.49 0.82 -24.76
CA ALA B 416 25.55 1.37 -25.69
C ALA B 416 24.18 0.77 -25.40
N GLY B 417 23.14 1.47 -25.79
CA GLY B 417 21.79 0.98 -25.58
C GLY B 417 20.81 1.63 -26.53
N TRP B 418 19.75 0.90 -26.85
CA TRP B 418 18.77 1.40 -27.80
C TRP B 418 17.52 0.54 -27.82
N CYS B 419 16.43 1.18 -28.20
CA CYS B 419 15.13 0.53 -28.33
C CYS B 419 14.79 0.42 -29.80
N GLN B 420 14.53 -0.79 -30.24
CA GLN B 420 14.31 -1.07 -31.67
C GLN B 420 12.83 -0.90 -32.07
N GLY B 421 12.53 0.17 -32.80
CA GLY B 421 11.22 0.35 -33.42
C GLY B 421 11.23 -0.12 -34.87
N ASP B 422 10.08 -0.05 -35.55
CA ASP B 422 9.97 -0.46 -36.97
C ASP B 422 10.57 0.64 -37.88
N GLY B 423 11.81 0.40 -38.31
CA GLY B 423 12.54 1.34 -39.19
C GLY B 423 13.14 2.56 -38.51
N TYR B 424 13.23 2.51 -37.19
CA TYR B 424 13.93 3.53 -36.43
C TYR B 424 14.30 2.96 -35.07
N ARG B 425 15.13 3.70 -34.35
CA ARG B 425 15.45 3.36 -32.98
C ARG B 425 15.60 4.58 -32.11
N VAL B 426 15.23 4.41 -30.85
CA VAL B 426 15.45 5.41 -29.83
C VAL B 426 16.67 4.93 -29.08
N GLY B 427 17.76 5.67 -29.21
CA GLY B 427 19.03 5.21 -28.68
C GLY B 427 19.55 6.13 -27.60
N PHE B 428 20.44 5.57 -26.80
CA PHE B 428 21.01 6.27 -25.65
C PHE B 428 22.35 6.97 -25.92
N GLY B 429 22.89 6.82 -27.12
CA GLY B 429 24.26 7.24 -27.39
C GLY B 429 25.23 6.27 -26.74
N THR B 430 26.37 6.79 -26.30
CA THR B 430 27.34 5.94 -25.64
C THR B 430 27.75 6.45 -24.27
N CYS B 431 28.28 5.49 -23.50
CA CYS B 431 28.78 5.71 -22.17
C CYS B 431 30.18 5.11 -22.11
N ALA B 432 31.18 5.93 -22.39
CA ALA B 432 32.55 5.46 -22.64
C ALA B 432 33.54 5.94 -21.62
N GLY B 433 34.66 5.25 -21.55
CA GLY B 433 35.80 5.72 -20.76
C GLY B 433 37.04 4.91 -20.99
N ARG B 434 38.19 5.59 -21.02
CA ARG B 434 39.49 4.94 -21.18
C ARG B 434 40.23 4.97 -19.81
N ILE B 435 40.87 3.85 -19.49
CA ILE B 435 41.57 3.69 -18.22
C ILE B 435 43.00 4.26 -18.23
N LEU B 436 43.28 5.17 -17.30
CA LEU B 436 44.64 5.70 -17.08
C LEU B 436 45.34 4.86 -16.03
N PRO B 437 46.67 4.76 -16.13
CA PRO B 437 47.45 4.08 -15.11
C PRO B 437 47.24 4.63 -13.69
N ALA B 438 47.37 3.75 -12.70
CA ALA B 438 47.29 4.16 -11.30
C ALA B 438 48.45 5.10 -10.94
N ARG B 439 48.17 6.04 -10.05
CA ARG B 439 49.20 6.90 -9.44
C ARG B 439 50.19 6.01 -8.70
N SER B 440 51.47 6.36 -8.76
CA SER B 440 52.49 5.64 -8.01
C SER B 440 52.75 6.34 -6.66
N TRP C 15 -4.34 12.34 17.65
CA TRP C 15 -5.61 11.66 18.10
C TRP C 15 -5.48 10.88 19.40
N ARG C 16 -4.26 10.48 19.75
CA ARG C 16 -4.04 9.76 21.00
C ARG C 16 -4.30 10.63 22.24
N ALA C 17 -4.23 11.95 22.06
CA ALA C 17 -4.58 12.91 23.12
C ALA C 17 -6.07 12.85 23.48
N THR C 18 -6.90 12.47 22.51
CA THR C 18 -8.34 12.31 22.73
C THR C 18 -8.67 11.10 23.61
N LEU C 19 -7.69 10.23 23.89
CA LEU C 19 -7.91 9.08 24.78
C LEU C 19 -7.57 9.38 26.23
N ASP C 20 -7.11 10.59 26.48
CA ASP C 20 -6.72 11.02 27.84
C ASP C 20 -7.89 10.87 28.83
N PRO C 21 -7.76 9.95 29.81
CA PRO C 21 -8.78 9.80 30.85
C PRO C 21 -9.10 11.06 31.68
N ALA C 22 -8.17 12.00 31.73
CA ALA C 22 -8.36 13.24 32.48
C ALA C 22 -9.26 14.22 31.73
N ARG C 23 -9.46 14.01 30.44
CA ARG C 23 -10.24 14.96 29.65
C ARG C 23 -11.73 14.88 30.06
N LYS C 24 -12.39 16.04 30.05
CA LYS C 24 -13.79 16.17 30.47
C LYS C 24 -14.51 17.18 29.58
N SER C 25 -15.85 17.09 29.54
CA SER C 25 -16.68 17.97 28.74
C SER C 25 -17.50 18.99 29.54
N TRP C 26 -17.85 20.10 28.89
CA TRP C 26 -18.82 21.05 29.44
C TRP C 26 -20.28 20.52 29.30
N ILE C 27 -20.44 19.45 28.53
CA ILE C 27 -21.63 18.64 28.63
C ILE C 27 -21.42 17.75 29.84
N GLU C 28 -21.97 18.19 30.97
CA GLU C 28 -21.69 17.60 32.28
C GLU C 28 -22.10 16.15 32.41
N THR C 29 -23.16 15.73 31.72
CA THR C 29 -23.61 14.35 31.82
C THR C 29 -22.56 13.34 31.29
N ALA C 30 -21.65 13.84 30.45
CA ALA C 30 -20.57 13.03 29.91
C ALA C 30 -19.59 12.63 30.98
N ASN C 31 -19.46 13.48 31.98
CA ASN C 31 -18.44 13.29 33.01
C ASN C 31 -18.94 12.44 34.17
N ASP C 32 -20.16 11.94 34.07
CA ASP C 32 -20.57 10.94 35.03
C ASP C 32 -19.75 9.67 34.76
N PRO C 33 -19.14 9.10 35.80
CA PRO C 33 -18.38 7.88 35.65
C PRO C 33 -19.11 6.74 34.99
N ALA C 34 -20.43 6.66 35.18
CA ALA C 34 -21.27 5.59 34.65
C ALA C 34 -21.76 5.79 33.20
N CYS C 35 -21.55 7.00 32.67
CA CYS C 35 -22.05 7.31 31.33
C CYS C 35 -21.30 6.50 30.29
N ASP C 36 -22.03 5.84 29.40
CA ASP C 36 -21.44 5.14 28.27
C ASP C 36 -20.74 6.06 27.27
N PHE C 37 -21.09 7.35 27.30
CA PHE C 37 -20.68 8.28 26.24
C PHE C 37 -19.88 9.46 26.75
N PRO C 38 -18.75 9.18 27.44
CA PRO C 38 -17.88 10.25 27.87
C PRO C 38 -17.20 10.89 26.66
N ILE C 39 -16.39 11.92 26.91
CA ILE C 39 -15.65 12.56 25.83
C ILE C 39 -14.59 11.63 25.23
N GLN C 40 -14.17 10.62 25.99
CA GLN C 40 -13.23 9.62 25.51
C GLN C 40 -13.78 8.67 24.45
N ASN C 41 -15.10 8.56 24.33
CA ASN C 41 -15.73 7.59 23.46
C ASN C 41 -16.01 8.20 22.08
N LEU C 42 -17.12 8.95 21.96
CA LEU C 42 -17.48 9.62 20.71
C LEU C 42 -17.79 8.63 19.56
N PRO C 43 -18.80 7.76 19.77
CA PRO C 43 -19.20 6.80 18.74
C PRO C 43 -20.03 7.49 17.68
N PHE C 44 -20.10 6.91 16.49
CA PHE C 44 -20.86 7.47 15.40
C PHE C 44 -22.19 6.72 15.20
N GLY C 45 -23.21 7.47 14.81
CA GLY C 45 -24.50 6.86 14.56
C GLY C 45 -25.36 7.69 13.64
N ILE C 46 -26.59 7.22 13.44
CA ILE C 46 -27.55 7.85 12.59
C ILE C 46 -28.84 8.00 13.38
N PHE C 47 -29.38 9.22 13.37
CA PHE C 47 -30.51 9.56 14.22
C PHE C 47 -31.43 10.49 13.47
N SER C 48 -32.71 10.43 13.85
CA SER C 48 -33.64 11.43 13.41
C SER C 48 -34.34 11.99 14.62
N ASP C 49 -34.95 13.15 14.42
CA ASP C 49 -35.77 13.80 15.41
C ASP C 49 -36.87 14.54 14.66
N ALA C 50 -37.69 15.29 15.38
CA ALA C 50 -38.69 16.15 14.75
C ALA C 50 -38.07 17.31 13.92
N LYS C 51 -36.86 17.72 14.24
CA LYS C 51 -36.18 18.74 13.46
C LYS C 51 -35.90 18.25 12.03
N GLY C 52 -35.61 16.96 11.85
CA GLY C 52 -35.14 16.50 10.54
C GLY C 52 -35.02 15.01 10.33
N ALA C 53 -34.77 14.67 9.07
CA ALA C 53 -34.63 13.27 8.65
C ALA C 53 -33.33 12.66 9.15
N ARG C 54 -33.25 11.34 9.10
CA ARG C 54 -32.11 10.62 9.66
C ARG C 54 -30.80 11.12 9.06
N ARG C 55 -29.80 11.27 9.92
CA ARG C 55 -28.53 11.86 9.53
C ARG C 55 -27.47 11.53 10.58
N PRO C 56 -26.19 11.79 10.27
CA PRO C 56 -25.11 11.39 11.14
C PRO C 56 -25.06 12.16 12.43
N GLY C 57 -24.77 11.44 13.51
CA GLY C 57 -24.56 12.04 14.84
C GLY C 57 -23.51 11.33 15.68
N VAL C 58 -23.08 11.98 16.76
CA VAL C 58 -22.14 11.43 17.71
C VAL C 58 -22.72 11.60 19.12
N ALA C 59 -22.69 10.53 19.90
CA ALA C 59 -23.19 10.55 21.26
C ALA C 59 -22.19 11.20 22.19
N LEU C 60 -22.68 12.03 23.11
CA LEU C 60 -21.86 12.63 24.16
C LEU C 60 -22.77 12.93 25.33
N GLY C 61 -22.45 12.35 26.50
CA GLY C 61 -23.35 12.44 27.65
C GLY C 61 -24.72 11.93 27.25
N ASP C 62 -25.76 12.70 27.56
CA ASP C 62 -27.14 12.32 27.24
C ASP C 62 -27.61 13.07 25.99
N GLN C 63 -26.67 13.64 25.25
CA GLN C 63 -26.93 14.39 24.03
C GLN C 63 -26.42 13.69 22.77
N ILE C 64 -26.79 14.25 21.62
CA ILE C 64 -26.21 13.86 20.33
C ILE C 64 -25.73 15.10 19.60
N VAL C 65 -24.53 15.00 19.05
CA VAL C 65 -23.97 16.02 18.20
C VAL C 65 -24.46 15.83 16.74
N ASP C 66 -25.14 16.85 16.23
CA ASP C 66 -25.68 16.87 14.89
C ASP C 66 -24.56 17.30 13.99
N LEU C 67 -23.87 16.35 13.39
CA LEU C 67 -22.68 16.64 12.57
C LEU C 67 -22.94 17.59 11.40
N ALA C 68 -24.05 17.39 10.69
CA ALA C 68 -24.40 18.27 9.56
C ALA C 68 -24.53 19.71 10.03
N ALA C 69 -25.29 19.89 11.11
CA ALA C 69 -25.53 21.23 11.70
C ALA C 69 -24.24 21.86 12.18
N LEU C 70 -23.36 21.04 12.75
CA LEU C 70 -22.06 21.53 13.21
C LEU C 70 -21.23 21.98 12.01
N ALA C 71 -21.33 21.25 10.91
CA ALA C 71 -20.58 21.60 9.71
C ALA C 71 -21.10 22.91 9.11
N ARG C 72 -22.42 23.06 9.03
CA ARG C 72 -22.99 24.30 8.50
C ARG C 72 -22.51 25.52 9.28
N ALA C 73 -22.37 25.36 10.59
CA ALA C 73 -21.86 26.42 11.46
C ALA C 73 -20.35 26.62 11.40
N GLY C 74 -19.65 25.84 10.59
CA GLY C 74 -18.21 25.98 10.44
C GLY C 74 -17.38 25.39 11.56
N LEU C 75 -18.02 24.67 12.49
CA LEU C 75 -17.33 24.16 13.67
C LEU C 75 -16.78 22.73 13.52
N VAL C 76 -16.99 22.10 12.36
CA VAL C 76 -16.28 20.86 12.03
C VAL C 76 -16.09 20.85 10.51
N THR C 77 -14.90 20.50 10.06
CA THR C 77 -14.61 20.55 8.65
C THR C 77 -14.06 19.21 8.21
N LEU C 78 -14.37 18.88 6.97
CA LEU C 78 -13.99 17.61 6.36
C LEU C 78 -13.24 17.90 5.08
N PRO C 79 -12.64 16.87 4.47
CA PRO C 79 -12.06 17.04 3.14
C PRO C 79 -13.04 17.73 2.22
N ALA C 80 -12.57 18.66 1.40
CA ALA C 80 -13.42 19.19 0.34
C ALA C 80 -13.94 18.02 -0.49
N GLY C 81 -15.23 18.06 -0.86
CA GLY C 81 -15.81 17.03 -1.71
C GLY C 81 -17.32 16.96 -1.60
N ALA C 82 -17.89 15.79 -1.88
CA ALA C 82 -19.33 15.56 -1.73
C ALA C 82 -19.70 15.61 -0.25
N ASP C 83 -20.93 16.00 0.03
CA ASP C 83 -21.37 16.18 1.41
C ASP C 83 -21.84 14.86 2.04
N VAL C 84 -20.97 14.27 2.84
CA VAL C 84 -21.26 12.96 3.43
C VAL C 84 -22.20 13.04 4.65
N LEU C 85 -22.51 14.25 5.10
CA LEU C 85 -23.29 14.41 6.31
C LEU C 85 -24.76 14.69 6.00
N ALA C 86 -25.08 14.71 4.72
CA ALA C 86 -26.49 14.78 4.27
C ALA C 86 -27.04 13.37 4.12
N ALA C 87 -26.16 12.38 4.24
CA ALA C 87 -26.51 11.02 3.91
C ALA C 87 -27.27 10.38 5.03
N PRO C 88 -28.24 9.52 4.71
CA PRO C 88 -28.99 8.79 5.73
C PRO C 88 -28.23 7.61 6.36
N THR C 89 -27.00 7.37 5.89
CA THR C 89 -26.13 6.39 6.51
C THR C 89 -24.74 6.98 6.63
N LEU C 90 -23.90 6.29 7.41
CA LEU C 90 -22.54 6.73 7.66
C LEU C 90 -21.56 6.23 6.58
N ASN C 91 -22.03 5.40 5.64
CA ASN C 91 -21.13 4.76 4.64
C ASN C 91 -20.22 5.73 3.93
N ALA C 92 -20.80 6.82 3.43
CA ALA C 92 -20.03 7.83 2.70
C ALA C 92 -18.97 8.47 3.60
N PHE C 93 -19.35 8.82 4.81
CA PHE C 93 -18.39 9.36 5.74
C PHE C 93 -17.29 8.34 5.99
N ILE C 94 -17.66 7.10 6.29
CA ILE C 94 -16.65 6.06 6.56
C ILE C 94 -15.69 5.90 5.38
N ALA C 95 -16.25 5.86 4.17
CA ALA C 95 -15.43 5.70 2.96
C ALA C 95 -14.28 6.73 2.87
N LEU C 96 -14.46 7.92 3.44
CA LEU C 96 -13.41 8.93 3.43
C LEU C 96 -12.09 8.50 4.08
N GLY C 97 -12.11 7.45 4.89
CA GLY C 97 -10.87 6.89 5.44
C GLY C 97 -10.47 7.38 6.81
N ARG C 98 -9.46 6.72 7.35
CA ARG C 98 -9.06 6.91 8.72
C ARG C 98 -8.59 8.33 9.08
N ASP C 99 -7.92 9.01 8.17
CA ASP C 99 -7.51 10.37 8.44
C ASP C 99 -8.73 11.25 8.74
N ALA C 100 -9.79 11.05 8.00
CA ALA C 100 -11.02 11.81 8.20
C ALA C 100 -11.69 11.46 9.55
N TRP C 101 -11.73 10.17 9.88
CA TRP C 101 -12.35 9.71 11.12
C TRP C 101 -11.65 10.38 12.26
N ARG C 102 -10.33 10.38 12.20
CA ARG C 102 -9.51 10.98 13.25
C ARG C 102 -9.64 12.47 13.27
N SER C 103 -9.54 13.11 12.11
CA SER C 103 -9.72 14.54 12.06
C SER C 103 -11.02 14.95 12.75
N VAL C 104 -12.13 14.28 12.42
CA VAL C 104 -13.41 14.65 13.01
C VAL C 104 -13.37 14.41 14.51
N ARG C 105 -12.85 13.25 14.92
CA ARG C 105 -12.75 12.96 16.34
C ARG C 105 -11.95 14.03 17.08
N VAL C 106 -10.83 14.47 16.51
CA VAL C 106 -9.98 15.48 17.14
C VAL C 106 -10.71 16.82 17.26
N GLN C 107 -11.49 17.18 16.25
CA GLN C 107 -12.18 18.47 16.29
C GLN C 107 -13.29 18.42 17.33
N LEU C 108 -13.96 17.28 17.43
CA LEU C 108 -15.03 17.13 18.38
C LEU C 108 -14.48 17.13 19.79
N SER C 109 -13.46 16.33 20.05
CA SER C 109 -12.83 16.30 21.37
C SER C 109 -12.40 17.69 21.83
N ALA C 110 -11.86 18.48 20.92
CA ALA C 110 -11.37 19.81 21.27
C ALA C 110 -12.54 20.74 21.56
N LEU C 111 -13.54 20.71 20.69
CA LEU C 111 -14.69 21.60 20.82
C LEU C 111 -15.52 21.37 22.08
N PHE C 112 -15.63 20.11 22.50
CA PHE C 112 -16.48 19.77 23.62
C PHE C 112 -15.72 19.61 24.91
N SER C 113 -14.42 19.89 24.87
CA SER C 113 -13.58 19.96 26.06
C SER C 113 -13.96 21.15 26.94
N ARG C 114 -13.90 20.94 28.25
CA ARG C 114 -14.19 22.00 29.23
C ARG C 114 -13.49 23.34 28.91
N ASP C 115 -12.31 23.25 28.28
CA ASP C 115 -11.44 24.42 28.08
C ASP C 115 -11.73 25.15 26.76
N ASP C 116 -12.84 24.79 26.10
CA ASP C 116 -13.32 25.52 24.92
C ASP C 116 -14.70 26.20 25.07
N ALA C 117 -14.70 27.52 25.02
CA ALA C 117 -15.90 28.36 25.15
C ALA C 117 -16.68 28.54 23.85
N THR C 118 -16.05 28.25 22.72
CA THR C 118 -16.61 28.55 21.39
C THR C 118 -18.06 28.13 21.20
N LEU C 119 -18.36 26.85 21.40
CA LEU C 119 -19.75 26.39 21.32
C LEU C 119 -20.45 26.44 22.68
N ARG C 120 -19.70 26.18 23.74
CA ARG C 120 -20.30 26.09 25.07
C ARG C 120 -21.08 27.35 25.46
N ASP C 121 -20.52 28.51 25.18
CA ASP C 121 -21.13 29.77 25.58
C ASP C 121 -22.05 30.40 24.53
N ASP C 122 -22.28 29.69 23.43
CA ASP C 122 -23.18 30.11 22.38
C ASP C 122 -24.51 29.34 22.52
N ALA C 123 -25.36 29.78 23.45
CA ALA C 123 -26.60 29.08 23.76
C ALA C 123 -27.49 28.86 22.53
N ALA C 124 -27.61 29.87 21.69
CA ALA C 124 -28.45 29.80 20.49
C ALA C 124 -27.98 28.66 19.58
N LEU C 125 -26.68 28.57 19.40
CA LEU C 125 -26.12 27.58 18.50
C LEU C 125 -26.12 26.18 19.09
N ARG C 126 -25.95 26.06 20.41
CA ARG C 126 -26.10 24.79 21.11
C ARG C 126 -27.47 24.18 20.92
N ALA C 127 -28.48 25.03 20.85
CA ALA C 127 -29.85 24.57 20.67
C ALA C 127 -30.08 24.09 19.24
N GLN C 128 -29.19 24.50 18.34
CA GLN C 128 -29.24 24.11 16.94
C GLN C 128 -28.42 22.85 16.63
N VAL C 129 -27.38 22.57 17.39
CA VAL C 129 -26.46 21.48 17.04
C VAL C 129 -26.45 20.28 17.98
N LEU C 130 -27.16 20.39 19.08
CA LEU C 130 -27.28 19.30 20.04
C LEU C 130 -28.73 18.87 20.18
N VAL C 131 -28.91 17.57 20.29
CA VAL C 131 -30.23 16.98 20.35
C VAL C 131 -30.17 15.96 21.46
N ALA C 132 -31.12 16.04 22.39
CA ALA C 132 -31.15 15.09 23.49
C ALA C 132 -31.46 13.71 22.93
N GLN C 133 -30.76 12.70 23.44
CA GLN C 133 -31.01 11.32 23.06
C GLN C 133 -32.45 10.93 23.30
N ARG C 134 -33.01 11.44 24.39
CA ARG C 134 -34.41 11.28 24.75
C ARG C 134 -35.37 11.72 23.62
N ASP C 135 -34.99 12.71 22.82
CA ASP C 135 -35.85 13.19 21.71
C ASP C 135 -35.42 12.71 20.33
N ALA C 136 -34.62 11.66 20.26
CA ALA C 136 -34.11 11.23 18.98
C ALA C 136 -34.50 9.81 18.76
N THR C 137 -34.50 9.42 17.49
CA THR C 137 -34.74 8.04 17.14
C THR C 137 -33.50 7.57 16.43
N LEU C 138 -33.02 6.39 16.81
CA LEU C 138 -31.81 5.84 16.23
C LEU C 138 -32.11 4.76 15.20
N HIS C 139 -31.31 4.77 14.14
CA HIS C 139 -31.49 3.86 13.03
C HIS C 139 -30.19 3.09 12.81
N LEU C 140 -30.26 2.11 11.92
CA LEU C 140 -29.07 1.41 11.48
C LEU C 140 -28.01 2.41 11.07
N PRO C 141 -26.83 2.35 11.70
CA PRO C 141 -25.78 3.32 11.39
C PRO C 141 -25.20 3.24 9.98
N VAL C 142 -25.17 2.05 9.39
CA VAL C 142 -24.70 1.88 8.00
C VAL C 142 -25.65 1.05 7.16
N GLU C 143 -25.53 1.22 5.84
CA GLU C 143 -26.08 0.28 4.88
C GLU C 143 -25.11 -0.89 4.85
N ILE C 144 -25.56 -2.07 5.20
CA ILE C 144 -24.71 -3.25 5.28
C ILE C 144 -24.71 -3.96 3.93
N PRO C 145 -23.59 -3.88 3.19
CA PRO C 145 -23.55 -4.59 1.93
C PRO C 145 -23.47 -6.09 2.12
N GLY C 146 -22.74 -6.54 3.12
CA GLY C 146 -22.65 -7.96 3.41
C GLY C 146 -22.51 -8.16 4.90
N TYR C 147 -22.96 -9.32 5.39
CA TYR C 147 -22.86 -9.68 6.79
C TYR C 147 -22.31 -11.08 6.86
N THR C 148 -21.17 -11.21 7.52
CA THR C 148 -20.53 -12.46 7.75
C THR C 148 -20.51 -12.70 9.24
N ASP C 149 -20.59 -13.95 9.65
CA ASP C 149 -20.63 -14.28 11.05
C ASP C 149 -19.69 -15.43 11.35
N PHE C 150 -18.83 -15.21 12.35
CA PHE C 150 -17.80 -16.16 12.67
C PHE C 150 -18.17 -17.07 13.82
N TYR C 151 -17.20 -17.70 14.47
CA TYR C 151 -17.52 -18.78 15.39
C TYR C 151 -16.41 -18.94 16.44
N SER C 152 -15.89 -17.81 16.89
CA SER C 152 -14.52 -17.76 17.41
C SER C 152 -14.34 -17.91 18.94
N SER C 153 -15.43 -18.19 19.66
CA SER C 153 -15.31 -18.53 21.07
C SER C 153 -15.08 -20.03 21.21
N LYS C 154 -13.90 -20.43 21.66
CA LYS C 154 -13.59 -21.84 21.92
C LYS C 154 -14.62 -22.50 22.82
N GLU C 155 -15.00 -21.78 23.88
CA GLU C 155 -15.93 -22.29 24.89
C GLU C 155 -17.31 -22.51 24.28
N HIS C 156 -17.79 -21.55 23.50
CA HIS C 156 -19.07 -21.72 22.81
C HIS C 156 -19.04 -22.92 21.87
N ALA C 157 -18.00 -23.01 21.06
CA ALA C 157 -17.89 -24.07 20.07
C ALA C 157 -17.77 -25.44 20.75
N THR C 158 -17.07 -25.50 21.88
CA THR C 158 -16.95 -26.73 22.62
C THR C 158 -18.30 -27.13 23.25
N ASN C 159 -19.03 -26.15 23.77
CA ASN C 159 -20.35 -26.43 24.36
C ASN C 159 -21.29 -26.99 23.31
N VAL C 160 -21.39 -26.31 22.18
CA VAL C 160 -22.34 -26.69 21.13
C VAL C 160 -21.98 -28.04 20.52
N GLY C 161 -20.72 -28.22 20.12
CA GLY C 161 -20.24 -29.51 19.61
C GLY C 161 -20.53 -30.68 20.55
N SER C 162 -20.80 -30.34 21.81
CA SER C 162 -21.45 -31.25 22.73
C SER C 162 -22.99 -31.09 22.79
N ASN C 169 -13.72 -35.09 19.87
CA ASN C 169 -15.13 -35.15 19.50
C ASN C 169 -15.68 -33.72 19.25
N ALA C 170 -15.79 -32.97 20.34
CA ALA C 170 -16.55 -31.73 20.39
C ALA C 170 -16.02 -30.59 19.49
N LEU C 171 -14.75 -30.24 19.68
CA LEU C 171 -14.03 -29.29 18.81
C LEU C 171 -13.40 -30.03 17.64
N LEU C 172 -13.90 -29.80 16.43
CA LEU C 172 -13.28 -30.40 15.25
C LEU C 172 -11.94 -29.73 14.97
N PRO C 173 -10.95 -30.52 14.53
CA PRO C 173 -9.60 -30.00 14.27
C PRO C 173 -9.55 -28.70 13.49
N ASN C 174 -10.39 -28.55 12.48
CA ASN C 174 -10.34 -27.36 11.62
C ASN C 174 -10.69 -26.07 12.34
N TRP C 175 -11.50 -26.18 13.39
CA TRP C 175 -11.84 -25.03 14.19
C TRP C 175 -10.61 -24.32 14.73
N SER C 176 -9.59 -25.08 15.12
CA SER C 176 -8.36 -24.48 15.69
C SER C 176 -7.36 -24.09 14.62
N GLU C 177 -7.62 -24.46 13.37
CA GLU C 177 -6.73 -24.13 12.27
C GLU C 177 -7.16 -22.86 11.53
N MET C 178 -8.41 -22.49 11.67
CA MET C 178 -8.92 -21.33 10.98
C MET C 178 -10.12 -20.77 11.71
N PRO C 179 -10.39 -19.47 11.55
CA PRO C 179 -11.62 -18.87 12.08
C PRO C 179 -12.81 -19.23 11.20
N ILE C 180 -13.35 -20.40 11.47
CA ILE C 180 -14.64 -20.86 10.93
C ILE C 180 -15.67 -19.71 10.84
N GLY C 181 -16.39 -19.65 9.72
CA GLY C 181 -17.43 -18.63 9.50
C GLY C 181 -18.40 -18.98 8.39
N TYR C 182 -19.48 -18.22 8.29
CA TYR C 182 -20.46 -18.38 7.23
C TYR C 182 -20.97 -16.97 6.82
N ASN C 183 -21.70 -16.93 5.70
CA ASN C 183 -22.34 -15.73 5.21
C ASN C 183 -23.68 -15.61 5.95
N GLY C 184 -23.90 -14.47 6.59
CA GLY C 184 -25.18 -14.16 7.18
C GLY C 184 -26.05 -13.42 6.21
N ARG C 185 -27.28 -13.14 6.64
CA ARG C 185 -28.26 -12.40 5.87
C ARG C 185 -28.28 -10.94 6.27
N ALA C 186 -27.77 -10.09 5.39
CA ALA C 186 -27.72 -8.66 5.59
C ALA C 186 -29.05 -7.96 5.75
N SER C 187 -30.00 -8.36 4.94
CA SER C 187 -31.30 -7.68 4.82
C SER C 187 -32.08 -7.60 6.12
N SER C 188 -31.94 -8.64 6.92
CA SER C 188 -32.68 -8.78 8.15
C SER C 188 -31.90 -8.32 9.38
N VAL C 189 -30.75 -7.66 9.18
CA VAL C 189 -30.09 -7.00 10.30
C VAL C 189 -30.82 -5.69 10.59
N VAL C 190 -31.22 -5.52 11.85
CA VAL C 190 -32.00 -4.39 12.29
C VAL C 190 -31.37 -3.74 13.51
N VAL C 191 -31.76 -2.49 13.73
CA VAL C 191 -31.27 -1.70 14.83
C VAL C 191 -31.98 -2.05 16.15
N SER C 192 -31.26 -1.86 17.26
CA SER C 192 -31.81 -2.01 18.62
C SER C 192 -33.18 -1.36 18.75
N GLY C 193 -34.07 -2.05 19.43
CA GLY C 193 -35.42 -1.55 19.65
C GLY C 193 -36.46 -2.19 18.74
N THR C 194 -36.02 -2.76 17.60
CA THR C 194 -36.94 -3.34 16.66
C THR C 194 -37.57 -4.61 17.22
N PRO C 195 -38.91 -4.69 17.17
CA PRO C 195 -39.49 -5.92 17.68
C PRO C 195 -39.21 -7.03 16.70
N VAL C 196 -39.06 -8.22 17.22
CA VAL C 196 -38.64 -9.38 16.47
C VAL C 196 -39.75 -10.43 16.56
N ARG C 197 -40.36 -10.75 15.42
CA ARG C 197 -41.41 -11.73 15.39
C ARG C 197 -40.87 -13.18 15.45
N ARG C 198 -41.43 -13.99 16.34
CA ARG C 198 -41.05 -15.40 16.44
C ARG C 198 -41.30 -16.03 15.10
N PRO C 199 -40.30 -16.78 14.61
CA PRO C 199 -40.42 -17.39 13.31
C PRO C 199 -41.15 -18.70 13.33
N ASN C 200 -41.84 -18.98 12.23
CA ASN C 200 -42.36 -20.28 11.89
C ASN C 200 -41.43 -21.01 10.97
N GLY C 201 -41.52 -22.33 10.96
CA GLY C 201 -40.69 -23.15 10.10
C GLY C 201 -40.81 -24.63 10.42
N GLN C 202 -40.00 -25.43 9.75
CA GLN C 202 -40.06 -26.88 9.89
C GLN C 202 -39.41 -27.33 11.19
N LEU C 203 -40.16 -28.11 11.97
CA LEU C 203 -39.68 -28.61 13.24
C LEU C 203 -39.68 -30.11 13.22
N LYS C 204 -38.55 -30.72 13.53
CA LYS C 204 -38.47 -32.18 13.59
C LYS C 204 -38.72 -32.62 15.04
N LEU C 205 -39.81 -33.34 15.27
CA LEU C 205 -40.08 -33.89 16.61
C LEU C 205 -39.53 -35.33 16.75
N PRO C 206 -39.05 -35.68 17.97
CA PRO C 206 -38.30 -36.94 18.17
C PRO C 206 -39.11 -38.20 17.86
N ASP C 207 -40.43 -38.13 18.08
CA ASP C 207 -41.28 -39.30 17.90
C ASP C 207 -42.02 -39.37 16.54
N GLN C 208 -41.76 -38.45 15.61
CA GLN C 208 -42.43 -38.45 14.29
C GLN C 208 -41.45 -38.55 13.14
N GLU C 209 -41.75 -39.40 12.17
CA GLU C 209 -40.90 -39.59 11.01
C GLU C 209 -40.73 -38.26 10.31
N ARG C 210 -41.81 -37.48 10.20
CA ARG C 210 -41.79 -36.31 9.32
C ARG C 210 -41.85 -34.99 10.09
N PRO C 211 -41.23 -33.96 9.52
CA PRO C 211 -41.27 -32.65 10.18
C PRO C 211 -42.66 -32.08 10.14
N VAL C 212 -42.97 -31.22 11.09
CA VAL C 212 -44.20 -30.46 11.06
C VAL C 212 -43.86 -29.01 10.85
N PHE C 213 -44.84 -28.22 10.50
CA PHE C 213 -44.62 -26.79 10.34
C PHE C 213 -45.26 -26.09 11.50
N GLY C 214 -44.55 -25.18 12.12
CA GLY C 214 -45.12 -24.41 13.21
C GLY C 214 -44.18 -23.40 13.77
N ALA C 215 -44.67 -22.77 14.84
CA ALA C 215 -43.94 -21.78 15.61
C ALA C 215 -42.74 -22.41 16.28
N CYS C 216 -41.60 -21.81 16.03
CA CYS C 216 -40.41 -22.04 16.79
C CYS C 216 -40.66 -22.20 18.29
N ARG C 217 -40.12 -23.27 18.89
CA ARG C 217 -40.25 -23.54 20.34
C ARG C 217 -38.94 -23.33 21.11
N LYS C 218 -37.84 -23.11 20.39
CA LYS C 218 -36.54 -22.86 21.01
C LYS C 218 -35.91 -21.61 20.42
N LEU C 219 -36.61 -20.50 20.56
CA LEU C 219 -36.08 -19.21 20.21
C LEU C 219 -34.98 -18.79 21.23
N ASP C 220 -33.89 -18.23 20.71
CA ASP C 220 -32.68 -18.00 21.49
C ASP C 220 -32.00 -16.71 21.05
N ILE C 221 -31.16 -16.19 21.93
CA ILE C 221 -30.25 -15.10 21.62
C ILE C 221 -28.88 -15.67 21.33
N GLU C 222 -28.04 -14.83 20.76
CA GLU C 222 -26.62 -15.13 20.65
C GLU C 222 -25.86 -13.86 20.91
N LEU C 223 -25.25 -13.77 22.09
CA LEU C 223 -24.39 -12.63 22.44
C LEU C 223 -23.14 -12.60 21.56
N GLU C 224 -22.99 -11.52 20.80
CA GLU C 224 -21.84 -11.33 19.94
C GLU C 224 -21.51 -9.85 19.89
N THR C 225 -20.34 -9.56 19.34
CA THR C 225 -20.04 -8.25 18.80
C THR C 225 -19.79 -8.38 17.30
N GLY C 226 -19.94 -7.27 16.60
CA GLY C 226 -19.65 -7.28 15.18
C GLY C 226 -18.80 -6.08 14.88
N PHE C 227 -17.89 -6.20 13.92
CA PHE C 227 -17.18 -5.03 13.50
C PHE C 227 -17.64 -4.53 12.12
N ILE C 228 -17.50 -3.23 11.92
CA ILE C 228 -17.88 -2.57 10.69
C ILE C 228 -16.60 -2.29 9.89
N VAL C 229 -16.57 -2.75 8.66
CA VAL C 229 -15.45 -2.51 7.79
C VAL C 229 -15.43 -1.04 7.35
N GLY C 230 -14.26 -0.42 7.48
CA GLY C 230 -14.06 0.97 7.10
C GLY C 230 -13.33 1.22 5.79
N LYS C 231 -12.61 0.21 5.31
CA LYS C 231 -11.91 0.26 4.01
C LYS C 231 -11.99 -1.13 3.41
N GLY C 232 -12.46 -1.25 2.17
CA GLY C 232 -12.62 -2.55 1.57
C GLY C 232 -11.35 -3.06 0.94
N ASN C 233 -11.49 -4.13 0.17
CA ASN C 233 -10.40 -4.64 -0.63
C ASN C 233 -10.94 -5.15 -1.95
N ALA C 234 -10.11 -5.10 -2.97
CA ALA C 234 -10.56 -5.48 -4.28
C ALA C 234 -10.68 -6.99 -4.36
N LEU C 235 -11.66 -7.44 -5.13
CA LEU C 235 -11.81 -8.83 -5.48
C LEU C 235 -10.46 -9.37 -6.02
N GLY C 236 -10.02 -10.51 -5.48
CA GLY C 236 -8.76 -11.13 -5.82
C GLY C 236 -7.55 -10.66 -5.02
N GLU C 237 -7.70 -9.64 -4.17
CA GLU C 237 -6.57 -9.09 -3.37
C GLU C 237 -6.79 -9.24 -1.88
N PRO C 238 -6.24 -10.30 -1.28
CA PRO C 238 -6.41 -10.53 0.14
C PRO C 238 -5.89 -9.39 1.05
N ILE C 239 -6.43 -9.29 2.26
CA ILE C 239 -5.92 -8.34 3.26
C ILE C 239 -4.98 -9.13 4.17
N ALA C 240 -3.73 -8.68 4.26
CA ALA C 240 -2.76 -9.33 5.09
C ALA C 240 -3.20 -9.18 6.54
N CYS C 241 -3.03 -10.23 7.33
CA CYS C 241 -3.42 -10.19 8.72
C CYS C 241 -2.91 -8.95 9.45
N GLU C 242 -1.65 -8.56 9.20
CA GLU C 242 -1.04 -7.40 9.87
C GLU C 242 -1.61 -6.05 9.41
N ASP C 243 -2.26 -5.98 8.24
CA ASP C 243 -2.90 -4.74 7.79
C ASP C 243 -4.38 -4.70 8.17
N ALA C 244 -4.92 -5.80 8.68
CA ALA C 244 -6.37 -5.98 8.77
C ALA C 244 -7.09 -4.93 9.62
N GLU C 245 -6.54 -4.63 10.78
CA GLU C 245 -7.19 -3.69 11.67
C GLU C 245 -7.34 -2.28 11.10
N ALA C 246 -6.41 -1.87 10.26
CA ALA C 246 -6.55 -0.58 9.58
C ALA C 246 -7.81 -0.54 8.73
N HIS C 247 -8.31 -1.70 8.30
CA HIS C 247 -9.55 -1.77 7.50
C HIS C 247 -10.83 -1.71 8.33
N ILE C 248 -10.73 -1.68 9.65
CA ILE C 248 -11.89 -1.76 10.57
C ILE C 248 -12.24 -0.40 11.14
N PHE C 249 -13.48 0.03 11.02
CA PHE C 249 -13.90 1.34 11.50
C PHE C 249 -14.23 1.27 12.96
N GLY C 250 -15.04 0.30 13.35
CA GLY C 250 -15.53 0.23 14.71
C GLY C 250 -16.36 -1.00 15.00
N MET C 251 -16.94 -1.03 16.19
CA MET C 251 -17.66 -2.20 16.68
C MET C 251 -19.03 -1.83 17.19
N VAL C 252 -19.89 -2.83 17.23
CA VAL C 252 -21.23 -2.75 17.79
C VAL C 252 -21.57 -4.06 18.48
N LEU C 253 -22.67 -4.07 19.24
CA LEU C 253 -23.16 -5.28 19.86
C LEU C 253 -24.08 -5.92 18.87
N LEU C 254 -24.18 -7.24 18.94
CA LEU C 254 -24.87 -8.02 17.92
C LEU C 254 -25.60 -9.19 18.54
N ASN C 255 -26.92 -9.21 18.39
CA ASN C 255 -27.71 -10.31 18.85
C ASN C 255 -28.13 -11.12 17.63
N ASP C 256 -27.55 -12.31 17.49
CA ASP C 256 -27.84 -13.14 16.35
C ASP C 256 -28.92 -14.09 16.75
N TRP C 257 -30.14 -13.57 16.74
CA TRP C 257 -31.30 -14.35 17.11
C TRP C 257 -31.29 -15.67 16.33
N SER C 258 -31.57 -16.77 17.04
CA SER C 258 -31.48 -18.11 16.47
C SER C 258 -32.72 -18.93 16.87
N ALA C 259 -33.33 -19.62 15.91
CA ALA C 259 -34.35 -20.59 16.19
C ALA C 259 -33.75 -22.00 16.19
N ARG C 260 -33.49 -22.54 17.39
CA ARG C 260 -32.69 -23.76 17.51
C ARG C 260 -33.33 -25.02 16.92
N ASP C 261 -34.66 -25.10 16.99
CA ASP C 261 -35.37 -26.29 16.49
C ASP C 261 -35.42 -26.30 14.99
N ILE C 262 -35.60 -25.11 14.40
CA ILE C 262 -35.55 -24.92 12.97
C ILE C 262 -34.15 -25.25 12.45
N GLN C 263 -33.14 -24.78 13.19
CA GLN C 263 -31.75 -24.90 12.81
C GLN C 263 -31.32 -26.36 12.72
N GLN C 264 -31.53 -27.12 13.80
CA GLN C 264 -31.09 -28.51 13.86
C GLN C 264 -31.53 -29.27 12.62
N TRP C 265 -32.80 -29.08 12.24
CA TRP C 265 -33.39 -29.82 11.13
C TRP C 265 -32.90 -29.39 9.74
N GLU C 266 -32.51 -28.13 9.57
CA GLU C 266 -32.18 -27.58 8.24
C GLU C 266 -30.66 -27.56 7.90
N TYR C 267 -29.80 -27.52 8.93
CA TYR C 267 -28.45 -26.98 8.79
C TYR C 267 -27.43 -27.86 8.09
N VAL C 268 -27.68 -29.17 8.05
CA VAL C 268 -26.80 -30.11 7.41
C VAL C 268 -27.24 -30.22 5.95
N PRO C 269 -26.29 -30.07 4.99
CA PRO C 269 -24.86 -29.78 5.11
C PRO C 269 -24.49 -28.34 4.85
N LEU C 270 -25.44 -27.50 4.41
CA LEU C 270 -25.09 -26.15 3.93
C LEU C 270 -25.06 -25.06 4.99
N GLY C 271 -25.24 -25.43 6.25
CA GLY C 271 -25.20 -24.49 7.35
C GLY C 271 -26.56 -23.89 7.69
N PRO C 272 -26.61 -23.05 8.75
CA PRO C 272 -27.84 -22.40 9.14
C PRO C 272 -28.25 -21.35 8.12
N PHE C 273 -29.55 -21.21 7.97
CA PHE C 273 -30.13 -20.39 6.94
C PHE C 273 -31.35 -19.64 7.54
N ASN C 274 -32.58 -20.19 7.43
CA ASN C 274 -33.76 -19.57 7.97
C ASN C 274 -33.67 -19.39 9.45
N SER C 275 -33.07 -20.36 10.12
CA SER C 275 -32.97 -20.34 11.57
C SER C 275 -32.26 -19.11 12.09
N LYS C 276 -31.46 -18.44 11.26
CA LYS C 276 -30.76 -17.20 11.70
C LYS C 276 -31.14 -15.96 10.88
N GLY C 277 -31.83 -16.12 9.76
CA GLY C 277 -31.99 -15.04 8.84
C GLY C 277 -33.21 -14.21 9.10
N PHE C 278 -34.06 -14.65 10.03
CA PHE C 278 -35.30 -13.96 10.31
C PHE C 278 -35.11 -12.62 10.98
N ALA C 279 -34.04 -12.50 11.75
CA ALA C 279 -33.66 -11.24 12.41
C ALA C 279 -32.29 -11.32 13.08
N THR C 280 -31.59 -10.22 13.01
CA THR C 280 -30.29 -10.04 13.68
C THR C 280 -30.30 -8.58 14.09
N THR C 281 -29.97 -8.31 15.35
CA THR C 281 -30.09 -6.97 15.89
C THR C 281 -28.70 -6.46 16.27
N ILE C 282 -28.41 -5.21 15.95
CA ILE C 282 -27.17 -4.61 16.32
C ILE C 282 -27.50 -3.30 17.05
N SER C 283 -26.61 -2.89 17.95
CA SER C 283 -26.74 -1.65 18.64
C SER C 283 -26.50 -0.49 17.66
N PRO C 284 -27.02 0.70 17.99
CA PRO C 284 -26.99 1.76 16.98
C PRO C 284 -25.67 2.53 16.90
N TRP C 285 -24.92 2.63 17.99
CA TRP C 285 -23.73 3.48 18.06
C TRP C 285 -22.44 2.71 17.72
N ILE C 286 -21.73 3.14 16.68
CA ILE C 286 -20.50 2.49 16.35
C ILE C 286 -19.39 3.05 17.21
N VAL C 287 -18.85 2.21 18.09
CA VAL C 287 -17.72 2.60 18.87
C VAL C 287 -16.44 2.41 18.01
N THR C 288 -15.77 3.51 17.70
CA THR C 288 -14.56 3.44 16.87
C THR C 288 -13.44 2.65 17.54
N LEU C 289 -12.66 2.00 16.71
CA LEU C 289 -11.52 1.21 17.13
C LEU C 289 -10.48 2.08 17.86
N ASP C 290 -10.36 3.33 17.41
CA ASP C 290 -9.47 4.30 18.06
C ASP C 290 -9.89 4.55 19.51
N ALA C 291 -11.18 4.71 19.75
CA ALA C 291 -11.69 4.83 21.10
C ALA C 291 -11.43 3.59 21.95
N LEU C 292 -11.37 2.41 21.34
CA LEU C 292 -11.05 1.18 22.08
C LEU C 292 -9.56 0.95 22.31
N GLU C 293 -8.72 1.85 21.81
CA GLU C 293 -7.29 1.66 21.92
C GLU C 293 -6.81 1.41 23.37
N PRO C 294 -7.27 2.19 24.36
CA PRO C 294 -6.80 1.95 25.73
C PRO C 294 -7.17 0.59 26.31
N PHE C 295 -8.05 -0.15 25.65
CA PHE C 295 -8.54 -1.43 26.17
C PHE C 295 -8.04 -2.60 25.35
N ARG C 296 -7.05 -2.33 24.50
CA ARG C 296 -6.38 -3.36 23.74
C ARG C 296 -5.64 -4.26 24.70
N VAL C 297 -5.83 -5.57 24.62
CA VAL C 297 -5.12 -6.50 25.50
C VAL C 297 -4.64 -7.72 24.75
N ALA C 298 -3.83 -8.53 25.43
CA ALA C 298 -3.23 -9.71 24.81
C ALA C 298 -4.29 -10.76 24.56
N GLN C 299 -4.40 -11.21 23.32
CA GLN C 299 -5.35 -12.29 22.98
C GLN C 299 -4.88 -13.60 23.62
N PRO C 300 -5.77 -14.58 23.74
CA PRO C 300 -5.34 -15.87 24.27
C PRO C 300 -4.22 -16.51 23.43
N GLU C 301 -3.43 -17.38 24.07
CA GLU C 301 -2.42 -18.17 23.36
C GLU C 301 -3.17 -19.10 22.40
N GLN C 302 -2.61 -19.31 21.21
CA GLN C 302 -3.21 -20.21 20.24
C GLN C 302 -2.32 -21.43 20.15
N SER C 303 -2.94 -22.58 20.25
CA SER C 303 -2.22 -23.83 20.14
C SER C 303 -3.15 -24.84 19.45
N PRO C 304 -2.72 -25.40 18.29
CA PRO C 304 -1.40 -25.22 17.67
C PRO C 304 -1.22 -23.85 17.01
N GLN C 305 0.02 -23.50 16.72
CA GLN C 305 0.34 -22.23 16.09
C GLN C 305 -0.25 -22.25 14.69
N PRO C 306 -1.05 -21.24 14.35
CA PRO C 306 -1.74 -21.24 13.07
C PRO C 306 -0.81 -21.08 11.88
N LEU C 307 -1.32 -21.35 10.69
CA LEU C 307 -0.55 -21.08 9.48
C LEU C 307 -0.14 -19.60 9.41
N ALA C 308 0.98 -19.36 8.74
CA ALA C 308 1.61 -18.04 8.65
C ALA C 308 0.68 -16.88 8.29
N TYR C 309 -0.23 -17.11 7.36
CA TYR C 309 -1.10 -16.04 6.89
C TYR C 309 -1.98 -15.52 8.02
N LEU C 310 -2.17 -16.33 9.07
CA LEU C 310 -3.05 -15.95 10.19
C LEU C 310 -2.34 -15.38 11.41
N ARG C 311 -1.01 -15.33 11.37
CA ARG C 311 -0.25 -14.85 12.54
C ARG C 311 -0.19 -13.33 12.58
N HIS C 312 -0.24 -12.78 13.80
CA HIS C 312 0.09 -11.38 14.02
C HIS C 312 0.78 -11.12 15.36
N ALA C 313 1.73 -10.17 15.33
CA ALA C 313 2.45 -9.70 16.53
C ALA C 313 1.57 -8.72 17.29
N GLY C 314 1.76 -8.67 18.61
CA GLY C 314 1.15 -7.65 19.42
C GLY C 314 -0.19 -8.04 20.00
N LYS C 315 -0.91 -7.03 20.45
CA LYS C 315 -2.14 -7.22 21.18
C LYS C 315 -3.28 -6.87 20.27
N HIS C 316 -4.17 -7.83 20.08
CA HIS C 316 -5.27 -7.63 19.15
C HIS C 316 -6.63 -8.02 19.73
N ALA C 317 -6.72 -8.26 21.04
CA ALA C 317 -7.97 -8.52 21.73
C ALA C 317 -8.43 -7.22 22.37
N PHE C 318 -9.70 -7.15 22.78
CA PHE C 318 -10.20 -5.98 23.50
C PHE C 318 -10.97 -6.38 24.72
N ASP C 319 -10.83 -5.57 25.77
CA ASP C 319 -11.36 -5.82 27.09
C ASP C 319 -12.74 -5.17 27.16
N ILE C 320 -13.76 -5.92 26.74
CA ILE C 320 -15.11 -5.36 26.71
C ILE C 320 -15.95 -6.26 27.58
N ALA C 321 -16.36 -5.74 28.73
CA ALA C 321 -17.32 -6.43 29.57
C ALA C 321 -18.65 -6.51 28.82
N LEU C 322 -19.30 -7.67 28.87
CA LEU C 322 -20.58 -7.88 28.18
C LEU C 322 -21.61 -8.46 29.12
N GLU C 323 -22.87 -8.07 28.94
CA GLU C 323 -23.97 -8.59 29.75
C GLU C 323 -25.25 -8.77 28.95
N VAL C 324 -25.98 -9.83 29.27
CA VAL C 324 -27.31 -10.05 28.70
C VAL C 324 -28.36 -10.05 29.81
N THR C 325 -29.45 -9.32 29.59
CA THR C 325 -30.62 -9.42 30.46
C THR C 325 -31.86 -9.91 29.71
N LEU C 326 -32.81 -10.49 30.47
CA LEU C 326 -34.10 -10.95 29.97
C LEU C 326 -35.20 -10.43 30.89
N ARG C 327 -36.18 -9.71 30.34
CA ARG C 327 -37.32 -9.19 31.09
C ARG C 327 -38.59 -9.75 30.50
N ALA C 328 -39.34 -10.51 31.29
CA ALA C 328 -40.67 -10.98 30.88
C ALA C 328 -41.59 -9.79 30.68
N GLU C 329 -42.62 -9.97 29.86
CA GLU C 329 -43.59 -8.92 29.63
C GLU C 329 -44.23 -8.49 30.96
N GLY C 330 -44.19 -7.19 31.21
CA GLY C 330 -44.70 -6.61 32.42
C GLY C 330 -43.87 -6.79 33.68
N ALA C 331 -42.66 -7.35 33.59
CA ALA C 331 -41.80 -7.49 34.80
C ALA C 331 -41.17 -6.16 35.14
N ALA C 332 -41.09 -5.85 36.43
CA ALA C 332 -40.51 -4.60 36.93
C ALA C 332 -38.98 -4.55 36.78
N GLU C 333 -38.32 -5.72 36.83
CA GLU C 333 -36.85 -5.78 36.68
C GLU C 333 -36.44 -6.90 35.70
N ALA C 334 -35.35 -6.67 34.95
CA ALA C 334 -34.77 -7.68 34.11
C ALA C 334 -33.93 -8.67 34.91
N THR C 335 -33.70 -9.85 34.36
CA THR C 335 -32.79 -10.84 34.94
C THR C 335 -31.46 -10.84 34.15
N SER C 336 -30.33 -10.66 34.85
CA SER C 336 -29.01 -10.79 34.26
C SER C 336 -28.75 -12.28 34.06
N ILE C 337 -28.58 -12.71 32.82
CA ILE C 337 -28.41 -14.14 32.53
C ILE C 337 -27.02 -14.49 32.04
N CYS C 338 -26.26 -13.50 31.61
CA CYS C 338 -24.89 -13.76 31.15
C CYS C 338 -24.00 -12.56 31.46
N ARG C 339 -22.85 -12.84 32.01
CA ARG C 339 -21.79 -11.84 32.14
C ARG C 339 -20.52 -12.43 31.55
N THR C 340 -19.91 -11.77 30.57
CA THR C 340 -18.67 -12.30 30.03
C THR C 340 -17.81 -11.14 29.51
N ASN C 341 -16.78 -11.48 28.73
CA ASN C 341 -15.90 -10.47 28.17
C ASN C 341 -15.41 -10.85 26.79
N PHE C 342 -15.26 -9.85 25.93
CA PHE C 342 -14.77 -10.02 24.56
C PHE C 342 -13.34 -10.53 24.43
N ARG C 343 -12.50 -10.20 25.41
CA ARG C 343 -11.08 -10.54 25.38
C ARG C 343 -10.76 -12.03 25.25
N HIS C 344 -11.71 -12.91 25.54
CA HIS C 344 -11.50 -14.37 25.53
C HIS C 344 -11.66 -15.02 24.18
N MET C 345 -12.00 -14.24 23.15
CA MET C 345 -12.21 -14.80 21.84
C MET C 345 -10.91 -15.40 21.31
N TYR C 346 -11.00 -16.60 20.74
CA TYR C 346 -9.80 -17.34 20.32
C TYR C 346 -9.20 -16.79 19.05
N TRP C 347 -10.05 -16.35 18.13
CA TRP C 347 -9.61 -15.70 16.90
C TRP C 347 -9.92 -14.22 17.01
N THR C 348 -9.00 -13.38 16.56
CA THR C 348 -9.20 -11.94 16.63
C THR C 348 -9.88 -11.42 15.39
N MET C 349 -10.29 -10.16 15.48
CA MET C 349 -10.89 -9.47 14.35
C MET C 349 -9.95 -9.45 13.17
N ALA C 350 -8.68 -9.18 13.43
CA ALA C 350 -7.69 -9.18 12.37
C ALA C 350 -7.61 -10.52 11.66
N GLN C 351 -7.59 -11.61 12.41
CA GLN C 351 -7.48 -12.94 11.85
C GLN C 351 -8.73 -13.32 11.08
N GLN C 352 -9.88 -12.89 11.59
CA GLN C 352 -11.12 -13.18 10.88
C GLN C 352 -11.10 -12.47 9.53
N LEU C 353 -10.64 -11.22 9.52
CA LEU C 353 -10.74 -10.42 8.31
C LEU C 353 -9.73 -10.93 7.29
N ALA C 354 -8.57 -11.33 7.78
CA ALA C 354 -7.56 -11.97 6.92
C ALA C 354 -8.10 -13.26 6.32
N HIS C 355 -8.76 -14.07 7.14
CA HIS C 355 -9.26 -15.34 6.65
C HIS C 355 -10.42 -15.16 5.65
N HIS C 356 -11.29 -14.19 5.90
CA HIS C 356 -12.36 -13.83 4.97
C HIS C 356 -11.83 -13.51 3.58
N THR C 357 -10.64 -12.91 3.50
CA THR C 357 -10.12 -12.41 2.24
C THR C 357 -9.01 -13.25 1.65
N VAL C 358 -8.68 -14.37 2.28
CA VAL C 358 -7.51 -15.12 1.87
C VAL C 358 -7.64 -15.77 0.50
N ALA C 359 -8.86 -16.09 0.12
CA ALA C 359 -9.14 -16.66 -1.16
C ALA C 359 -9.52 -15.62 -2.22
N GLY C 360 -9.56 -14.35 -1.86
CA GLY C 360 -9.81 -13.30 -2.83
C GLY C 360 -11.08 -12.52 -2.66
N CYS C 361 -11.95 -12.98 -1.76
CA CYS C 361 -13.25 -12.36 -1.61
C CYS C 361 -13.04 -10.90 -1.23
N ASN C 362 -13.84 -10.00 -1.82
CA ASN C 362 -13.74 -8.58 -1.51
C ASN C 362 -14.66 -8.17 -0.34
N THR C 363 -14.20 -7.23 0.49
CA THR C 363 -15.05 -6.60 1.49
C THR C 363 -15.30 -5.13 1.09
N ARG C 364 -16.35 -4.56 1.67
CA ARG C 364 -16.83 -3.25 1.27
C ARG C 364 -17.14 -2.44 2.49
N VAL C 365 -17.11 -1.13 2.34
CA VAL C 365 -17.40 -0.23 3.44
C VAL C 365 -18.80 -0.54 3.97
N GLY C 366 -18.90 -0.70 5.29
CA GLY C 366 -20.15 -1.02 5.93
C GLY C 366 -20.38 -2.51 6.19
N ASP C 367 -19.48 -3.37 5.71
CA ASP C 367 -19.68 -4.80 5.94
C ASP C 367 -19.74 -5.06 7.42
N LEU C 368 -20.65 -5.95 7.81
CA LEU C 368 -20.78 -6.37 9.19
C LEU C 368 -20.18 -7.75 9.41
N MET C 369 -19.30 -7.84 10.41
CA MET C 369 -18.67 -9.11 10.75
C MET C 369 -18.85 -9.48 12.21
N GLY C 370 -19.59 -10.56 12.40
CA GLY C 370 -19.94 -11.04 13.73
C GLY C 370 -18.85 -11.91 14.28
N SER C 371 -18.65 -11.78 15.59
CA SER C 371 -17.65 -12.53 16.33
C SER C 371 -17.97 -14.01 16.47
N GLY C 372 -19.25 -14.35 16.40
CA GLY C 372 -19.72 -15.62 16.92
C GLY C 372 -20.10 -15.47 18.39
N THR C 373 -20.92 -16.36 18.87
CA THR C 373 -21.41 -16.34 20.22
C THR C 373 -20.24 -16.31 21.17
N ILE C 374 -20.27 -15.34 22.08
CA ILE C 374 -19.21 -15.14 23.07
C ILE C 374 -19.57 -15.87 24.37
N SER C 375 -18.77 -16.87 24.73
CA SER C 375 -19.00 -17.62 25.93
C SER C 375 -17.68 -17.68 26.70
N GLY C 376 -17.75 -17.37 27.98
CA GLY C 376 -16.64 -17.57 28.90
C GLY C 376 -16.60 -18.98 29.48
N PRO C 377 -15.67 -19.20 30.43
CA PRO C 377 -15.48 -20.56 31.00
C PRO C 377 -16.52 -20.97 32.04
N THR C 378 -17.16 -20.00 32.69
CA THR C 378 -18.10 -20.31 33.78
C THR C 378 -19.53 -20.38 33.31
N LYS C 379 -20.36 -21.09 34.08
CA LYS C 379 -21.76 -21.34 33.70
C LYS C 379 -22.59 -20.06 33.62
N ASP C 380 -22.13 -18.96 34.23
CA ASP C 380 -22.86 -17.70 34.13
C ASP C 380 -22.28 -16.75 33.07
N SER C 381 -21.41 -17.27 32.21
CA SER C 381 -20.80 -16.48 31.18
C SER C 381 -21.05 -17.00 29.76
N PHE C 382 -21.99 -17.91 29.60
CA PHE C 382 -22.29 -18.48 28.30
C PHE C 382 -23.24 -17.54 27.59
N GLY C 383 -23.00 -17.33 26.30
CA GLY C 383 -23.70 -16.29 25.53
C GLY C 383 -24.98 -16.67 24.82
N SER C 384 -25.57 -17.83 25.15
CA SER C 384 -26.90 -18.17 24.64
C SER C 384 -27.65 -19.00 25.64
N LEU C 385 -28.97 -19.06 25.49
CA LEU C 385 -29.76 -19.89 26.40
C LEU C 385 -29.56 -21.38 26.13
N LEU C 386 -29.33 -21.71 24.87
CA LEU C 386 -28.99 -23.09 24.52
C LEU C 386 -27.88 -23.57 25.45
N GLU C 387 -26.84 -22.76 25.62
CA GLU C 387 -25.75 -23.08 26.55
C GLU C 387 -26.13 -22.93 28.03
N LEU C 388 -26.70 -21.78 28.38
CA LEU C 388 -27.02 -21.50 29.78
C LEU C 388 -27.91 -22.55 30.38
N THR C 389 -28.86 -23.06 29.60
CA THR C 389 -29.83 -24.02 30.11
C THR C 389 -29.54 -25.44 29.67
N TRP C 390 -28.41 -25.62 29.01
CA TRP C 390 -28.02 -26.88 28.42
C TRP C 390 -29.18 -27.52 27.65
N ASN C 391 -29.62 -26.81 26.62
CA ASN C 391 -30.69 -27.27 25.74
C ASN C 391 -32.01 -27.53 26.45
N GLY C 392 -32.31 -26.72 27.45
CA GLY C 392 -33.58 -26.74 28.13
C GLY C 392 -33.63 -27.66 29.33
N LYS C 393 -32.48 -28.14 29.82
CA LYS C 393 -32.43 -29.10 30.92
C LYS C 393 -32.23 -28.46 32.28
N GLU C 394 -31.48 -27.36 32.35
CA GLU C 394 -31.40 -26.56 33.57
C GLU C 394 -32.02 -25.19 33.31
N PRO C 395 -33.30 -25.02 33.61
CA PRO C 395 -33.90 -23.70 33.39
C PRO C 395 -33.27 -22.57 34.23
N VAL C 396 -33.37 -21.34 33.73
CA VAL C 396 -32.86 -20.17 34.40
C VAL C 396 -33.97 -19.57 35.26
N ALA C 397 -33.70 -19.37 36.56
CA ALA C 397 -34.63 -18.69 37.43
C ALA C 397 -34.64 -17.19 37.10
N LEU C 398 -35.81 -16.56 37.06
CA LEU C 398 -35.90 -15.13 36.83
C LEU C 398 -36.09 -14.29 38.11
N ASN C 399 -35.36 -13.19 38.15
CA ASN C 399 -35.59 -12.15 39.12
C ASN C 399 -37.06 -11.74 39.04
N GLY C 400 -37.78 -11.95 40.13
CA GLY C 400 -39.19 -11.58 40.20
C GLY C 400 -40.12 -12.78 40.08
N GLY C 401 -39.56 -13.97 40.11
CA GLY C 401 -40.32 -15.20 39.95
C GLY C 401 -40.30 -15.71 38.51
N GLY C 402 -40.53 -17.01 38.38
CA GLY C 402 -40.69 -17.63 37.08
C GLY C 402 -39.37 -18.15 36.60
N SER C 403 -39.39 -18.79 35.44
CA SER C 403 -38.20 -19.38 34.90
C SER C 403 -38.32 -19.51 33.40
N ARG C 404 -37.17 -19.74 32.75
CA ARG C 404 -37.08 -19.88 31.32
C ARG C 404 -36.15 -21.01 30.94
N THR C 405 -36.48 -21.68 29.84
CA THR C 405 -35.51 -22.41 29.03
C THR C 405 -35.21 -21.53 27.79
N PHE C 406 -36.08 -21.51 26.79
CA PHE C 406 -35.92 -20.58 25.66
C PHE C 406 -36.87 -19.37 25.74
N ILE C 407 -36.73 -18.41 24.84
CA ILE C 407 -37.42 -17.12 24.94
C ILE C 407 -38.91 -17.28 24.69
N GLU C 408 -39.69 -16.54 25.46
CA GLU C 408 -41.13 -16.58 25.38
C GLU C 408 -41.69 -15.26 24.86
N ASP C 409 -42.84 -15.37 24.20
CA ASP C 409 -43.48 -14.21 23.62
C ASP C 409 -43.57 -13.08 24.65
N GLY C 410 -43.26 -11.86 24.21
CA GLY C 410 -43.30 -10.73 25.10
C GLY C 410 -41.97 -10.45 25.78
N ASP C 411 -41.11 -11.46 25.94
CA ASP C 411 -39.80 -11.25 26.61
C ASP C 411 -38.98 -10.21 25.85
N GLU C 412 -38.25 -9.39 26.59
CA GLU C 412 -37.32 -8.44 26.03
C GLU C 412 -35.92 -8.91 26.41
N LEU C 413 -35.08 -9.08 25.39
CA LEU C 413 -33.68 -9.45 25.55
C LEU C 413 -32.78 -8.25 25.25
N THR C 414 -31.85 -7.95 26.16
CA THR C 414 -30.96 -6.82 25.99
C THR C 414 -29.50 -7.22 26.11
N LEU C 415 -28.67 -6.77 25.17
CA LEU C 415 -27.23 -6.89 25.23
C LEU C 415 -26.70 -5.53 25.65
N ALA C 416 -25.74 -5.53 26.54
CA ALA C 416 -24.99 -4.32 26.89
C ALA C 416 -23.50 -4.61 26.89
N GLY C 417 -22.70 -3.58 26.69
CA GLY C 417 -21.25 -3.77 26.69
C GLY C 417 -20.51 -2.48 27.00
N TRP C 418 -19.36 -2.61 27.62
CA TRP C 418 -18.58 -1.44 27.97
C TRP C 418 -17.16 -1.80 28.34
N CYS C 419 -16.26 -0.84 28.17
CA CYS C 419 -14.87 -0.96 28.59
C CYS C 419 -14.67 -0.11 29.82
N GLN C 420 -14.16 -0.73 30.88
CA GLN C 420 -13.98 -0.07 32.16
C GLN C 420 -12.62 0.62 32.27
N GLY C 421 -12.61 1.95 32.23
CA GLY C 421 -11.39 2.72 32.53
C GLY C 421 -11.39 3.16 34.00
N ASP C 422 -10.34 3.86 34.41
CA ASP C 422 -10.24 4.40 35.79
C ASP C 422 -11.09 5.68 35.92
N GLY C 423 -12.29 5.52 36.50
CA GLY C 423 -13.25 6.62 36.70
C GLY C 423 -14.07 7.04 35.48
N TYR C 424 -14.09 6.19 34.45
CA TYR C 424 -14.94 6.41 33.29
C TYR C 424 -15.09 5.10 32.56
N ARG C 425 -15.99 5.09 31.60
CA ARG C 425 -16.12 3.94 30.71
C ARG C 425 -16.46 4.36 29.30
N VAL C 426 -15.99 3.56 28.37
CA VAL C 426 -16.38 3.66 26.98
C VAL C 426 -17.44 2.57 26.78
N GLY C 427 -18.66 2.98 26.54
CA GLY C 427 -19.76 2.02 26.49
C GLY C 427 -20.44 1.94 25.14
N PHE C 428 -21.13 0.83 24.91
CA PHE C 428 -21.75 0.52 23.61
C PHE C 428 -23.23 0.87 23.54
N GLY C 429 -23.81 1.35 24.64
CA GLY C 429 -25.25 1.51 24.73
C GLY C 429 -25.91 0.15 24.83
N THR C 430 -27.11 -0.02 24.24
CA THR C 430 -27.79 -1.30 24.29
C THR C 430 -28.20 -1.82 22.94
N CYS C 431 -28.44 -3.13 22.92
CA CYS C 431 -28.87 -3.86 21.77
C CYS C 431 -30.07 -4.69 22.18
N ALA C 432 -31.27 -4.14 22.01
CA ALA C 432 -32.50 -4.71 22.60
C ALA C 432 -33.48 -5.18 21.58
N GLY C 433 -34.42 -6.02 22.04
CA GLY C 433 -35.56 -6.41 21.22
C GLY C 433 -36.60 -7.22 21.96
N ARG C 434 -37.87 -6.95 21.68
CA ARG C 434 -38.98 -7.70 22.26
C ARG C 434 -39.56 -8.66 21.22
N ILE C 435 -39.91 -9.85 21.67
CA ILE C 435 -40.45 -10.89 20.82
C ILE C 435 -41.97 -10.79 20.61
N LEU C 436 -42.39 -10.67 19.36
CA LEU C 436 -43.79 -10.72 18.99
C LEU C 436 -44.19 -12.15 18.69
N PRO C 437 -45.47 -12.51 18.97
CA PRO C 437 -45.99 -13.82 18.62
C PRO C 437 -45.80 -14.17 17.15
N ALA C 438 -45.62 -15.46 16.87
CA ALA C 438 -45.56 -15.95 15.50
C ALA C 438 -46.88 -15.69 14.77
N ARG C 439 -46.79 -15.42 13.48
CA ARG C 439 -47.96 -15.37 12.58
C ARG C 439 -48.63 -16.72 12.63
N SER C 440 -49.96 -16.72 12.64
CA SER C 440 -50.73 -17.96 12.77
C SER C 440 -51.10 -18.62 11.44
N TRP D 15 -50.04 -8.21 -23.00
CA TRP D 15 -48.61 -8.68 -23.06
C TRP D 15 -48.42 -10.08 -23.61
N ARG D 16 -49.46 -10.89 -23.55
CA ARG D 16 -49.37 -12.25 -24.09
C ARG D 16 -49.25 -12.27 -25.62
N ALA D 17 -49.66 -11.19 -26.28
CA ALA D 17 -49.49 -11.00 -27.72
C ALA D 17 -48.00 -10.88 -28.10
N THR D 18 -47.19 -10.38 -27.17
CA THR D 18 -45.74 -10.27 -27.37
C THR D 18 -45.04 -11.62 -27.36
N LEU D 19 -45.73 -12.70 -26.97
CA LEU D 19 -45.13 -14.05 -27.02
C LEU D 19 -45.41 -14.77 -28.34
N ASP D 20 -46.17 -14.13 -29.23
CA ASP D 20 -46.53 -14.71 -30.53
C ASP D 20 -45.29 -15.12 -31.34
N PRO D 21 -45.12 -16.44 -31.60
CA PRO D 21 -43.97 -16.92 -32.40
C PRO D 21 -43.91 -16.38 -33.82
N ALA D 22 -45.03 -15.92 -34.34
CA ALA D 22 -45.12 -15.37 -35.69
C ALA D 22 -44.56 -13.95 -35.78
N ARG D 23 -44.44 -13.30 -34.64
CA ARG D 23 -43.98 -11.92 -34.64
C ARG D 23 -42.50 -11.86 -35.06
N LYS D 24 -42.14 -10.81 -35.80
CA LYS D 24 -40.80 -10.61 -36.32
C LYS D 24 -40.46 -9.14 -36.25
N SER D 25 -39.16 -8.84 -36.28
CA SER D 25 -38.67 -7.47 -36.26
C SER D 25 -38.09 -6.98 -37.61
N TRP D 26 -38.12 -5.66 -37.79
CA TRP D 26 -37.39 -5.02 -38.89
C TRP D 26 -35.87 -4.95 -38.59
N ILE D 27 -35.49 -5.24 -37.35
CA ILE D 27 -34.10 -5.58 -37.06
C ILE D 27 -33.92 -7.05 -37.45
N GLU D 28 -33.38 -7.25 -38.64
CA GLU D 28 -33.42 -8.53 -39.31
C GLU D 28 -32.65 -9.62 -38.57
N THR D 29 -31.60 -9.24 -37.86
CA THR D 29 -30.79 -10.24 -37.16
C THR D 29 -31.57 -10.94 -36.06
N ALA D 30 -32.64 -10.30 -35.60
CA ALA D 30 -33.50 -10.86 -34.60
C ALA D 30 -34.25 -12.06 -35.14
N ASN D 31 -34.52 -12.05 -36.43
CA ASN D 31 -35.35 -13.08 -37.04
C ASN D 31 -34.55 -14.29 -37.48
N ASP D 32 -33.27 -14.30 -37.20
CA ASP D 32 -32.50 -15.51 -37.41
C ASP D 32 -32.98 -16.53 -36.36
N PRO D 33 -33.33 -17.76 -36.80
CA PRO D 33 -33.76 -18.80 -35.89
C PRO D 33 -32.81 -19.07 -34.73
N ALA D 34 -31.51 -18.90 -34.96
CA ALA D 34 -30.47 -19.15 -33.95
C ALA D 34 -30.19 -18.01 -32.95
N CYS D 35 -30.73 -16.82 -33.23
CA CYS D 35 -30.47 -15.64 -32.42
C CYS D 35 -31.09 -15.82 -31.04
N ASP D 36 -30.31 -15.59 -30.01
CA ASP D 36 -30.78 -15.58 -28.64
C ASP D 36 -31.77 -14.45 -28.35
N PHE D 37 -31.76 -13.41 -29.18
CA PHE D 37 -32.48 -12.21 -28.86
C PHE D 37 -33.52 -11.82 -29.90
N PRO D 38 -34.49 -12.73 -30.16
CA PRO D 38 -35.56 -12.42 -31.08
C PRO D 38 -36.49 -11.40 -30.45
N ILE D 39 -37.51 -10.99 -31.18
CA ILE D 39 -38.46 -10.04 -30.63
C ILE D 39 -39.28 -10.64 -29.49
N GLN D 40 -39.33 -11.98 -29.44
CA GLN D 40 -40.07 -12.69 -28.38
C GLN D 40 -39.38 -12.63 -27.03
N ASN D 41 -38.11 -12.27 -26.99
CA ASN D 41 -37.32 -12.32 -25.77
C ASN D 41 -37.30 -10.99 -25.06
N LEU D 42 -36.49 -10.05 -25.52
CA LEU D 42 -36.43 -8.71 -24.96
C LEU D 42 -35.96 -8.70 -23.47
N PRO D 43 -34.74 -9.19 -23.22
CA PRO D 43 -34.20 -9.17 -21.87
C PRO D 43 -33.66 -7.80 -21.53
N PHE D 44 -33.55 -7.52 -20.25
CA PHE D 44 -33.04 -6.23 -19.80
C PHE D 44 -31.59 -6.36 -19.35
N GLY D 45 -30.83 -5.30 -19.58
CA GLY D 45 -29.44 -5.26 -19.13
C GLY D 45 -28.92 -3.86 -18.98
N ILE D 46 -27.63 -3.77 -18.64
CA ILE D 46 -26.93 -2.52 -18.42
C ILE D 46 -25.69 -2.54 -19.29
N PHE D 47 -25.53 -1.49 -20.08
CA PHE D 47 -24.45 -1.44 -21.06
C PHE D 47 -23.87 -0.04 -21.13
N SER D 48 -22.62 0.02 -21.55
CA SER D 48 -22.02 1.27 -21.87
C SER D 48 -21.39 1.16 -23.25
N ASP D 49 -21.14 2.31 -23.83
CA ASP D 49 -20.43 2.42 -25.08
C ASP D 49 -19.62 3.69 -25.03
N ALA D 50 -18.97 4.04 -26.13
CA ALA D 50 -18.32 5.36 -26.26
C ALA D 50 -19.31 6.56 -26.26
N LYS D 51 -20.56 6.35 -26.64
CA LYS D 51 -21.58 7.40 -26.56
C LYS D 51 -21.87 7.83 -25.11
N GLY D 52 -21.82 6.90 -24.15
CA GLY D 52 -22.23 7.22 -22.78
C GLY D 52 -21.94 6.20 -21.70
N ALA D 53 -22.18 6.63 -20.46
CA ALA D 53 -21.96 5.81 -19.29
C ALA D 53 -22.99 4.70 -19.19
N ARG D 54 -22.70 3.71 -18.34
CA ARG D 54 -23.55 2.54 -18.24
C ARG D 54 -25.00 2.93 -17.94
N ARG D 55 -25.93 2.28 -18.62
CA ARG D 55 -27.35 2.63 -18.52
C ARG D 55 -28.18 1.49 -19.06
N PRO D 56 -29.52 1.53 -18.81
CA PRO D 56 -30.37 0.40 -19.18
C PRO D 56 -30.50 0.19 -20.66
N GLY D 57 -30.49 -1.08 -21.06
CA GLY D 57 -30.75 -1.48 -22.45
C GLY D 57 -31.46 -2.82 -22.59
N VAL D 58 -31.95 -3.09 -23.80
CA VAL D 58 -32.67 -4.33 -24.14
C VAL D 58 -32.08 -4.89 -25.43
N ALA D 59 -31.75 -6.19 -25.39
CA ALA D 59 -31.14 -6.85 -26.51
C ALA D 59 -32.18 -7.19 -27.55
N LEU D 60 -31.84 -6.98 -28.83
CA LEU D 60 -32.69 -7.36 -29.93
C LEU D 60 -31.80 -7.61 -31.13
N GLY D 61 -31.85 -8.82 -31.67
CA GLY D 61 -30.92 -9.21 -32.72
C GLY D 61 -29.50 -8.99 -32.22
N ASP D 62 -28.68 -8.33 -33.03
CA ASP D 62 -27.29 -8.07 -32.68
C ASP D 62 -27.13 -6.64 -32.15
N GLN D 63 -28.26 -6.02 -31.81
CA GLN D 63 -28.32 -4.63 -31.34
C GLN D 63 -28.73 -4.54 -29.88
N ILE D 64 -28.62 -3.33 -29.33
CA ILE D 64 -29.18 -2.98 -28.04
C ILE D 64 -30.03 -1.72 -28.16
N VAL D 65 -31.22 -1.80 -27.57
CA VAL D 65 -32.11 -0.66 -27.44
C VAL D 65 -31.74 0.21 -26.23
N ASP D 66 -31.42 1.46 -26.51
CA ASP D 66 -31.00 2.42 -25.50
C ASP D 66 -32.27 2.97 -24.94
N LEU D 67 -32.71 2.43 -23.81
CA LEU D 67 -34.01 2.82 -23.22
C LEU D 67 -34.13 4.31 -22.86
N ALA D 68 -33.06 4.89 -22.31
CA ALA D 68 -33.06 6.32 -21.99
C ALA D 68 -33.29 7.16 -23.23
N ALA D 69 -32.52 6.87 -24.27
CA ALA D 69 -32.62 7.59 -25.55
C ALA D 69 -33.98 7.44 -26.18
N LEU D 70 -34.55 6.24 -26.08
CA LEU D 70 -35.88 5.99 -26.62
C LEU D 70 -36.92 6.81 -25.85
N ALA D 71 -36.72 6.94 -24.54
CA ALA D 71 -37.63 7.74 -23.71
C ALA D 71 -37.54 9.22 -24.04
N ARG D 72 -36.33 9.72 -24.20
CA ARG D 72 -36.16 11.13 -24.55
C ARG D 72 -36.84 11.46 -25.87
N ALA D 73 -36.81 10.52 -26.82
CA ALA D 73 -37.50 10.66 -28.12
C ALA D 73 -39.03 10.47 -28.03
N GLY D 74 -39.55 10.17 -26.86
CA GLY D 74 -41.00 9.97 -26.67
C GLY D 74 -41.55 8.63 -27.14
N LEU D 75 -40.68 7.69 -27.50
CA LEU D 75 -41.11 6.43 -28.07
C LEU D 75 -41.26 5.31 -27.04
N VAL D 76 -41.00 5.58 -25.77
CA VAL D 76 -41.35 4.66 -24.70
C VAL D 76 -41.65 5.50 -23.48
N THR D 77 -42.74 5.19 -22.80
CA THR D 77 -43.18 5.99 -21.68
C THR D 77 -43.39 5.12 -20.44
N LEU D 78 -43.07 5.70 -19.29
CA LEU D 78 -43.12 5.02 -18.02
C LEU D 78 -44.04 5.81 -17.08
N PRO D 79 -44.41 5.22 -15.92
CA PRO D 79 -45.11 6.00 -14.91
C PRO D 79 -44.42 7.33 -14.66
N ALA D 80 -45.20 8.40 -14.52
CA ALA D 80 -44.63 9.68 -14.08
C ALA D 80 -43.87 9.45 -12.78
N GLY D 81 -42.69 10.05 -12.67
CA GLY D 81 -41.91 9.91 -11.44
C GLY D 81 -40.44 10.18 -11.64
N ALA D 82 -39.61 9.66 -10.76
CA ALA D 82 -38.14 9.78 -10.89
C ALA D 82 -37.67 8.99 -12.12
N ASP D 83 -36.58 9.45 -12.73
CA ASP D 83 -36.10 8.85 -13.98
C ASP D 83 -35.24 7.61 -13.74
N VAL D 84 -35.84 6.43 -13.93
CA VAL D 84 -35.14 5.18 -13.63
C VAL D 84 -34.18 4.77 -14.72
N LEU D 85 -34.17 5.48 -15.84
CA LEU D 85 -33.35 5.08 -16.98
C LEU D 85 -32.05 5.87 -17.05
N ALA D 86 -31.86 6.76 -16.09
CA ALA D 86 -30.57 7.44 -15.92
C ALA D 86 -29.67 6.61 -15.01
N ALA D 87 -30.22 5.56 -14.40
CA ALA D 87 -29.53 4.83 -13.35
C ALA D 87 -28.52 3.86 -13.95
N PRO D 88 -27.37 3.67 -13.28
CA PRO D 88 -26.37 2.71 -13.72
C PRO D 88 -26.74 1.24 -13.43
N THR D 89 -27.87 1.01 -12.77
CA THR D 89 -28.42 -0.34 -12.60
C THR D 89 -29.88 -0.35 -12.94
N LEU D 90 -30.43 -1.54 -13.06
CA LEU D 90 -31.86 -1.72 -13.36
C LEU D 90 -32.74 -1.70 -12.11
N ASN D 91 -32.16 -1.67 -10.91
CA ASN D 91 -32.96 -1.78 -9.66
C ASN D 91 -34.14 -0.86 -9.60
N ALA D 92 -33.89 0.42 -9.88
CA ALA D 92 -34.95 1.44 -9.83
C ALA D 92 -36.07 1.10 -10.82
N PHE D 93 -35.71 0.71 -12.03
CA PHE D 93 -36.72 0.30 -13.01
C PHE D 93 -37.50 -0.91 -12.50
N ILE D 94 -36.79 -1.94 -12.05
CA ILE D 94 -37.46 -3.13 -11.54
C ILE D 94 -38.41 -2.78 -10.40
N ALA D 95 -37.96 -1.95 -9.47
CA ALA D 95 -38.80 -1.55 -8.34
C ALA D 95 -40.20 -1.03 -8.76
N LEU D 96 -40.29 -0.43 -9.95
CA LEU D 96 -41.57 0.07 -10.43
C LEU D 96 -42.67 -1.00 -10.55
N GLY D 97 -42.31 -2.28 -10.56
CA GLY D 97 -43.30 -3.36 -10.53
C GLY D 97 -43.70 -3.93 -11.88
N ARG D 98 -44.47 -5.00 -11.80
CA ARG D 98 -44.85 -5.77 -12.98
C ARG D 98 -45.63 -5.02 -14.06
N ASP D 99 -46.50 -4.10 -13.66
CA ASP D 99 -47.25 -3.34 -14.66
C ASP D 99 -46.32 -2.53 -15.54
N ALA D 100 -45.29 -1.98 -14.94
CA ALA D 100 -44.28 -1.25 -15.70
C ALA D 100 -43.44 -2.16 -16.62
N TRP D 101 -43.03 -3.32 -16.10
CA TRP D 101 -42.21 -4.25 -16.88
C TRP D 101 -42.97 -4.63 -18.15
N ARG D 102 -44.24 -4.93 -17.97
CA ARG D 102 -45.07 -5.29 -19.08
C ARG D 102 -45.32 -4.12 -19.99
N SER D 103 -45.68 -2.96 -19.43
CA SER D 103 -45.94 -1.80 -20.26
C SER D 103 -44.74 -1.56 -21.18
N VAL D 104 -43.54 -1.57 -20.62
CA VAL D 104 -42.38 -1.36 -21.46
C VAL D 104 -42.24 -2.46 -22.50
N ARG D 105 -42.38 -3.71 -22.09
CA ARG D 105 -42.26 -4.80 -23.03
C ARG D 105 -43.24 -4.68 -24.19
N VAL D 106 -44.47 -4.29 -23.89
CA VAL D 106 -45.50 -4.11 -24.91
C VAL D 106 -45.15 -2.98 -25.89
N GLN D 107 -44.61 -1.88 -25.38
CA GLN D 107 -44.28 -0.78 -26.24
C GLN D 107 -43.12 -1.15 -27.16
N LEU D 108 -42.15 -1.87 -26.61
CA LEU D 108 -40.98 -2.28 -27.38
C LEU D 108 -41.38 -3.28 -28.46
N SER D 109 -42.12 -4.31 -28.07
CA SER D 109 -42.59 -5.28 -29.06
C SER D 109 -43.34 -4.63 -30.22
N ALA D 110 -44.17 -3.65 -29.91
CA ALA D 110 -44.96 -2.98 -30.93
C ALA D 110 -44.06 -2.15 -31.83
N LEU D 111 -43.17 -1.38 -31.24
CA LEU D 111 -42.30 -0.49 -31.97
C LEU D 111 -41.31 -1.20 -32.90
N PHE D 112 -40.83 -2.36 -32.49
CA PHE D 112 -39.81 -3.09 -33.26
C PHE D 112 -40.38 -4.18 -34.11
N SER D 113 -41.71 -4.30 -34.12
CA SER D 113 -42.43 -5.20 -35.03
C SER D 113 -42.27 -4.75 -36.47
N ARG D 114 -42.04 -5.71 -37.35
CA ARG D 114 -41.59 -5.45 -38.70
C ARG D 114 -42.38 -4.36 -39.43
N ASP D 115 -43.67 -4.29 -39.14
CA ASP D 115 -44.60 -3.42 -39.86
C ASP D 115 -44.81 -2.05 -39.25
N ASP D 116 -44.20 -1.76 -38.11
CA ASP D 116 -44.31 -0.46 -37.49
C ASP D 116 -43.21 0.36 -38.11
N ALA D 117 -43.62 1.37 -38.85
CA ALA D 117 -42.70 2.24 -39.56
C ALA D 117 -42.08 3.36 -38.69
N THR D 118 -42.69 3.63 -37.55
CA THR D 118 -42.36 4.82 -36.73
C THR D 118 -40.86 5.03 -36.49
N LEU D 119 -40.21 4.03 -35.91
CA LEU D 119 -38.75 4.10 -35.71
C LEU D 119 -37.98 3.49 -36.88
N ARG D 120 -38.53 2.46 -37.50
CA ARG D 120 -37.83 1.78 -38.58
C ARG D 120 -37.42 2.69 -39.73
N ASP D 121 -38.31 3.57 -40.16
CA ASP D 121 -38.06 4.43 -41.29
C ASP D 121 -37.45 5.78 -40.93
N ASP D 122 -37.13 5.97 -39.64
CA ASP D 122 -36.45 7.17 -39.15
C ASP D 122 -34.94 6.86 -38.93
N ALA D 123 -34.19 6.84 -40.02
CA ALA D 123 -32.76 6.47 -39.99
C ALA D 123 -31.93 7.29 -39.02
N ALA D 124 -32.16 8.59 -38.99
CA ALA D 124 -31.42 9.48 -38.07
C ALA D 124 -31.62 9.08 -36.61
N LEU D 125 -32.86 8.77 -36.25
CA LEU D 125 -33.20 8.42 -34.87
C LEU D 125 -32.76 7.00 -34.50
N ARG D 126 -32.81 6.07 -35.45
CA ARG D 126 -32.25 4.72 -35.26
C ARG D 126 -30.77 4.72 -34.93
N ALA D 127 -30.04 5.65 -35.53
CA ALA D 127 -28.62 5.77 -35.25
C ALA D 127 -28.35 6.31 -33.84
N GLN D 128 -29.36 6.95 -33.26
CA GLN D 128 -29.28 7.50 -31.91
C GLN D 128 -29.75 6.56 -30.81
N VAL D 129 -30.66 5.64 -31.12
CA VAL D 129 -31.29 4.83 -30.08
C VAL D 129 -30.90 3.36 -30.08
N LEU D 130 -30.14 2.95 -31.10
CA LEU D 130 -29.67 1.59 -31.19
C LEU D 130 -28.15 1.59 -31.17
N VAL D 131 -27.60 0.58 -30.50
CA VAL D 131 -26.18 0.42 -30.36
C VAL D 131 -25.86 -1.03 -30.62
N ALA D 132 -24.90 -1.29 -31.47
CA ALA D 132 -24.53 -2.67 -31.79
C ALA D 132 -23.92 -3.29 -30.53
N GLN D 133 -24.29 -4.54 -30.24
CA GLN D 133 -23.70 -5.28 -29.14
C GLN D 133 -22.17 -5.34 -29.25
N ARG D 134 -21.69 -5.47 -30.49
CA ARG D 134 -20.27 -5.45 -30.82
C ARG D 134 -19.55 -4.19 -30.29
N ASP D 135 -20.24 -3.05 -30.20
CA ASP D 135 -19.64 -1.80 -29.69
C ASP D 135 -20.04 -1.43 -28.27
N ALA D 136 -20.51 -2.39 -27.50
CA ALA D 136 -21.01 -2.08 -26.17
C ALA D 136 -20.26 -2.93 -25.20
N THR D 137 -20.26 -2.49 -23.94
CA THR D 137 -19.71 -3.26 -22.87
C THR D 137 -20.83 -3.50 -21.88
N LEU D 138 -20.92 -4.74 -21.40
CA LEU D 138 -22.00 -5.14 -20.51
C LEU D 138 -21.53 -5.30 -19.07
N HIS D 139 -22.38 -4.87 -18.15
CA HIS D 139 -22.06 -4.81 -16.75
C HIS D 139 -23.09 -5.57 -15.96
N LEU D 140 -22.84 -5.77 -14.67
CA LEU D 140 -23.85 -6.33 -13.77
C LEU D 140 -25.17 -5.61 -13.95
N PRO D 141 -26.24 -6.34 -14.30
CA PRO D 141 -27.52 -5.69 -14.57
C PRO D 141 -28.14 -5.01 -13.34
N VAL D 142 -27.90 -5.57 -12.16
CA VAL D 142 -28.44 -5.02 -10.92
C VAL D 142 -27.39 -4.88 -9.84
N GLU D 143 -27.66 -4.00 -8.89
CA GLU D 143 -27.00 -4.02 -7.60
C GLU D 143 -27.63 -5.14 -6.79
N ILE D 144 -26.84 -6.14 -6.40
CA ILE D 144 -27.34 -7.29 -5.67
C ILE D 144 -27.27 -7.03 -4.15
N PRO D 145 -28.45 -6.87 -3.49
CA PRO D 145 -28.42 -6.62 -2.07
C PRO D 145 -28.08 -7.90 -1.31
N GLY D 146 -28.61 -9.01 -1.77
CA GLY D 146 -28.31 -10.30 -1.16
C GLY D 146 -28.25 -11.37 -2.24
N TYR D 147 -27.50 -12.42 -1.96
CA TYR D 147 -27.36 -13.56 -2.86
C TYR D 147 -27.53 -14.81 -2.04
N THR D 148 -28.56 -15.59 -2.38
CA THR D 148 -28.84 -16.84 -1.74
C THR D 148 -28.66 -17.90 -2.77
N ASP D 149 -28.20 -19.08 -2.36
CA ASP D 149 -27.96 -20.16 -3.29
C ASP D 149 -28.57 -21.47 -2.76
N PHE D 150 -29.37 -22.10 -3.62
CA PHE D 150 -30.10 -23.31 -3.21
C PHE D 150 -29.40 -24.59 -3.61
N TYR D 151 -30.12 -25.71 -3.65
CA TYR D 151 -29.47 -26.99 -3.78
C TYR D 151 -30.44 -28.01 -4.39
N SER D 152 -31.19 -27.55 -5.39
CA SER D 152 -32.47 -28.17 -5.72
C SER D 152 -32.49 -29.21 -6.86
N SER D 153 -31.33 -29.59 -7.38
CA SER D 153 -31.27 -30.73 -8.29
C SER D 153 -31.10 -32.01 -7.50
N LYS D 154 -32.11 -32.87 -7.52
CA LYS D 154 -32.04 -34.18 -6.88
C LYS D 154 -30.80 -34.95 -7.32
N GLU D 155 -30.56 -34.96 -8.63
CA GLU D 155 -29.49 -35.73 -9.24
C GLU D 155 -28.14 -35.21 -8.76
N HIS D 156 -27.96 -33.89 -8.73
CA HIS D 156 -26.74 -33.30 -8.18
C HIS D 156 -26.55 -33.69 -6.70
N ALA D 157 -27.61 -33.54 -5.91
CA ALA D 157 -27.53 -33.79 -4.48
C ALA D 157 -27.28 -35.28 -4.20
N THR D 158 -27.84 -36.14 -5.02
CA THR D 158 -27.60 -37.57 -4.89
C THR D 158 -26.17 -37.93 -5.29
N ASN D 159 -25.64 -37.31 -6.35
CA ASN D 159 -24.26 -37.54 -6.78
C ASN D 159 -23.31 -37.14 -5.67
N VAL D 160 -23.48 -35.93 -5.16
CA VAL D 160 -22.54 -35.40 -4.17
C VAL D 160 -22.62 -36.18 -2.85
N GLY D 161 -23.83 -36.38 -2.33
CA GLY D 161 -24.02 -37.21 -1.12
C GLY D 161 -23.53 -38.66 -1.24
N SER D 162 -23.39 -39.16 -2.46
CA SER D 162 -22.88 -40.49 -2.68
C SER D 162 -21.39 -40.58 -2.43
N MET D 163 -20.73 -39.44 -2.47
CA MET D 163 -19.31 -39.39 -2.18
C MET D 163 -19.05 -39.32 -0.67
N PHE D 164 -20.08 -38.98 0.11
CA PHE D 164 -20.02 -38.97 1.59
C PHE D 164 -20.76 -40.09 2.33
N ARG D 165 -21.81 -40.64 1.70
CA ARG D 165 -22.66 -41.63 2.36
C ARG D 165 -23.12 -42.73 1.42
N ASP D 166 -23.63 -43.81 2.03
CA ASP D 166 -24.21 -44.97 1.32
C ASP D 166 -25.51 -44.62 0.57
N PRO D 167 -25.82 -45.36 -0.55
CA PRO D 167 -26.95 -45.06 -1.48
C PRO D 167 -28.28 -44.72 -0.81
N LYS D 168 -28.77 -45.58 0.08
CA LYS D 168 -30.01 -45.29 0.80
C LYS D 168 -29.94 -43.99 1.60
N ASN D 169 -28.75 -43.54 1.98
CA ASN D 169 -28.56 -42.30 2.73
C ASN D 169 -27.90 -41.13 2.00
N ALA D 170 -27.60 -41.30 0.72
CA ALA D 170 -27.00 -40.23 -0.10
C ALA D 170 -27.82 -38.94 0.01
N LEU D 171 -29.11 -39.06 -0.21
CA LEU D 171 -30.03 -37.96 0.02
C LEU D 171 -30.49 -37.94 1.46
N LEU D 172 -30.11 -36.92 2.21
CA LEU D 172 -30.59 -36.78 3.60
C LEU D 172 -32.07 -36.41 3.60
N PRO D 173 -32.83 -36.96 4.55
CA PRO D 173 -34.27 -36.78 4.56
C PRO D 173 -34.74 -35.33 4.39
N ASN D 174 -34.05 -34.40 5.01
CA ASN D 174 -34.48 -33.03 5.01
C ASN D 174 -34.44 -32.42 3.63
N TRP D 175 -33.56 -32.94 2.77
CA TRP D 175 -33.45 -32.44 1.39
C TRP D 175 -34.79 -32.52 0.67
N SER D 176 -35.55 -33.58 0.92
CA SER D 176 -36.82 -33.79 0.24
C SER D 176 -37.98 -33.11 0.96
N GLU D 177 -37.72 -32.57 2.16
CA GLU D 177 -38.77 -31.89 2.93
C GLU D 177 -38.72 -30.39 2.72
N MET D 178 -37.58 -29.87 2.26
CA MET D 178 -37.43 -28.44 2.06
C MET D 178 -36.35 -28.16 1.03
N PRO D 179 -36.45 -27.00 0.35
CA PRO D 179 -35.40 -26.56 -0.52
C PRO D 179 -34.25 -25.99 0.29
N ILE D 180 -33.39 -26.90 0.74
CA ILE D 180 -32.07 -26.59 1.30
C ILE D 180 -31.41 -25.42 0.57
N GLY D 181 -30.81 -24.50 1.34
CA GLY D 181 -30.08 -23.36 0.81
C GLY D 181 -29.16 -22.69 1.82
N TYR D 182 -28.29 -21.82 1.35
CA TYR D 182 -27.41 -21.04 2.21
C TYR D 182 -27.31 -19.60 1.65
N ASN D 183 -26.74 -18.71 2.44
CA ASN D 183 -26.43 -17.35 2.04
C ASN D 183 -25.13 -17.36 1.26
N GLY D 184 -25.18 -16.84 0.03
CA GLY D 184 -23.96 -16.61 -0.73
C GLY D 184 -23.39 -15.22 -0.47
N ARG D 185 -22.25 -14.98 -1.06
CA ARG D 185 -21.55 -13.72 -0.95
C ARG D 185 -21.85 -12.81 -2.15
N ALA D 186 -22.65 -11.77 -1.91
CA ALA D 186 -23.07 -10.81 -2.92
C ALA D 186 -21.94 -10.06 -3.58
N SER D 187 -20.98 -9.63 -2.76
CA SER D 187 -19.93 -8.72 -3.19
C SER D 187 -19.06 -9.22 -4.35
N SER D 188 -18.82 -10.52 -4.35
CA SER D 188 -18.00 -11.18 -5.30
C SER D 188 -18.79 -11.77 -6.48
N VAL D 189 -20.07 -11.44 -6.63
CA VAL D 189 -20.80 -11.77 -7.89
C VAL D 189 -20.40 -10.76 -8.96
N VAL D 190 -19.94 -11.29 -10.11
CA VAL D 190 -19.42 -10.49 -11.20
C VAL D 190 -20.05 -10.91 -12.52
N VAL D 191 -19.99 -10.00 -13.48
CA VAL D 191 -20.63 -10.16 -14.76
C VAL D 191 -19.76 -11.03 -15.64
N SER D 192 -20.42 -11.73 -16.56
CA SER D 192 -19.75 -12.52 -17.61
C SER D 192 -18.58 -11.76 -18.20
N GLY D 193 -17.46 -12.46 -18.41
CA GLY D 193 -16.26 -11.87 -19.01
C GLY D 193 -15.16 -11.51 -18.03
N THR D 194 -15.51 -11.35 -16.75
CA THR D 194 -14.56 -11.02 -15.72
C THR D 194 -13.61 -12.21 -15.46
N PRO D 195 -12.29 -11.95 -15.52
CA PRO D 195 -11.37 -13.03 -15.22
C PRO D 195 -11.43 -13.35 -13.74
N VAL D 196 -11.21 -14.61 -13.42
CA VAL D 196 -11.42 -15.15 -12.09
C VAL D 196 -10.12 -15.76 -11.60
N ARG D 197 -9.55 -15.18 -10.55
CA ARG D 197 -8.27 -15.65 -10.04
C ARG D 197 -8.39 -16.92 -9.21
N ARG D 198 -7.57 -17.93 -9.50
CA ARG D 198 -7.59 -19.15 -8.71
C ARG D 198 -7.30 -18.76 -7.28
N PRO D 199 -8.13 -19.24 -6.37
CA PRO D 199 -7.95 -18.93 -4.95
C PRO D 199 -6.90 -19.77 -4.26
N ASN D 200 -6.23 -19.13 -3.29
CA ASN D 200 -5.43 -19.79 -2.28
C ASN D 200 -6.23 -20.01 -1.02
N GLY D 201 -5.82 -20.98 -0.22
CA GLY D 201 -6.48 -21.28 1.04
C GLY D 201 -5.94 -22.54 1.67
N GLN D 202 -6.58 -22.97 2.75
CA GLN D 202 -6.15 -24.14 3.50
C GLN D 202 -6.57 -25.42 2.81
N LEU D 203 -5.60 -26.30 2.58
CA LEU D 203 -5.84 -27.56 1.92
C LEU D 203 -5.45 -28.67 2.89
N LYS D 204 -6.35 -29.61 3.11
CA LYS D 204 -6.05 -30.76 3.93
C LYS D 204 -5.58 -31.91 3.02
N LEU D 205 -4.34 -32.33 3.17
CA LEU D 205 -3.84 -33.48 2.43
C LEU D 205 -4.03 -34.78 3.25
N PRO D 206 -4.35 -35.89 2.56
CA PRO D 206 -4.70 -37.15 3.24
C PRO D 206 -3.61 -37.69 4.17
N ASP D 207 -2.34 -37.45 3.81
CA ASP D 207 -1.19 -37.99 4.55
C ASP D 207 -0.57 -37.08 5.62
N GLN D 208 -1.14 -35.88 5.84
CA GLN D 208 -0.59 -34.92 6.80
C GLN D 208 -1.61 -34.55 7.88
N GLU D 209 -1.16 -34.54 9.13
CA GLU D 209 -2.00 -34.19 10.26
C GLU D 209 -2.58 -32.80 10.06
N ARG D 210 -1.77 -31.87 9.55
CA ARG D 210 -2.17 -30.48 9.51
C ARG D 210 -2.39 -29.94 8.10
N PRO D 211 -3.30 -28.97 7.96
CA PRO D 211 -3.53 -28.38 6.66
C PRO D 211 -2.32 -27.57 6.22
N VAL D 212 -2.15 -27.41 4.91
CA VAL D 212 -1.15 -26.53 4.35
C VAL D 212 -1.87 -25.39 3.67
N PHE D 213 -1.15 -24.32 3.36
CA PHE D 213 -1.74 -23.22 2.65
C PHE D 213 -1.21 -23.24 1.24
N GLY D 214 -2.09 -23.11 0.26
CA GLY D 214 -1.64 -23.06 -1.10
C GLY D 214 -2.75 -22.86 -2.09
N ALA D 215 -2.34 -22.93 -3.36
CA ALA D 215 -3.23 -22.82 -4.49
C ALA D 215 -4.19 -23.97 -4.55
N CYS D 216 -5.47 -23.65 -4.60
CA CYS D 216 -6.52 -24.59 -4.95
C CYS D 216 -6.09 -25.54 -6.09
N ARG D 217 -6.30 -26.84 -5.88
CA ARG D 217 -6.00 -27.88 -6.88
C ARG D 217 -7.27 -28.50 -7.54
N LYS D 218 -8.45 -28.17 -7.02
CA LYS D 218 -9.70 -28.68 -7.54
C LYS D 218 -10.69 -27.56 -7.77
N LEU D 219 -10.28 -26.61 -8.60
CA LEU D 219 -11.14 -25.53 -9.04
C LEU D 219 -12.20 -26.09 -10.02
N ASP D 220 -13.45 -25.65 -9.84
CA ASP D 220 -14.58 -26.25 -10.48
C ASP D 220 -15.62 -25.18 -10.80
N ILE D 221 -16.50 -25.52 -11.73
CA ILE D 221 -17.65 -24.69 -12.04
C ILE D 221 -18.83 -25.28 -11.34
N GLU D 222 -19.91 -24.52 -11.30
CA GLU D 222 -21.20 -25.06 -10.96
C GLU D 222 -22.25 -24.44 -11.85
N LEU D 223 -22.77 -25.23 -12.77
CA LEU D 223 -23.84 -24.77 -13.66
C LEU D 223 -25.15 -24.55 -12.89
N GLU D 224 -25.64 -23.31 -12.95
CA GLU D 224 -26.85 -22.92 -12.25
C GLU D 224 -27.52 -21.84 -13.02
N THR D 225 -28.75 -21.58 -12.66
CA THR D 225 -29.42 -20.36 -13.00
C THR D 225 -29.75 -19.62 -11.70
N GLY D 226 -29.97 -18.33 -11.82
CA GLY D 226 -30.37 -17.56 -10.66
C GLY D 226 -31.48 -16.64 -11.05
N PHE D 227 -32.40 -16.40 -10.13
CA PHE D 227 -33.43 -15.46 -10.44
C PHE D 227 -33.23 -14.15 -9.68
N ILE D 228 -33.72 -13.07 -10.29
CA ILE D 228 -33.67 -11.75 -9.75
C ILE D 228 -35.03 -11.37 -9.15
N VAL D 229 -35.03 -10.98 -7.89
CA VAL D 229 -36.26 -10.60 -7.21
C VAL D 229 -36.72 -9.24 -7.72
N GLY D 230 -38.00 -9.16 -8.08
CA GLY D 230 -38.58 -7.93 -8.60
C GLY D 230 -39.44 -7.14 -7.64
N LYS D 231 -39.93 -7.79 -6.59
CA LYS D 231 -40.71 -7.15 -5.51
C LYS D 231 -40.33 -7.84 -4.21
N GLY D 232 -39.96 -7.06 -3.21
CA GLY D 232 -39.51 -7.65 -1.96
C GLY D 232 -40.66 -7.97 -1.03
N ASN D 233 -40.32 -8.31 0.20
CA ASN D 233 -41.30 -8.49 1.24
C ASN D 233 -40.77 -7.95 2.53
N ALA D 234 -41.67 -7.52 3.41
CA ALA D 234 -41.27 -6.90 4.66
C ALA D 234 -40.80 -7.98 5.62
N LEU D 235 -39.80 -7.61 6.41
CA LEU D 235 -39.32 -8.43 7.50
C LEU D 235 -40.50 -8.84 8.36
N GLY D 236 -40.61 -10.16 8.61
CA GLY D 236 -41.71 -10.75 9.36
C GLY D 236 -42.96 -11.15 8.56
N GLU D 237 -43.00 -10.83 7.25
CA GLU D 237 -44.15 -11.17 6.37
C GLU D 237 -43.77 -12.10 5.24
N PRO D 238 -43.94 -13.40 5.46
CA PRO D 238 -43.59 -14.39 4.44
C PRO D 238 -44.28 -14.17 3.08
N ILE D 239 -43.70 -14.69 2.02
CA ILE D 239 -44.34 -14.74 0.72
C ILE D 239 -44.94 -16.15 0.59
N ALA D 240 -46.26 -16.19 0.38
CA ALA D 240 -46.98 -17.44 0.15
C ALA D 240 -46.47 -18.06 -1.12
N CYS D 241 -46.30 -19.37 -1.10
CA CYS D 241 -45.80 -20.07 -2.29
C CYS D 241 -46.52 -19.66 -3.57
N GLU D 242 -47.84 -19.53 -3.49
CA GLU D 242 -48.68 -19.21 -4.64
C GLU D 242 -48.50 -17.77 -5.16
N ASP D 243 -48.02 -16.87 -4.31
CA ASP D 243 -47.77 -15.50 -4.73
C ASP D 243 -46.33 -15.29 -5.18
N ALA D 244 -45.48 -16.30 -4.98
CA ALA D 244 -44.02 -16.14 -5.11
C ALA D 244 -43.52 -15.69 -6.47
N GLU D 245 -44.03 -16.30 -7.53
CA GLU D 245 -43.56 -15.95 -8.86
C GLU D 245 -43.85 -14.51 -9.25
N ALA D 246 -44.96 -13.95 -8.76
CA ALA D 246 -45.21 -12.52 -9.01
C ALA D 246 -44.07 -11.66 -8.47
N HIS D 247 -43.31 -12.14 -7.49
CA HIS D 247 -42.17 -11.38 -6.93
C HIS D 247 -40.87 -11.49 -7.71
N ILE D 248 -40.85 -12.28 -8.79
CA ILE D 248 -39.64 -12.59 -9.55
C ILE D 248 -39.64 -11.79 -10.84
N PHE D 249 -38.56 -11.07 -11.09
CA PHE D 249 -38.44 -10.30 -12.32
C PHE D 249 -37.96 -11.13 -13.50
N GLY D 250 -36.87 -11.86 -13.30
CA GLY D 250 -36.30 -12.63 -14.40
C GLY D 250 -35.17 -13.53 -13.96
N MET D 251 -34.48 -14.12 -14.94
CA MET D 251 -33.47 -15.13 -14.70
C MET D 251 -32.18 -14.78 -15.43
N VAL D 252 -31.09 -15.33 -14.93
CA VAL D 252 -29.78 -15.26 -15.56
C VAL D 252 -29.05 -16.59 -15.37
N LEU D 253 -27.94 -16.76 -16.07
CA LEU D 253 -27.11 -17.94 -15.89
C LEU D 253 -26.13 -17.60 -14.80
N LEU D 254 -25.70 -18.63 -14.07
CA LEU D 254 -24.91 -18.43 -12.88
C LEU D 254 -23.87 -19.54 -12.78
N ASN D 255 -22.60 -19.13 -12.75
CA ASN D 255 -21.54 -20.03 -12.51
C ASN D 255 -21.07 -19.80 -11.09
N ASP D 256 -21.33 -20.78 -10.22
CA ASP D 256 -20.90 -20.68 -8.84
C ASP D 256 -19.58 -21.36 -8.69
N TRP D 257 -18.53 -20.66 -9.11
CA TRP D 257 -17.19 -21.19 -9.03
C TRP D 257 -16.92 -21.72 -7.62
N SER D 258 -16.33 -22.91 -7.54
CA SER D 258 -16.12 -23.62 -6.29
C SER D 258 -14.70 -24.18 -6.22
N ALA D 259 -14.01 -23.97 -5.10
CA ALA D 259 -12.75 -24.62 -4.83
C ALA D 259 -12.98 -25.85 -3.96
N ARG D 260 -12.99 -27.05 -4.56
CA ARG D 260 -13.46 -28.24 -3.85
C ARG D 260 -12.56 -28.67 -2.68
N ASP D 261 -11.27 -28.44 -2.80
CA ASP D 261 -10.34 -28.88 -1.74
C ASP D 261 -10.39 -27.95 -0.51
N ILE D 262 -10.60 -26.66 -0.78
CA ILE D 262 -10.81 -25.66 0.24
C ILE D 262 -12.12 -25.91 0.96
N GLN D 263 -13.13 -26.25 0.17
CA GLN D 263 -14.47 -26.51 0.67
C GLN D 263 -14.49 -27.67 1.66
N GLN D 264 -14.00 -28.84 1.25
CA GLN D 264 -14.05 -30.05 2.08
C GLN D 264 -13.55 -29.75 3.49
N TRP D 265 -12.44 -29.04 3.58
CA TRP D 265 -11.76 -28.78 4.86
C TRP D 265 -12.45 -27.74 5.76
N GLU D 266 -13.18 -26.79 5.16
CA GLU D 266 -13.75 -25.67 5.90
C GLU D 266 -15.24 -25.85 6.29
N TYR D 267 -15.98 -26.65 5.52
CA TYR D 267 -17.45 -26.52 5.43
C TYR D 267 -18.26 -27.06 6.60
N VAL D 268 -17.67 -27.95 7.40
CA VAL D 268 -18.34 -28.50 8.57
C VAL D 268 -18.00 -27.62 9.77
N PRO D 269 -19.02 -27.17 10.52
CA PRO D 269 -20.44 -27.34 10.37
C PRO D 269 -21.20 -26.17 9.71
N LEU D 270 -20.55 -25.04 9.48
CA LEU D 270 -21.29 -23.82 9.09
C LEU D 270 -21.50 -23.65 7.59
N GLY D 271 -21.10 -24.64 6.80
CA GLY D 271 -21.32 -24.62 5.35
C GLY D 271 -20.13 -24.04 4.61
N PRO D 272 -20.22 -24.04 3.26
CA PRO D 272 -19.17 -23.45 2.45
C PRO D 272 -19.11 -21.93 2.64
N PHE D 273 -17.89 -21.40 2.56
CA PHE D 273 -17.62 -19.99 2.84
C PHE D 273 -16.61 -19.47 1.81
N ASN D 274 -15.31 -19.53 2.11
CA ASN D 274 -14.25 -19.08 1.17
C ASN D 274 -14.24 -19.87 -0.13
N SER D 275 -14.53 -21.16 -0.04
CA SER D 275 -14.52 -22.03 -1.18
C SER D 275 -15.49 -21.58 -2.27
N LYS D 276 -16.49 -20.76 -1.94
CA LYS D 276 -17.42 -20.25 -2.95
C LYS D 276 -17.43 -18.73 -3.11
N GLY D 277 -16.84 -18.01 -2.18
CA GLY D 277 -17.05 -16.58 -2.09
C GLY D 277 -16.07 -15.80 -2.88
N PHE D 278 -15.07 -16.47 -3.42
CA PHE D 278 -14.01 -15.79 -4.16
C PHE D 278 -14.49 -15.22 -5.48
N ALA D 279 -15.50 -15.86 -6.05
CA ALA D 279 -16.13 -15.39 -7.28
C ALA D 279 -17.37 -16.20 -7.66
N THR D 280 -18.34 -15.49 -8.22
CA THR D 280 -19.50 -16.07 -8.75
C THR D 280 -19.78 -15.19 -9.96
N THR D 281 -20.08 -15.82 -11.10
CA THR D 281 -20.30 -15.09 -12.33
C THR D 281 -21.75 -15.29 -12.79
N ILE D 282 -22.39 -14.20 -13.26
CA ILE D 282 -23.70 -14.28 -13.84
C ILE D 282 -23.66 -13.65 -15.23
N SER D 283 -24.53 -14.12 -16.11
CA SER D 283 -24.69 -13.55 -17.43
C SER D 283 -25.29 -12.14 -17.31
N PRO D 284 -25.05 -11.28 -18.30
CA PRO D 284 -25.49 -9.90 -18.17
C PRO D 284 -26.94 -9.62 -18.42
N TRP D 285 -27.61 -10.40 -19.29
CA TRP D 285 -28.96 -10.09 -19.74
C TRP D 285 -30.00 -10.80 -18.86
N ILE D 286 -30.89 -10.04 -18.23
CA ILE D 286 -31.97 -10.67 -17.50
C ILE D 286 -33.13 -11.05 -18.43
N VAL D 287 -33.36 -12.35 -18.56
CA VAL D 287 -34.50 -12.82 -19.32
C VAL D 287 -35.75 -12.79 -18.41
N THR D 288 -36.73 -11.98 -18.79
CA THR D 288 -37.92 -11.80 -17.97
C THR D 288 -38.76 -13.05 -17.93
N LEU D 289 -39.43 -13.24 -16.80
CA LEU D 289 -40.25 -14.40 -16.54
C LEU D 289 -41.43 -14.47 -17.52
N ASP D 290 -41.92 -13.29 -17.90
CA ASP D 290 -42.95 -13.19 -18.92
C ASP D 290 -42.47 -13.77 -20.26
N ALA D 291 -41.24 -13.45 -20.67
CA ALA D 291 -40.67 -14.03 -21.86
C ALA D 291 -40.51 -15.54 -21.78
N LEU D 292 -40.29 -16.08 -20.60
CA LEU D 292 -40.23 -17.54 -20.43
C LEU D 292 -41.60 -18.22 -20.35
N GLU D 293 -42.69 -17.46 -20.42
CA GLU D 293 -44.04 -18.05 -20.25
C GLU D 293 -44.31 -19.21 -21.19
N PRO D 294 -43.97 -19.09 -22.49
CA PRO D 294 -44.23 -20.22 -23.39
C PRO D 294 -43.45 -21.50 -23.10
N PHE D 295 -42.46 -21.44 -22.22
CA PHE D 295 -41.64 -22.60 -21.92
C PHE D 295 -41.88 -23.11 -20.53
N ARG D 296 -42.98 -22.65 -19.93
CA ARG D 296 -43.41 -23.15 -18.66
C ARG D 296 -43.80 -24.62 -18.84
N VAL D 297 -43.27 -25.52 -18.01
CA VAL D 297 -43.66 -26.94 -18.08
C VAL D 297 -43.91 -27.52 -16.69
N ALA D 298 -44.43 -28.74 -16.66
CA ALA D 298 -44.74 -29.42 -15.40
C ALA D 298 -43.45 -29.78 -14.68
N GLN D 299 -43.34 -29.36 -13.42
CA GLN D 299 -42.20 -29.72 -12.60
C GLN D 299 -42.27 -31.21 -12.28
N PRO D 300 -41.15 -31.79 -11.81
CA PRO D 300 -41.18 -33.21 -11.46
C PRO D 300 -42.13 -33.48 -10.30
N GLU D 301 -42.60 -34.73 -10.22
CA GLU D 301 -43.45 -35.15 -9.13
C GLU D 301 -42.59 -35.10 -7.87
N GLN D 302 -43.18 -34.70 -6.75
CA GLN D 302 -42.46 -34.64 -5.46
C GLN D 302 -42.99 -35.74 -4.58
N SER D 303 -42.07 -36.51 -4.04
CA SER D 303 -42.43 -37.59 -3.13
C SER D 303 -41.34 -37.67 -2.05
N PRO D 304 -41.72 -37.53 -0.78
CA PRO D 304 -43.10 -37.38 -0.29
C PRO D 304 -43.69 -35.98 -0.58
N GLN D 305 -45.00 -35.87 -0.43
CA GLN D 305 -45.70 -34.61 -0.65
C GLN D 305 -45.25 -33.63 0.43
N PRO D 306 -44.78 -32.46 0.01
CA PRO D 306 -44.19 -31.52 0.99
C PRO D 306 -45.23 -30.93 1.92
N LEU D 307 -44.77 -30.27 2.97
CA LEU D 307 -45.68 -29.55 3.86
C LEU D 307 -46.45 -28.52 3.07
N ALA D 308 -47.63 -28.22 3.58
CA ALA D 308 -48.58 -27.30 2.92
C ALA D 308 -47.99 -25.98 2.41
N TYR D 309 -47.13 -25.37 3.22
CA TYR D 309 -46.63 -24.06 2.88
C TYR D 309 -45.81 -24.08 1.60
N LEU D 310 -45.33 -25.27 1.24
CA LEU D 310 -44.51 -25.43 0.03
C LEU D 310 -45.24 -25.93 -1.21
N ARG D 311 -46.54 -26.22 -1.11
CA ARG D 311 -47.28 -26.74 -2.27
C ARG D 311 -47.69 -25.65 -3.22
N HIS D 312 -47.69 -25.94 -4.52
CA HIS D 312 -48.38 -25.05 -5.51
C HIS D 312 -49.01 -25.78 -6.69
N ALA D 313 -50.12 -25.22 -7.17
CA ALA D 313 -50.85 -25.71 -8.34
C ALA D 313 -50.17 -25.26 -9.60
N GLY D 314 -50.26 -26.08 -10.63
CA GLY D 314 -49.88 -25.65 -11.95
C GLY D 314 -48.46 -25.99 -12.29
N LYS D 315 -47.98 -25.33 -13.33
CA LYS D 315 -46.70 -25.64 -13.93
C LYS D 315 -45.74 -24.53 -13.52
N HIS D 316 -44.65 -24.90 -12.87
CA HIS D 316 -43.74 -23.92 -12.35
C HIS D 316 -42.30 -24.21 -12.69
N ALA D 317 -42.06 -25.16 -13.60
CA ALA D 317 -40.71 -25.46 -14.11
C ALA D 317 -40.55 -24.75 -15.42
N PHE D 318 -39.31 -24.60 -15.90
CA PHE D 318 -39.08 -24.01 -17.21
C PHE D 318 -38.12 -24.84 -18.03
N ASP D 319 -38.40 -24.91 -19.32
CA ASP D 319 -37.71 -25.76 -20.28
C ASP D 319 -36.53 -24.96 -20.85
N ILE D 320 -35.39 -25.03 -20.19
CA ILE D 320 -34.26 -24.22 -20.60
C ILE D 320 -33.13 -25.19 -20.82
N ALA D 321 -32.75 -25.36 -22.08
CA ALA D 321 -31.57 -26.17 -22.44
C ALA D 321 -30.35 -25.42 -21.97
N LEU D 322 -29.41 -26.16 -21.37
CA LEU D 322 -28.22 -25.55 -20.80
C LEU D 322 -27.01 -26.28 -21.29
N GLU D 323 -25.91 -25.54 -21.47
CA GLU D 323 -24.67 -26.14 -21.91
C GLU D 323 -23.47 -25.46 -21.27
N VAL D 324 -22.47 -26.26 -20.96
CA VAL D 324 -21.19 -25.76 -20.50
C VAL D 324 -20.09 -26.14 -21.50
N THR D 325 -19.23 -25.19 -21.83
CA THR D 325 -18.01 -25.47 -22.59
C THR D 325 -16.74 -25.09 -21.82
N LEU D 326 -15.64 -25.75 -22.15
CA LEU D 326 -14.31 -25.48 -21.59
C LEU D 326 -13.33 -25.34 -22.73
N ARG D 327 -12.63 -24.21 -22.80
CA ARG D 327 -11.57 -23.99 -23.81
C ARG D 327 -10.24 -23.76 -23.09
N ALA D 328 -9.28 -24.64 -23.32
CA ALA D 328 -7.91 -24.41 -22.85
C ALA D 328 -7.34 -23.16 -23.47
N GLU D 329 -6.36 -22.56 -22.81
CA GLU D 329 -5.72 -21.38 -23.35
C GLU D 329 -5.13 -21.67 -24.72
N GLY D 330 -5.50 -20.85 -25.70
CA GLY D 330 -5.04 -21.02 -27.07
C GLY D 330 -5.65 -22.16 -27.88
N ALA D 331 -6.69 -22.81 -27.38
CA ALA D 331 -7.38 -23.83 -28.19
C ALA D 331 -8.31 -23.13 -29.17
N ALA D 332 -8.37 -23.68 -30.38
CA ALA D 332 -9.20 -23.13 -31.46
C ALA D 332 -10.69 -23.37 -31.23
N GLU D 333 -11.04 -24.45 -30.54
CA GLU D 333 -12.44 -24.75 -30.25
C GLU D 333 -12.63 -25.14 -28.78
N ALA D 334 -13.79 -24.79 -28.22
CA ALA D 334 -14.17 -25.22 -26.89
C ALA D 334 -14.68 -26.67 -26.89
N THR D 335 -14.64 -27.33 -25.72
CA THR D 335 -15.22 -28.64 -25.55
C THR D 335 -16.57 -28.51 -24.80
N SER D 336 -17.63 -29.07 -25.37
CA SER D 336 -18.92 -29.16 -24.69
C SER D 336 -18.79 -30.26 -23.62
N ILE D 337 -18.92 -29.90 -22.35
CA ILE D 337 -18.77 -30.89 -21.27
C ILE D 337 -20.07 -31.23 -20.56
N CYS D 338 -21.10 -30.41 -20.72
CA CYS D 338 -22.37 -30.66 -20.08
C CYS D 338 -23.52 -30.16 -20.93
N ARG D 339 -24.53 -31.00 -21.12
CA ARG D 339 -25.77 -30.59 -21.73
C ARG D 339 -26.88 -31.02 -20.79
N THR D 340 -27.69 -30.09 -20.33
CA THR D 340 -28.77 -30.49 -19.46
C THR D 340 -29.93 -29.55 -19.63
N ASN D 341 -30.90 -29.61 -18.71
CA ASN D 341 -32.05 -28.75 -18.79
C ASN D 341 -32.55 -28.33 -17.40
N PHE D 342 -33.05 -27.09 -17.31
CA PHE D 342 -33.56 -26.54 -16.07
C PHE D 342 -34.82 -27.21 -15.55
N ARG D 343 -35.62 -27.77 -16.45
CA ARG D 343 -36.91 -28.37 -16.09
C ARG D 343 -36.86 -29.50 -15.04
N HIS D 344 -35.69 -30.10 -14.85
CA HIS D 344 -35.54 -31.26 -13.94
C HIS D 344 -35.33 -30.88 -12.48
N MET D 345 -35.30 -29.58 -12.17
CA MET D 345 -35.07 -29.15 -10.80
C MET D 345 -36.20 -29.65 -9.94
N TYR D 346 -35.87 -30.21 -8.78
CA TYR D 346 -36.88 -30.78 -7.87
C TYR D 346 -37.70 -29.74 -7.12
N TRP D 347 -37.07 -28.66 -6.70
CA TRP D 347 -37.76 -27.55 -6.09
C TRP D 347 -37.82 -26.43 -7.12
N THR D 348 -38.96 -25.76 -7.19
CA THR D 348 -39.12 -24.66 -8.08
C THR D 348 -38.70 -23.33 -7.46
N MET D 349 -38.61 -22.32 -8.31
CA MET D 349 -38.31 -20.96 -7.87
C MET D 349 -39.33 -20.49 -6.85
N ALA D 350 -40.60 -20.77 -7.10
CA ALA D 350 -41.65 -20.37 -6.18
C ALA D 350 -41.44 -20.99 -4.79
N GLN D 351 -41.08 -22.27 -4.75
CA GLN D 351 -40.91 -22.98 -3.51
C GLN D 351 -39.68 -22.49 -2.78
N GLN D 352 -38.64 -22.16 -3.54
CA GLN D 352 -37.44 -21.65 -2.91
C GLN D 352 -37.76 -20.32 -2.26
N LEU D 353 -38.50 -19.48 -2.96
CA LEU D 353 -38.73 -18.13 -2.48
C LEU D 353 -39.66 -18.17 -1.26
N ALA D 354 -40.66 -19.06 -1.31
CA ALA D 354 -41.51 -19.28 -0.16
C ALA D 354 -40.70 -19.76 1.04
N HIS D 355 -39.80 -20.72 0.80
CA HIS D 355 -39.04 -21.28 1.90
C HIS D 355 -38.06 -20.25 2.48
N HIS D 356 -37.46 -19.45 1.62
CA HIS D 356 -36.61 -18.33 2.07
C HIS D 356 -37.33 -17.41 3.07
N THR D 357 -38.63 -17.22 2.88
CA THR D 357 -39.34 -16.18 3.61
C THR D 357 -40.26 -16.73 4.68
N VAL D 358 -40.25 -18.04 4.89
CA VAL D 358 -41.25 -18.66 5.72
C VAL D 358 -41.09 -18.33 7.17
N ALA D 359 -39.86 -18.01 7.56
CA ALA D 359 -39.56 -17.62 8.93
C ALA D 359 -39.59 -16.11 9.14
N GLY D 360 -39.81 -15.34 8.07
CA GLY D 360 -39.92 -13.90 8.19
C GLY D 360 -38.85 -13.09 7.50
N CYS D 361 -37.81 -13.75 6.99
CA CYS D 361 -36.68 -13.04 6.37
C CYS D 361 -37.21 -12.22 5.21
N ASN D 362 -36.72 -11.00 5.08
CA ASN D 362 -37.15 -10.12 4.00
C ASN D 362 -36.27 -10.30 2.75
N THR D 363 -36.88 -10.17 1.56
CA THR D 363 -36.13 -10.06 0.31
C THR D 363 -36.27 -8.64 -0.26
N ARG D 364 -35.34 -8.27 -1.14
CA ARG D 364 -35.27 -6.92 -1.69
C ARG D 364 -35.05 -6.96 -3.19
N VAL D 365 -35.42 -5.85 -3.86
CA VAL D 365 -35.31 -5.79 -5.31
C VAL D 365 -33.87 -5.98 -5.67
N GLY D 366 -33.62 -6.86 -6.63
CA GLY D 366 -32.26 -7.15 -7.07
C GLY D 366 -31.64 -8.37 -6.41
N ASP D 367 -32.30 -8.97 -5.42
CA ASP D 367 -31.74 -10.14 -4.76
C ASP D 367 -31.48 -11.21 -5.81
N LEU D 368 -30.36 -11.89 -5.67
CA LEU D 368 -30.01 -12.99 -6.52
C LEU D 368 -30.23 -14.34 -5.82
N MET D 369 -30.96 -15.23 -6.49
CA MET D 369 -31.23 -16.56 -5.96
C MET D 369 -30.85 -17.68 -6.89
N GLY D 370 -29.85 -18.44 -6.46
CA GLY D 370 -29.26 -19.47 -7.28
C GLY D 370 -30.03 -20.75 -7.11
N SER D 371 -30.16 -21.48 -8.21
CA SER D 371 -30.87 -22.75 -8.25
C SER D 371 -30.17 -23.89 -7.52
N GLY D 372 -28.84 -23.78 -7.38
CA GLY D 372 -28.04 -24.94 -7.09
C GLY D 372 -27.59 -25.61 -8.39
N THR D 373 -26.52 -26.38 -8.28
CA THR D 373 -25.95 -27.05 -9.43
C THR D 373 -27.00 -27.89 -10.12
N ILE D 374 -27.14 -27.67 -11.42
CA ILE D 374 -28.12 -28.36 -12.25
C ILE D 374 -27.50 -29.60 -12.88
N SER D 375 -28.02 -30.77 -12.54
CA SER D 375 -27.53 -32.01 -13.09
C SER D 375 -28.73 -32.85 -13.55
N GLY D 376 -28.64 -33.35 -14.78
CA GLY D 376 -29.58 -34.31 -15.31
C GLY D 376 -29.23 -35.75 -14.95
N PRO D 377 -29.98 -36.70 -15.51
CA PRO D 377 -29.79 -38.13 -15.16
C PRO D 377 -28.61 -38.81 -15.85
N THR D 378 -28.18 -38.29 -17.00
CA THR D 378 -27.11 -38.94 -17.77
C THR D 378 -25.76 -38.36 -17.44
N LYS D 379 -24.72 -39.15 -17.70
CA LYS D 379 -23.32 -38.80 -17.40
C LYS D 379 -22.82 -37.55 -18.15
N ASP D 380 -23.47 -37.18 -19.23
CA ASP D 380 -23.08 -35.97 -19.96
C ASP D 380 -23.95 -34.75 -19.59
N SER D 381 -24.73 -34.88 -18.52
CA SER D 381 -25.62 -33.79 -18.12
C SER D 381 -25.38 -33.29 -16.68
N PHE D 382 -24.24 -33.66 -16.10
CA PHE D 382 -23.93 -33.25 -14.74
C PHE D 382 -23.31 -31.88 -14.80
N GLY D 383 -23.69 -31.01 -13.87
CA GLY D 383 -23.34 -29.59 -13.94
C GLY D 383 -22.06 -29.14 -13.26
N SER D 384 -21.18 -30.07 -12.91
CA SER D 384 -19.87 -29.69 -12.41
C SER D 384 -18.85 -30.73 -12.82
N LEU D 385 -17.57 -30.37 -12.79
CA LEU D 385 -16.54 -31.34 -13.08
C LEU D 385 -16.40 -32.37 -11.98
N LEU D 386 -16.62 -31.94 -10.73
CA LEU D 386 -16.64 -32.88 -9.62
C LEU D 386 -17.51 -34.09 -10.01
N GLU D 387 -18.71 -33.82 -10.53
CA GLU D 387 -19.61 -34.90 -10.97
C GLU D 387 -19.16 -35.54 -12.28
N LEU D 388 -18.85 -34.73 -13.30
CA LEU D 388 -18.50 -35.24 -14.63
C LEU D 388 -17.31 -36.19 -14.60
N THR D 389 -16.32 -35.89 -13.78
CA THR D 389 -15.12 -36.69 -13.71
C THR D 389 -15.11 -37.60 -12.49
N TRP D 390 -16.21 -37.63 -11.76
CA TRP D 390 -16.31 -38.35 -10.48
C TRP D 390 -15.10 -38.08 -9.59
N ASN D 391 -14.94 -36.82 -9.20
CA ASN D 391 -13.87 -36.39 -8.30
C ASN D 391 -12.48 -36.70 -8.84
N GLY D 392 -12.34 -36.61 -10.15
CA GLY D 392 -11.03 -36.71 -10.80
C GLY D 392 -10.64 -38.10 -11.26
N LYS D 393 -11.60 -39.04 -11.26
CA LYS D 393 -11.34 -40.45 -11.56
C LYS D 393 -11.57 -40.80 -13.03
N GLU D 394 -12.57 -40.21 -13.67
CA GLU D 394 -12.75 -40.34 -15.14
C GLU D 394 -12.52 -38.96 -15.82
N PRO D 395 -11.26 -38.68 -16.25
CA PRO D 395 -11.02 -37.34 -16.83
C PRO D 395 -11.84 -37.12 -18.12
N VAL D 396 -12.13 -35.85 -18.42
CA VAL D 396 -12.84 -35.46 -19.63
C VAL D 396 -11.84 -35.23 -20.76
N ALA D 397 -12.05 -35.90 -21.90
CA ALA D 397 -11.24 -35.67 -23.11
C ALA D 397 -11.64 -34.34 -23.74
N LEU D 398 -10.67 -33.55 -24.17
CA LEU D 398 -10.97 -32.28 -24.81
C LEU D 398 -10.89 -32.33 -26.35
N ASN D 399 -11.87 -31.68 -26.97
CA ASN D 399 -11.84 -31.40 -28.38
C ASN D 399 -10.53 -30.66 -28.67
N GLY D 400 -9.68 -31.27 -29.50
CA GLY D 400 -8.40 -30.70 -29.90
C GLY D 400 -7.21 -31.36 -29.23
N GLY D 401 -7.47 -32.43 -28.47
CA GLY D 401 -6.43 -33.07 -27.65
C GLY D 401 -6.40 -32.61 -26.20
N GLY D 402 -5.88 -33.48 -25.34
CA GLY D 402 -5.68 -33.14 -23.96
C GLY D 402 -6.88 -33.58 -23.14
N SER D 403 -6.80 -33.37 -21.84
CA SER D 403 -7.83 -33.82 -20.95
C SER D 403 -7.83 -33.00 -19.66
N ARG D 404 -8.93 -33.08 -18.92
CA ARG D 404 -9.10 -32.36 -17.68
C ARG D 404 -9.78 -33.23 -16.61
N THR D 405 -9.36 -33.02 -15.35
CA THR D 405 -10.18 -33.36 -14.18
C THR D 405 -10.79 -32.04 -13.69
N PHE D 406 -10.01 -31.20 -12.99
CA PHE D 406 -10.50 -29.87 -12.60
C PHE D 406 -9.90 -28.77 -13.49
N ILE D 407 -10.35 -27.53 -13.31
CA ILE D 407 -9.98 -26.44 -14.20
C ILE D 407 -8.53 -26.02 -14.01
N GLU D 408 -7.90 -25.71 -15.13
CA GLU D 408 -6.50 -25.33 -15.19
C GLU D 408 -6.33 -23.88 -15.61
N ASP D 409 -5.24 -23.28 -15.13
CA ASP D 409 -4.96 -21.88 -15.39
C ASP D 409 -5.04 -21.58 -16.88
N GLY D 410 -5.68 -20.46 -17.22
CA GLY D 410 -5.89 -20.12 -18.62
C GLY D 410 -7.18 -20.67 -19.22
N ASP D 411 -7.75 -21.75 -18.67
CA ASP D 411 -9.01 -22.31 -19.21
C ASP D 411 -10.11 -21.26 -19.15
N GLU D 412 -10.96 -21.24 -20.17
CA GLU D 412 -12.16 -20.41 -20.19
C GLU D 412 -13.36 -21.35 -20.08
N LEU D 413 -14.21 -21.09 -19.08
CA LEU D 413 -15.47 -21.83 -18.87
C LEU D 413 -16.65 -20.96 -19.27
N THR D 414 -17.54 -21.50 -20.10
CA THR D 414 -18.71 -20.77 -20.57
C THR D 414 -20.03 -21.53 -20.29
N LEU D 415 -21.01 -20.82 -19.75
CA LEU D 415 -22.35 -21.34 -19.60
C LEU D 415 -23.18 -20.68 -20.70
N ALA D 416 -24.02 -21.47 -21.37
CA ALA D 416 -25.00 -20.95 -22.28
C ALA D 416 -26.37 -21.58 -21.97
N GLY D 417 -27.44 -20.89 -22.35
CA GLY D 417 -28.80 -21.39 -22.09
C GLY D 417 -29.82 -20.79 -23.00
N TRP D 418 -30.85 -21.55 -23.30
CA TRP D 418 -31.86 -21.08 -24.25
C TRP D 418 -33.07 -21.96 -24.23
N CYS D 419 -34.20 -21.36 -24.58
CA CYS D 419 -35.48 -22.07 -24.69
C CYS D 419 -35.80 -22.23 -26.13
N GLN D 420 -36.02 -23.47 -26.55
CA GLN D 420 -36.26 -23.80 -27.95
C GLN D 420 -37.73 -23.68 -28.32
N GLY D 421 -38.09 -22.65 -29.07
CA GLY D 421 -39.43 -22.58 -29.69
C GLY D 421 -39.40 -23.11 -31.13
N ASP D 422 -40.57 -23.11 -31.80
CA ASP D 422 -40.68 -23.57 -33.18
C ASP D 422 -40.19 -22.46 -34.14
N GLY D 423 -38.94 -22.61 -34.60
CA GLY D 423 -38.30 -21.66 -35.50
C GLY D 423 -37.73 -20.40 -34.87
N TYR D 424 -37.59 -20.41 -33.55
CA TYR D 424 -36.92 -19.34 -32.83
C TYR D 424 -36.48 -19.86 -31.47
N ARG D 425 -35.68 -19.05 -30.78
CA ARG D 425 -35.33 -19.34 -29.39
C ARG D 425 -35.24 -18.10 -28.55
N VAL D 426 -35.59 -18.27 -27.28
CA VAL D 426 -35.37 -17.24 -26.28
C VAL D 426 -34.10 -17.64 -25.54
N GLY D 427 -33.03 -16.88 -25.72
CA GLY D 427 -31.74 -17.28 -25.20
C GLY D 427 -31.20 -16.35 -24.12
N PHE D 428 -30.28 -16.89 -23.32
CA PHE D 428 -29.68 -16.18 -22.19
C PHE D 428 -28.35 -15.50 -22.49
N GLY D 429 -27.83 -15.65 -23.71
CA GLY D 429 -26.47 -15.18 -24.00
C GLY D 429 -25.47 -16.11 -23.31
N THR D 430 -24.33 -15.56 -22.86
CA THR D 430 -23.33 -16.39 -22.22
C THR D 430 -22.91 -15.86 -20.86
N CYS D 431 -22.36 -16.80 -20.08
CA CYS D 431 -21.84 -16.55 -18.76
C CYS D 431 -20.41 -17.13 -18.67
N ALA D 432 -19.42 -16.31 -18.97
CA ALA D 432 -18.05 -16.78 -19.22
C ALA D 432 -17.06 -16.30 -18.17
N GLY D 433 -15.93 -16.98 -18.11
CA GLY D 433 -14.76 -16.47 -17.36
C GLY D 433 -13.50 -17.27 -17.58
N ARG D 434 -12.37 -16.59 -17.61
CA ARG D 434 -11.05 -17.22 -17.76
C ARG D 434 -10.33 -17.21 -16.41
N ILE D 435 -9.67 -18.32 -16.09
CA ILE D 435 -8.95 -18.46 -14.84
C ILE D 435 -7.54 -17.87 -14.88
N LEU D 436 -7.27 -16.95 -13.96
CA LEU D 436 -5.92 -16.42 -13.77
C LEU D 436 -5.20 -17.23 -12.72
N PRO D 437 -3.86 -17.34 -12.82
CA PRO D 437 -3.03 -18.03 -11.80
C PRO D 437 -3.21 -17.47 -10.40
N ALA D 438 -3.07 -18.34 -9.41
CA ALA D 438 -3.14 -17.93 -8.01
C ALA D 438 -1.97 -17.03 -7.68
N ARG D 439 -2.23 -16.05 -6.81
CA ARG D 439 -1.18 -15.19 -6.29
C ARG D 439 -0.19 -16.08 -5.55
N SER D 440 1.10 -15.78 -5.67
CA SER D 440 2.13 -16.54 -4.93
C SER D 440 2.41 -16.04 -3.50
N ALA D 441 1.48 -16.30 -2.58
CA ALA D 441 1.57 -16.00 -1.12
C ALA D 441 1.50 -14.50 -0.72
NA NA E . 19.81 8.11 9.96
C1 EDO F . 6.92 6.62 6.34
O1 EDO F . 7.69 5.42 6.54
C2 EDO F . 6.91 7.54 7.57
O2 EDO F . 6.20 6.98 8.69
S SO4 G . 25.33 0.12 13.00
O1 SO4 G . 24.29 1.11 12.66
O2 SO4 G . 25.88 -0.48 11.75
O3 SO4 G . 26.35 0.87 13.76
O4 SO4 G . 24.85 -1.01 13.86
NA NA H . 31.89 3.13 -9.68
C1 EDO I . 44.78 7.19 -8.05
O1 EDO I . 45.37 6.09 -8.76
C2 EDO I . 43.76 6.66 -7.07
O2 EDO I . 44.23 5.46 -6.42
S SO4 J . 28.30 -6.20 -7.27
O1 SO4 J . 27.51 -5.77 -6.09
O2 SO4 J . 27.46 -6.07 -8.48
O3 SO4 J . 29.51 -5.38 -7.46
O4 SO4 J . 28.70 -7.61 -7.04
NA NA K . -30.23 -13.91 13.38
C1 EDO L . -43.36 -14.74 11.51
O1 EDO L . -44.10 -15.66 12.35
C2 EDO L . -43.15 -15.36 10.12
O2 EDO L . -42.73 -16.73 10.24
S SO4 M . -24.59 -21.64 16.78
O1 SO4 M . -25.82 -20.88 16.49
O2 SO4 M . -24.32 -22.53 15.63
O3 SO4 M . -23.53 -20.62 16.99
O4 SO4 M . -24.67 -22.46 18.02
S SO4 N . -36.19 9.33 8.57
O1 SO4 N . -36.83 10.52 9.20
O2 SO4 N . -35.10 9.77 7.67
O3 SO4 N . -35.69 8.39 9.60
O4 SO4 N . -37.21 8.61 7.78
NA NA O . -18.62 -18.97 -6.29
C1 EDO P . -6.04 -15.13 -5.10
O1 EDO P . -4.87 -15.90 -5.54
C2 EDO P . -6.17 -14.99 -3.57
O2 EDO P . -6.34 -16.25 -2.92
S SO4 Q . -21.91 -28.14 -3.52
O1 SO4 Q . -22.35 -27.46 -2.27
O2 SO4 Q . -22.93 -27.95 -4.59
O3 SO4 Q . -20.65 -27.51 -3.91
O4 SO4 Q . -21.68 -29.60 -3.32
#